data_2MXW
#
_entry.id   2MXW
#
_entity_poly.entity_id   1
_entity_poly.type   'polypeptide(L)'
_entity_poly.pdbx_seq_one_letter_code
;GHMQESYSQYPVPDVSTYQYDETSGYYYDPQTGLYYDPNSQYYYNAQSQQYLYWDGERRTYVPALEQSADGHKETGAPSK
EGKEKKEKHKTK
;
_entity_poly.pdbx_strand_id   A
#
# COMPACT_ATOMS: atom_id res chain seq x y z
N GLY A 1 -13.20 -12.17 27.37
CA GLY A 1 -13.48 -10.75 27.12
C GLY A 1 -14.91 -10.61 26.65
N HIS A 2 -15.53 -9.47 26.97
CA HIS A 2 -16.92 -9.16 26.69
C HIS A 2 -17.12 -7.67 26.36
N MET A 3 -16.05 -6.88 26.26
CA MET A 3 -16.07 -5.48 25.84
C MET A 3 -15.27 -5.34 24.55
N GLN A 4 -15.26 -4.14 23.99
CA GLN A 4 -14.72 -3.77 22.68
C GLN A 4 -15.16 -4.76 21.59
N GLU A 5 -16.38 -4.57 21.08
CA GLU A 5 -16.89 -5.37 19.97
C GLU A 5 -16.18 -5.06 18.64
N SER A 6 -15.48 -3.93 18.51
CA SER A 6 -14.63 -3.60 17.36
C SER A 6 -15.40 -3.58 16.02
N TYR A 7 -15.87 -2.39 15.64
CA TYR A 7 -16.71 -2.14 14.47
C TYR A 7 -15.99 -1.19 13.50
N SER A 8 -16.67 -0.66 12.47
CA SER A 8 -16.13 0.30 11.50
C SER A 8 -14.93 -0.24 10.73
N GLN A 9 -15.19 -1.13 9.76
CA GLN A 9 -14.20 -1.78 8.93
C GLN A 9 -14.72 -1.93 7.49
N TYR A 10 -14.01 -2.67 6.65
CA TYR A 10 -14.26 -2.90 5.23
C TYR A 10 -14.66 -4.37 5.02
N PRO A 11 -15.19 -4.73 3.84
CA PRO A 11 -15.41 -6.12 3.44
C PRO A 11 -14.08 -6.88 3.28
N VAL A 12 -14.15 -8.14 2.84
CA VAL A 12 -13.00 -9.00 2.59
C VAL A 12 -12.97 -9.26 1.08
N PRO A 13 -12.33 -8.38 0.27
CA PRO A 13 -12.29 -8.50 -1.18
C PRO A 13 -11.48 -9.71 -1.64
N ASP A 14 -11.48 -9.93 -2.95
CA ASP A 14 -10.59 -10.82 -3.70
C ASP A 14 -10.31 -10.09 -5.00
N VAL A 15 -9.04 -9.88 -5.36
CA VAL A 15 -8.63 -9.28 -6.63
C VAL A 15 -9.21 -10.04 -7.82
N SER A 16 -9.56 -11.32 -7.66
CA SER A 16 -10.21 -12.13 -8.68
C SER A 16 -11.64 -11.64 -8.99
N THR A 17 -12.11 -10.56 -8.36
CA THR A 17 -13.40 -9.93 -8.63
C THR A 17 -13.19 -8.52 -9.20
N TYR A 18 -11.95 -8.08 -9.44
CA TYR A 18 -11.65 -6.75 -9.97
C TYR A 18 -11.74 -6.78 -11.50
N GLN A 19 -11.56 -5.61 -12.11
CA GLN A 19 -11.65 -5.43 -13.55
C GLN A 19 -10.32 -4.88 -14.08
N TYR A 20 -9.61 -5.65 -14.89
CA TYR A 20 -8.38 -5.21 -15.54
C TYR A 20 -8.70 -4.22 -16.66
N ASP A 21 -7.94 -3.13 -16.74
CA ASP A 21 -8.16 -2.00 -17.64
C ASP A 21 -6.95 -1.86 -18.56
N GLU A 22 -6.85 -2.75 -19.55
CA GLU A 22 -5.66 -2.98 -20.38
C GLU A 22 -5.14 -1.74 -21.11
N THR A 23 -6.00 -0.74 -21.24
CA THR A 23 -5.66 0.59 -21.71
C THR A 23 -4.51 1.18 -20.85
N SER A 24 -4.38 0.83 -19.56
CA SER A 24 -3.33 1.38 -18.68
C SER A 24 -2.57 0.34 -17.85
N GLY A 25 -3.06 -0.90 -17.66
CA GLY A 25 -2.28 -1.95 -17.02
C GLY A 25 -2.63 -2.18 -15.53
N TYR A 26 -3.62 -1.45 -15.00
CA TYR A 26 -4.09 -1.57 -13.62
C TYR A 26 -5.31 -2.50 -13.56
N TYR A 27 -5.70 -2.87 -12.34
CA TYR A 27 -7.03 -3.38 -12.05
C TYR A 27 -7.81 -2.22 -11.41
N TYR A 28 -9.13 -2.22 -11.57
CA TYR A 28 -10.05 -1.28 -10.98
C TYR A 28 -10.95 -2.05 -10.02
N ASP A 29 -11.24 -1.45 -8.87
CA ASP A 29 -11.68 -2.14 -7.69
C ASP A 29 -13.04 -1.56 -7.31
N PRO A 30 -14.15 -1.90 -7.99
CA PRO A 30 -15.42 -1.20 -7.85
C PRO A 30 -16.00 -1.25 -6.42
N GLN A 31 -15.57 -2.20 -5.59
CA GLN A 31 -16.02 -2.36 -4.21
C GLN A 31 -15.53 -1.19 -3.33
N THR A 32 -14.47 -0.51 -3.75
CA THR A 32 -13.79 0.60 -3.10
C THR A 32 -13.95 1.82 -4.01
N GLY A 33 -13.47 1.72 -5.25
CA GLY A 33 -13.31 2.79 -6.23
C GLY A 33 -11.83 3.03 -6.54
N LEU A 34 -10.97 2.37 -5.77
CA LEU A 34 -9.54 2.25 -5.90
C LEU A 34 -9.17 1.61 -7.24
N TYR A 35 -7.88 1.68 -7.54
CA TYR A 35 -7.21 0.81 -8.49
C TYR A 35 -6.16 -0.01 -7.74
N TYR A 36 -6.03 -1.28 -8.09
CA TYR A 36 -4.98 -2.17 -7.62
C TYR A 36 -3.98 -2.37 -8.77
N ASP A 37 -2.73 -2.67 -8.46
CA ASP A 37 -1.71 -3.07 -9.44
C ASP A 37 -1.27 -4.47 -9.03
N PRO A 38 -0.99 -5.37 -9.99
CA PRO A 38 -0.68 -6.75 -9.66
C PRO A 38 0.71 -6.92 -9.04
N ASN A 39 1.65 -6.05 -9.40
CA ASN A 39 3.03 -6.06 -8.96
C ASN A 39 3.22 -5.16 -7.76
N SER A 40 2.36 -4.15 -7.60
CA SER A 40 2.43 -3.19 -6.51
C SER A 40 1.13 -3.24 -5.74
N GLN A 41 1.11 -4.00 -4.65
CA GLN A 41 -0.04 -4.17 -3.76
C GLN A 41 -0.48 -2.88 -3.03
N TYR A 42 0.18 -1.74 -3.29
CA TYR A 42 -0.23 -0.40 -2.86
C TYR A 42 -1.36 0.08 -3.77
N TYR A 43 -2.57 0.16 -3.24
CA TYR A 43 -3.77 0.59 -3.93
C TYR A 43 -3.65 2.08 -4.26
N TYR A 44 -4.41 2.54 -5.26
CA TYR A 44 -4.46 3.92 -5.71
C TYR A 44 -5.88 4.41 -5.53
N ASN A 45 -6.08 5.25 -4.51
CA ASN A 45 -7.29 6.00 -4.34
C ASN A 45 -7.25 7.21 -5.26
N ALA A 46 -7.80 7.05 -6.46
CA ALA A 46 -7.85 8.08 -7.49
C ALA A 46 -8.56 9.34 -7.00
N GLN A 47 -9.57 9.19 -6.16
CA GLN A 47 -10.42 10.24 -5.62
C GLN A 47 -9.59 11.42 -5.13
N SER A 48 -8.64 11.14 -4.24
CA SER A 48 -7.87 12.15 -3.54
C SER A 48 -6.41 12.14 -4.02
N GLN A 49 -6.05 11.23 -4.91
CA GLN A 49 -4.70 10.81 -5.25
C GLN A 49 -3.94 10.48 -3.96
N GLN A 50 -4.46 9.49 -3.24
CA GLN A 50 -3.75 8.85 -2.14
C GLN A 50 -3.31 7.46 -2.61
N TYR A 51 -2.19 6.98 -2.07
CA TYR A 51 -1.76 5.60 -2.21
C TYR A 51 -2.03 4.96 -0.88
N LEU A 52 -2.68 3.80 -0.91
CA LEU A 52 -3.20 3.10 0.26
C LEU A 52 -2.67 1.67 0.22
N TYR A 53 -2.99 0.86 1.22
CA TYR A 53 -2.91 -0.57 1.11
C TYR A 53 -4.07 -1.20 1.86
N TRP A 54 -4.42 -2.42 1.47
CA TRP A 54 -5.37 -3.25 2.18
C TRP A 54 -4.61 -3.92 3.31
N ASP A 55 -5.00 -3.69 4.56
CA ASP A 55 -4.45 -4.41 5.68
C ASP A 55 -5.53 -5.33 6.22
N GLY A 56 -5.54 -6.58 5.74
CA GLY A 56 -6.50 -7.59 6.15
C GLY A 56 -6.41 -7.94 7.63
N GLU A 57 -5.38 -7.56 8.39
CA GLU A 57 -5.38 -7.81 9.83
C GLU A 57 -6.31 -6.81 10.51
N ARG A 58 -6.40 -5.60 9.97
CA ARG A 58 -7.20 -4.49 10.49
C ARG A 58 -8.47 -4.28 9.67
N ARG A 59 -8.63 -5.02 8.57
CA ARG A 59 -9.75 -5.04 7.63
C ARG A 59 -10.18 -3.63 7.29
N THR A 60 -9.25 -2.74 7.04
CA THR A 60 -9.56 -1.37 6.66
C THR A 60 -8.47 -0.94 5.67
N TYR A 61 -8.65 0.23 5.06
CA TYR A 61 -7.60 0.82 4.26
C TYR A 61 -6.82 1.79 5.13
N VAL A 62 -5.50 1.77 4.93
CA VAL A 62 -4.54 2.68 5.52
C VAL A 62 -3.74 3.31 4.37
N PRO A 63 -3.17 4.50 4.53
CA PRO A 63 -2.29 5.08 3.55
C PRO A 63 -0.99 4.27 3.49
N ALA A 64 -0.40 4.15 2.29
CA ALA A 64 0.90 3.52 2.08
C ALA A 64 1.98 4.57 1.79
N LEU A 65 1.86 5.79 2.33
CA LEU A 65 2.86 6.83 2.11
C LEU A 65 4.04 6.58 3.05
N GLU A 66 5.12 5.98 2.54
CA GLU A 66 6.38 5.72 3.23
C GLU A 66 6.22 4.68 4.35
N GLN A 67 7.31 4.03 4.64
CA GLN A 67 7.49 2.93 5.59
C GLN A 67 8.97 2.74 5.93
N SER A 68 9.25 1.99 7.01
CA SER A 68 10.59 1.57 7.45
C SER A 68 11.57 2.75 7.39
N ALA A 69 11.48 3.63 8.39
CA ALA A 69 12.11 4.93 8.46
C ALA A 69 13.64 4.83 8.47
N ASP A 70 14.22 4.66 7.28
CA ASP A 70 15.65 4.76 6.97
C ASP A 70 15.85 5.64 5.72
N GLY A 71 14.74 6.03 5.06
CA GLY A 71 14.71 6.99 3.98
C GLY A 71 13.99 8.22 4.45
N HIS A 72 12.66 8.23 4.34
CA HIS A 72 11.82 9.42 4.48
C HIS A 72 12.33 10.59 3.62
N LYS A 73 12.90 10.31 2.45
CA LYS A 73 13.59 11.27 1.58
C LYS A 73 13.09 11.24 0.14
N GLU A 74 12.04 10.46 -0.10
CA GLU A 74 11.23 10.33 -1.30
C GLU A 74 9.83 9.96 -0.84
N THR A 75 8.95 9.61 -1.78
CA THR A 75 7.66 8.98 -1.55
C THR A 75 7.75 7.65 -0.81
N GLY A 76 8.75 6.86 -1.18
CA GLY A 76 9.01 5.53 -0.67
C GLY A 76 10.36 5.54 0.02
N ALA A 77 10.76 4.38 0.56
CA ALA A 77 11.93 4.28 1.41
C ALA A 77 12.93 3.27 0.80
N PRO A 78 13.71 3.67 -0.21
CA PRO A 78 14.59 2.79 -1.00
C PRO A 78 15.77 2.19 -0.22
N SER A 79 15.96 2.58 1.03
CA SER A 79 17.15 2.39 1.85
C SER A 79 17.32 0.98 2.43
N LYS A 80 16.59 -0.03 1.96
CA LYS A 80 16.77 -1.40 2.46
C LYS A 80 17.66 -2.23 1.54
N GLU A 81 18.00 -1.71 0.35
CA GLU A 81 18.60 -2.52 -0.72
C GLU A 81 20.00 -3.00 -0.40
N GLY A 82 20.70 -2.33 0.52
CA GLY A 82 22.08 -2.61 0.89
C GLY A 82 23.08 -1.59 0.34
N LYS A 83 22.72 -0.81 -0.68
CA LYS A 83 23.52 0.35 -1.06
C LYS A 83 22.99 1.56 -0.33
N GLU A 84 21.68 1.83 -0.38
CA GLU A 84 20.93 2.58 0.62
C GLU A 84 21.42 4.00 0.97
N LYS A 85 22.52 4.17 1.71
CA LYS A 85 23.15 5.46 2.02
C LYS A 85 24.60 5.52 1.49
N LYS A 86 24.95 4.59 0.60
CA LYS A 86 26.26 4.14 0.15
C LYS A 86 27.09 3.59 1.32
N GLU A 87 28.28 3.09 0.98
CA GLU A 87 29.25 2.47 1.90
C GLU A 87 29.50 3.34 3.14
N LYS A 88 29.49 4.68 2.99
CA LYS A 88 29.73 5.60 4.09
C LYS A 88 31.07 5.23 4.75
N HIS A 89 31.24 5.52 6.04
CA HIS A 89 32.03 4.72 6.99
C HIS A 89 33.52 4.42 6.70
N LYS A 90 34.16 5.03 5.69
CA LYS A 90 35.47 4.61 5.17
C LYS A 90 35.30 3.27 4.45
N THR A 91 36.38 2.56 4.17
CA THR A 91 36.38 1.30 3.43
C THR A 91 36.84 0.18 4.37
N LYS A 92 36.66 0.38 5.69
CA LYS A 92 37.67 0.14 6.72
C LYS A 92 38.75 1.21 6.58
N GLY A 1 -29.04 -10.60 12.38
CA GLY A 1 -28.58 -11.94 12.74
C GLY A 1 -27.94 -11.90 14.13
N HIS A 2 -26.78 -12.54 14.33
CA HIS A 2 -26.04 -12.50 15.60
C HIS A 2 -24.86 -11.50 15.54
N MET A 3 -24.87 -10.64 14.52
CA MET A 3 -23.90 -9.59 14.23
C MET A 3 -24.71 -8.42 13.67
N GLN A 4 -24.77 -7.31 14.37
CA GLN A 4 -25.27 -6.02 13.90
C GLN A 4 -24.69 -4.93 14.78
N GLU A 5 -23.37 -4.75 14.71
CA GLU A 5 -22.68 -3.75 15.51
C GLU A 5 -21.78 -2.86 14.65
N SER A 6 -21.65 -3.16 13.35
CA SER A 6 -20.81 -2.38 12.44
C SER A 6 -19.37 -2.20 12.96
N TYR A 7 -18.82 -3.17 13.71
CA TYR A 7 -17.46 -3.10 14.22
C TYR A 7 -16.40 -3.03 13.10
N SER A 8 -16.80 -3.33 11.85
CA SER A 8 -15.99 -3.28 10.66
C SER A 8 -16.41 -2.08 9.81
N GLN A 9 -15.48 -1.17 9.49
CA GLN A 9 -15.65 -0.17 8.46
C GLN A 9 -15.67 -0.85 7.09
N TYR A 10 -14.56 -1.51 6.72
CA TYR A 10 -14.33 -2.01 5.36
C TYR A 10 -14.42 -3.54 5.29
N PRO A 11 -14.52 -4.14 4.09
CA PRO A 11 -14.45 -5.59 3.91
C PRO A 11 -13.00 -6.06 4.06
N VAL A 12 -12.77 -7.35 3.89
CA VAL A 12 -11.44 -7.95 3.93
C VAL A 12 -11.08 -8.27 2.47
N PRO A 13 -10.51 -7.30 1.71
CA PRO A 13 -10.19 -7.47 0.31
C PRO A 13 -9.06 -8.48 0.16
N ASP A 14 -8.75 -8.92 -1.05
CA ASP A 14 -7.63 -9.81 -1.26
C ASP A 14 -6.99 -9.46 -2.58
N VAL A 15 -5.67 -9.44 -2.61
CA VAL A 15 -4.89 -9.15 -3.81
C VAL A 15 -5.07 -10.31 -4.77
N SER A 16 -5.50 -11.47 -4.27
CA SER A 16 -5.69 -12.63 -5.09
C SER A 16 -6.75 -12.44 -6.20
N THR A 17 -7.58 -11.39 -6.09
CA THR A 17 -8.62 -11.00 -7.05
C THR A 17 -8.46 -9.55 -7.55
N TYR A 18 -7.35 -8.86 -7.27
CA TYR A 18 -7.04 -7.60 -7.96
C TYR A 18 -6.69 -7.91 -9.41
N GLN A 19 -6.57 -6.87 -10.22
CA GLN A 19 -6.21 -6.95 -11.62
C GLN A 19 -4.90 -6.21 -11.86
N TYR A 20 -3.83 -6.97 -12.08
CA TYR A 20 -2.54 -6.48 -12.52
C TYR A 20 -2.65 -5.70 -13.82
N ASP A 21 -1.88 -4.62 -13.92
CA ASP A 21 -1.85 -3.76 -15.09
C ASP A 21 -0.40 -3.62 -15.57
N GLU A 22 -0.03 -4.45 -16.55
CA GLU A 22 1.31 -4.52 -17.12
C GLU A 22 1.80 -3.19 -17.70
N THR A 23 0.86 -2.30 -18.06
CA THR A 23 1.08 -0.92 -18.50
C THR A 23 2.03 -0.21 -17.52
N SER A 24 1.93 -0.53 -16.23
CA SER A 24 2.72 0.09 -15.19
C SER A 24 3.53 -1.01 -14.47
N GLY A 25 2.86 -2.05 -13.95
CA GLY A 25 3.49 -3.11 -13.16
C GLY A 25 3.00 -3.20 -11.72
N TYR A 26 1.75 -2.81 -11.47
CA TYR A 26 1.11 -2.75 -10.16
C TYR A 26 -0.24 -3.45 -10.28
N TYR A 27 -0.84 -3.77 -9.15
CA TYR A 27 -2.17 -4.32 -9.05
C TYR A 27 -3.16 -3.15 -8.93
N TYR A 28 -4.31 -3.22 -9.59
CA TYR A 28 -5.41 -2.29 -9.39
C TYR A 28 -6.46 -3.00 -8.53
N ASP A 29 -6.97 -2.28 -7.53
CA ASP A 29 -7.74 -2.82 -6.43
C ASP A 29 -9.19 -2.31 -6.53
N PRO A 30 -10.03 -2.87 -7.43
CA PRO A 30 -11.34 -2.33 -7.73
C PRO A 30 -12.34 -2.42 -6.57
N GLN A 31 -11.98 -3.08 -5.47
CA GLN A 31 -12.81 -3.12 -4.28
C GLN A 31 -12.98 -1.71 -3.69
N THR A 32 -12.01 -0.81 -3.93
CA THR A 32 -12.02 0.56 -3.47
C THR A 32 -11.51 1.57 -4.50
N GLY A 33 -10.74 1.14 -5.49
CA GLY A 33 -10.17 2.00 -6.52
C GLY A 33 -8.73 2.41 -6.22
N LEU A 34 -8.06 1.73 -5.29
CA LEU A 34 -6.64 1.96 -4.97
C LEU A 34 -5.77 1.12 -5.91
N TYR A 35 -4.44 1.18 -5.75
CA TYR A 35 -3.50 0.24 -6.36
C TYR A 35 -2.60 -0.35 -5.28
N TYR A 36 -2.19 -1.61 -5.44
CA TYR A 36 -1.29 -2.34 -4.54
C TYR A 36 -0.01 -2.73 -5.31
N ASP A 37 1.08 -2.92 -4.57
CA ASP A 37 2.37 -3.45 -5.05
C ASP A 37 2.77 -4.65 -4.19
N PRO A 38 3.39 -5.67 -4.80
CA PRO A 38 3.75 -6.91 -4.12
C PRO A 38 5.02 -6.81 -3.28
N ASN A 39 5.97 -5.98 -3.69
CA ASN A 39 7.21 -5.70 -2.96
C ASN A 39 6.94 -4.67 -1.86
N SER A 40 5.89 -3.86 -1.97
CA SER A 40 5.63 -2.71 -1.13
C SER A 40 4.14 -2.69 -0.79
N GLN A 41 3.77 -3.18 0.38
CA GLN A 41 2.40 -3.27 0.92
C GLN A 41 1.77 -1.90 1.22
N TYR A 42 2.22 -0.83 0.58
CA TYR A 42 1.70 0.52 0.72
C TYR A 42 0.75 0.78 -0.46
N TYR A 43 -0.55 0.70 -0.20
CA TYR A 43 -1.69 0.90 -1.10
C TYR A 43 -1.76 2.35 -1.57
N TYR A 44 -1.50 2.58 -2.86
CA TYR A 44 -1.43 3.89 -3.48
C TYR A 44 -2.84 4.45 -3.69
N ASN A 45 -3.04 5.67 -3.20
CA ASN A 45 -4.23 6.48 -3.33
C ASN A 45 -4.05 7.48 -4.45
N ALA A 46 -4.25 7.03 -5.69
CA ALA A 46 -4.19 7.84 -6.91
C ALA A 46 -4.95 9.16 -6.76
N GLN A 47 -6.08 9.11 -6.04
CA GLN A 47 -7.00 10.19 -5.77
C GLN A 47 -6.33 11.47 -5.26
N SER A 48 -5.22 11.36 -4.52
CA SER A 48 -4.41 12.50 -4.10
C SER A 48 -2.92 12.23 -4.33
N GLN A 49 -2.57 11.23 -5.16
CA GLN A 49 -1.25 10.61 -5.23
C GLN A 49 -0.66 10.30 -3.84
N GLN A 50 -1.52 10.00 -2.85
CA GLN A 50 -1.10 9.77 -1.48
C GLN A 50 -0.84 8.29 -1.25
N TYR A 51 -0.24 7.98 -0.13
CA TYR A 51 0.18 6.62 0.20
C TYR A 51 -0.59 6.16 1.43
N LEU A 52 -1.23 4.99 1.33
CA LEU A 52 -2.02 4.32 2.36
C LEU A 52 -1.47 2.92 2.60
N TYR A 53 -2.06 2.19 3.54
CA TYR A 53 -1.90 0.77 3.82
C TYR A 53 -3.26 0.25 4.28
N TRP A 54 -3.54 -1.02 4.06
CA TRP A 54 -4.62 -1.74 4.72
C TRP A 54 -4.16 -2.06 6.14
N ASP A 55 -5.06 -1.98 7.12
CA ASP A 55 -4.82 -2.46 8.47
C ASP A 55 -6.00 -3.32 8.91
N GLY A 56 -5.80 -4.64 8.91
CA GLY A 56 -6.82 -5.62 9.28
C GLY A 56 -7.07 -5.72 10.79
N GLU A 57 -6.26 -5.03 11.61
CA GLU A 57 -6.53 -4.88 13.03
C GLU A 57 -7.65 -3.87 13.25
N ARG A 58 -7.74 -2.87 12.36
CA ARG A 58 -8.69 -1.77 12.42
C ARG A 58 -9.77 -1.86 11.33
N ARG A 59 -9.62 -2.80 10.39
CA ARG A 59 -10.42 -3.02 9.18
C ARG A 59 -10.68 -1.70 8.46
N THR A 60 -9.62 -0.98 8.13
CA THR A 60 -9.69 0.23 7.33
C THR A 60 -8.40 0.41 6.53
N TYR A 61 -8.42 1.35 5.59
CA TYR A 61 -7.22 1.89 4.97
C TYR A 61 -6.81 3.12 5.78
N VAL A 62 -5.52 3.23 6.08
CA VAL A 62 -4.88 4.31 6.80
C VAL A 62 -3.70 4.88 6.02
N PRO A 63 -3.24 6.13 6.25
CA PRO A 63 -2.13 6.75 5.49
C PRO A 63 -0.77 6.21 5.91
N ALA A 64 0.01 5.67 4.96
CA ALA A 64 1.24 4.91 5.23
C ALA A 64 2.53 5.73 5.30
N LEU A 65 2.37 7.04 5.40
CA LEU A 65 3.40 8.06 5.24
C LEU A 65 4.68 7.69 5.99
N GLU A 66 4.71 7.82 7.31
CA GLU A 66 5.89 7.47 8.10
C GLU A 66 5.86 5.97 8.45
N GLN A 67 4.74 5.49 9.01
CA GLN A 67 4.50 4.15 9.54
C GLN A 67 5.58 3.69 10.54
N SER A 68 6.38 4.61 11.08
CA SER A 68 7.30 4.37 12.18
C SER A 68 7.64 5.70 12.84
N ALA A 69 7.79 5.64 14.15
CA ALA A 69 8.23 6.71 15.04
C ALA A 69 9.39 6.23 15.94
N ASP A 70 9.94 5.04 15.67
CA ASP A 70 11.02 4.44 16.45
C ASP A 70 12.16 4.12 15.48
N GLY A 71 13.10 5.05 15.37
CA GLY A 71 14.28 4.95 14.54
C GLY A 71 14.29 6.07 13.51
N HIS A 72 15.45 6.35 12.91
CA HIS A 72 15.61 7.34 11.87
C HIS A 72 15.06 6.79 10.54
N LYS A 73 13.76 6.94 10.28
CA LYS A 73 13.19 6.72 8.93
C LYS A 73 12.32 7.90 8.53
N GLU A 74 11.88 7.94 7.27
CA GLU A 74 10.90 8.91 6.78
C GLU A 74 10.00 8.25 5.74
N THR A 75 10.60 7.70 4.69
CA THR A 75 9.94 6.79 3.75
C THR A 75 10.84 5.64 3.29
N GLY A 76 12.17 5.84 3.33
CA GLY A 76 13.07 4.99 2.57
C GLY A 76 14.51 5.22 2.99
N ALA A 77 15.48 4.85 2.14
CA ALA A 77 16.87 5.25 2.31
C ALA A 77 17.46 5.79 1.01
N PRO A 78 16.98 6.98 0.56
CA PRO A 78 17.51 7.69 -0.60
C PRO A 78 19.00 7.95 -0.40
N SER A 79 19.84 7.21 -1.13
CA SER A 79 21.30 7.29 -0.99
C SER A 79 21.75 7.29 0.48
N LYS A 80 21.13 6.44 1.30
CA LYS A 80 21.47 6.30 2.72
C LYS A 80 21.56 4.84 3.14
N GLU A 81 21.64 3.92 2.17
CA GLU A 81 21.80 2.50 2.43
C GLU A 81 22.48 1.87 1.20
N GLY A 82 23.70 2.30 0.87
CA GLY A 82 24.51 1.67 -0.18
C GLY A 82 24.06 2.01 -1.60
N LYS A 83 22.75 2.26 -1.83
CA LYS A 83 22.25 2.83 -3.08
C LYS A 83 22.99 4.11 -3.44
N GLU A 84 23.54 4.82 -2.46
CA GLU A 84 24.34 6.03 -2.62
C GLU A 84 25.49 5.85 -3.62
N LYS A 85 26.10 4.65 -3.65
CA LYS A 85 27.24 4.34 -4.49
C LYS A 85 26.89 3.28 -5.55
N LYS A 86 25.62 2.86 -5.64
CA LYS A 86 25.16 2.06 -6.78
C LYS A 86 24.49 2.96 -7.79
N GLU A 87 23.63 3.86 -7.33
CA GLU A 87 22.94 4.83 -8.16
C GLU A 87 22.13 4.12 -9.25
N LYS A 88 21.07 3.42 -8.81
CA LYS A 88 20.32 2.50 -9.67
C LYS A 88 18.84 2.67 -9.38
N HIS A 89 18.24 3.75 -9.86
CA HIS A 89 16.79 3.96 -9.85
C HIS A 89 16.20 3.05 -10.93
N LYS A 90 15.50 1.99 -10.56
CA LYS A 90 14.93 1.07 -11.55
C LYS A 90 13.67 0.36 -11.06
N THR A 91 13.44 0.25 -9.75
CA THR A 91 12.14 -0.02 -9.12
C THR A 91 11.38 -1.12 -9.86
N LYS A 92 11.98 -2.32 -9.89
CA LYS A 92 11.51 -3.52 -10.54
C LYS A 92 12.38 -4.63 -9.99
N GLY A 1 -28.26 -2.89 17.31
CA GLY A 1 -28.38 -2.54 18.73
C GLY A 1 -27.39 -3.34 19.55
N HIS A 2 -27.53 -3.29 20.88
CA HIS A 2 -26.55 -3.76 21.86
C HIS A 2 -25.33 -2.84 21.87
N MET A 3 -24.24 -3.26 22.50
CA MET A 3 -22.96 -2.55 22.59
C MET A 3 -22.23 -2.66 21.24
N GLN A 4 -20.92 -2.38 21.21
CA GLN A 4 -20.05 -2.63 20.07
C GLN A 4 -18.71 -3.14 20.55
N GLU A 5 -18.04 -3.91 19.69
CA GLU A 5 -16.77 -4.57 19.95
C GLU A 5 -15.61 -3.57 20.16
N SER A 6 -15.78 -2.30 19.73
CA SER A 6 -14.89 -1.18 20.01
C SER A 6 -13.47 -1.43 19.48
N TYR A 7 -13.35 -1.53 18.16
CA TYR A 7 -12.11 -1.85 17.46
C TYR A 7 -11.56 -0.69 16.62
N SER A 8 -12.41 0.26 16.22
CA SER A 8 -12.06 1.49 15.52
C SER A 8 -11.15 1.25 14.29
N GLN A 9 -11.62 0.44 13.32
CA GLN A 9 -10.93 0.14 12.08
C GLN A 9 -11.84 0.32 10.87
N TYR A 10 -11.25 0.14 9.69
CA TYR A 10 -11.82 0.45 8.39
C TYR A 10 -13.12 -0.34 8.13
N PRO A 11 -13.92 0.10 7.15
CA PRO A 11 -15.03 -0.68 6.60
C PRO A 11 -14.50 -1.88 5.85
N VAL A 12 -15.43 -2.68 5.31
CA VAL A 12 -15.15 -3.84 4.48
C VAL A 12 -15.48 -3.45 3.05
N PRO A 13 -14.55 -2.87 2.26
CA PRO A 13 -14.80 -2.66 0.85
C PRO A 13 -15.12 -4.00 0.15
N ASP A 14 -15.55 -3.94 -1.11
CA ASP A 14 -15.57 -5.10 -1.98
C ASP A 14 -14.95 -4.65 -3.29
N VAL A 15 -13.99 -5.42 -3.75
CA VAL A 15 -13.35 -5.25 -5.06
C VAL A 15 -14.42 -5.38 -6.12
N SER A 16 -15.52 -6.10 -5.84
CA SER A 16 -16.44 -6.36 -6.90
C SER A 16 -16.98 -5.00 -7.43
N THR A 17 -17.20 -4.06 -6.51
CA THR A 17 -17.69 -2.72 -6.75
C THR A 17 -16.54 -1.74 -7.06
N TYR A 18 -15.34 -2.20 -7.43
CA TYR A 18 -14.30 -1.29 -7.92
C TYR A 18 -14.55 -0.95 -9.38
N GLN A 19 -13.95 0.15 -9.83
CA GLN A 19 -14.09 0.68 -11.18
C GLN A 19 -12.85 0.25 -11.99
N TYR A 20 -13.01 -0.67 -12.93
CA TYR A 20 -11.95 -1.11 -13.84
C TYR A 20 -11.47 0.06 -14.71
N ASP A 21 -10.21 0.01 -15.14
CA ASP A 21 -9.65 0.87 -16.18
C ASP A 21 -8.97 0.01 -17.21
N GLU A 22 -9.60 -0.14 -18.38
CA GLU A 22 -8.96 -0.77 -19.53
C GLU A 22 -7.72 0.00 -19.99
N THR A 23 -7.66 1.31 -19.75
CA THR A 23 -6.55 2.18 -20.17
C THR A 23 -5.23 1.86 -19.45
N SER A 24 -5.24 0.93 -18.51
CA SER A 24 -4.03 0.42 -17.87
C SER A 24 -4.17 -1.07 -17.64
N GLY A 25 -5.30 -1.50 -17.08
CA GLY A 25 -5.59 -2.88 -16.74
C GLY A 25 -5.67 -3.09 -15.23
N TYR A 26 -6.32 -2.20 -14.47
CA TYR A 26 -6.41 -2.29 -13.01
C TYR A 26 -7.82 -1.99 -12.53
N TYR A 27 -8.08 -2.23 -11.23
CA TYR A 27 -9.32 -1.89 -10.57
C TYR A 27 -9.03 -0.77 -9.58
N TYR A 28 -9.77 0.33 -9.66
CA TYR A 28 -9.63 1.47 -8.78
C TYR A 28 -10.54 1.25 -7.58
N ASP A 29 -10.08 1.60 -6.38
CA ASP A 29 -10.78 1.52 -5.10
C ASP A 29 -11.37 2.88 -4.76
N PRO A 30 -12.58 3.22 -5.23
CA PRO A 30 -13.25 4.46 -4.88
C PRO A 30 -13.73 4.52 -3.43
N GLN A 31 -13.60 3.42 -2.68
CA GLN A 31 -13.95 3.45 -1.26
C GLN A 31 -12.87 4.21 -0.48
N THR A 32 -11.62 4.21 -0.97
CA THR A 32 -10.48 4.70 -0.21
C THR A 32 -9.45 5.50 -1.03
N GLY A 33 -9.38 5.30 -2.34
CA GLY A 33 -8.48 6.04 -3.23
C GLY A 33 -7.27 5.23 -3.67
N LEU A 34 -7.26 3.93 -3.37
CA LEU A 34 -6.20 2.98 -3.73
C LEU A 34 -6.52 2.37 -5.11
N TYR A 35 -5.68 1.48 -5.61
CA TYR A 35 -6.01 0.55 -6.70
C TYR A 35 -5.73 -0.88 -6.22
N TYR A 36 -6.15 -1.86 -7.03
CA TYR A 36 -6.00 -3.29 -6.84
C TYR A 36 -5.74 -3.93 -8.21
N ASP A 37 -5.18 -5.15 -8.20
CA ASP A 37 -4.96 -5.96 -9.40
C ASP A 37 -5.56 -7.34 -9.16
N PRO A 38 -6.13 -7.99 -10.17
CA PRO A 38 -6.85 -9.24 -9.98
C PRO A 38 -5.92 -10.44 -9.76
N ASN A 39 -4.75 -10.49 -10.40
CA ASN A 39 -3.79 -11.56 -10.17
C ASN A 39 -2.94 -11.25 -8.94
N SER A 40 -2.82 -10.00 -8.52
CA SER A 40 -1.85 -9.53 -7.56
C SER A 40 -2.60 -8.71 -6.52
N GLN A 41 -3.07 -9.41 -5.48
CA GLN A 41 -3.85 -8.83 -4.38
C GLN A 41 -3.15 -7.65 -3.68
N TYR A 42 -1.88 -7.39 -3.97
CA TYR A 42 -1.16 -6.22 -3.54
C TYR A 42 -1.83 -4.98 -4.15
N TYR A 43 -2.52 -4.22 -3.30
CA TYR A 43 -3.06 -2.92 -3.62
C TYR A 43 -1.94 -1.98 -4.02
N TYR A 44 -2.27 -0.94 -4.77
CA TYR A 44 -1.37 0.09 -5.22
C TYR A 44 -1.82 1.42 -4.62
N ASN A 45 -0.91 2.06 -3.92
CA ASN A 45 -1.04 3.37 -3.30
C ASN A 45 -0.39 4.38 -4.24
N ALA A 46 -1.15 4.85 -5.23
CA ALA A 46 -0.72 5.90 -6.16
C ALA A 46 -0.24 7.16 -5.43
N GLN A 47 -0.74 7.39 -4.22
CA GLN A 47 -0.34 8.51 -3.37
C GLN A 47 1.18 8.57 -3.18
N SER A 48 1.84 7.43 -2.99
CA SER A 48 3.28 7.32 -2.79
C SER A 48 3.90 6.28 -3.74
N GLN A 49 3.18 5.89 -4.80
CA GLN A 49 3.50 4.81 -5.73
C GLN A 49 3.85 3.48 -5.07
N GLN A 50 3.47 3.30 -3.80
CA GLN A 50 3.87 2.17 -2.98
C GLN A 50 2.86 1.03 -3.11
N TYR A 51 3.26 -0.19 -2.78
CA TYR A 51 2.36 -1.34 -2.76
C TYR A 51 1.91 -1.59 -1.33
N LEU A 52 0.68 -2.05 -1.16
CA LEU A 52 0.06 -2.34 0.12
C LEU A 52 -0.75 -3.64 -0.02
N TYR A 53 -1.44 -4.08 1.02
CA TYR A 53 -2.44 -5.13 0.98
C TYR A 53 -3.56 -4.76 1.95
N TRP A 54 -4.79 -5.20 1.66
CA TRP A 54 -5.90 -5.13 2.60
C TRP A 54 -5.81 -6.40 3.44
N ASP A 55 -6.05 -6.27 4.75
CA ASP A 55 -5.93 -7.36 5.68
C ASP A 55 -7.12 -7.40 6.62
N GLY A 56 -7.95 -8.44 6.53
CA GLY A 56 -9.08 -8.65 7.39
C GLY A 56 -8.70 -9.12 8.81
N GLU A 57 -7.44 -9.51 9.05
CA GLU A 57 -7.00 -9.89 10.39
C GLU A 57 -7.00 -8.65 11.29
N ARG A 58 -6.68 -7.48 10.72
CA ARG A 58 -6.58 -6.21 11.44
C ARG A 58 -7.53 -5.15 10.89
N ARG A 59 -8.27 -5.43 9.80
CA ARG A 59 -9.13 -4.50 9.06
C ARG A 59 -8.37 -3.21 8.75
N THR A 60 -7.19 -3.31 8.17
CA THR A 60 -6.40 -2.12 7.84
C THR A 60 -5.61 -2.39 6.56
N TYR A 61 -4.94 -1.36 6.05
CA TYR A 61 -4.14 -1.39 4.83
C TYR A 61 -2.66 -1.25 5.20
N VAL A 62 -1.85 -2.26 4.88
CA VAL A 62 -0.47 -2.42 5.33
C VAL A 62 0.50 -2.61 4.16
N PRO A 63 1.80 -2.31 4.30
CA PRO A 63 2.76 -2.38 3.19
C PRO A 63 3.10 -3.82 2.82
N ALA A 64 2.79 -4.24 1.59
CA ALA A 64 3.11 -5.58 1.11
C ALA A 64 4.57 -5.70 0.63
N LEU A 65 5.46 -4.86 1.16
CA LEU A 65 6.88 -4.86 0.83
C LEU A 65 7.60 -5.82 1.77
N GLU A 66 7.26 -5.81 3.06
CA GLU A 66 7.93 -6.60 4.09
C GLU A 66 7.88 -8.07 3.70
N GLN A 67 6.70 -8.48 3.22
CA GLN A 67 6.35 -9.83 2.85
C GLN A 67 6.76 -10.20 1.43
N SER A 68 7.34 -9.26 0.68
CA SER A 68 7.65 -9.40 -0.74
C SER A 68 9.04 -9.97 -0.97
N ALA A 69 9.73 -10.48 0.05
CA ALA A 69 11.09 -10.97 -0.02
C ALA A 69 12.02 -9.93 -0.66
N ASP A 70 12.21 -8.82 0.04
CA ASP A 70 13.28 -7.85 -0.18
C ASP A 70 14.63 -8.56 -0.14
N GLY A 71 14.73 -9.56 0.73
CA GLY A 71 15.97 -10.26 1.02
C GLY A 71 16.82 -9.36 1.89
N HIS A 72 17.52 -8.40 1.28
CA HIS A 72 18.48 -7.49 1.90
C HIS A 72 18.65 -6.20 1.08
N LYS A 73 17.58 -5.76 0.39
CA LYS A 73 17.60 -4.61 -0.49
C LYS A 73 16.86 -3.44 0.15
N GLU A 74 16.65 -2.39 -0.64
CA GLU A 74 16.06 -1.12 -0.27
C GLU A 74 15.29 -0.61 -1.48
N THR A 75 14.53 0.48 -1.33
CA THR A 75 13.79 1.23 -2.33
C THR A 75 14.59 1.69 -3.57
N GLY A 76 15.88 1.39 -3.68
CA GLY A 76 16.80 2.05 -4.57
C GLY A 76 18.22 1.58 -4.32
N ALA A 77 19.19 2.38 -4.77
CA ALA A 77 20.62 2.14 -4.63
C ALA A 77 21.32 3.43 -4.16
N PRO A 78 22.50 3.35 -3.53
CA PRO A 78 23.21 4.52 -3.04
C PRO A 78 23.64 5.44 -4.18
N SER A 79 23.46 6.75 -3.98
CA SER A 79 23.72 7.80 -4.96
C SER A 79 22.90 7.62 -6.25
N LYS A 80 23.14 8.49 -7.24
CA LYS A 80 22.49 8.43 -8.55
C LYS A 80 20.96 8.47 -8.38
N GLU A 81 20.50 9.28 -7.44
CA GLU A 81 19.10 9.45 -7.05
C GLU A 81 18.83 10.89 -6.58
N GLY A 82 19.67 11.84 -6.99
CA GLY A 82 19.62 13.23 -6.55
C GLY A 82 20.30 13.48 -5.20
N LYS A 83 20.57 12.44 -4.40
CA LYS A 83 21.24 12.55 -3.10
C LYS A 83 22.72 12.21 -3.13
N GLU A 84 23.31 12.04 -4.31
CA GLU A 84 24.73 11.75 -4.55
C GLU A 84 25.72 12.61 -3.76
N LYS A 85 25.33 13.81 -3.32
CA LYS A 85 26.14 14.70 -2.50
C LYS A 85 25.34 15.27 -1.33
N LYS A 86 24.30 14.55 -0.86
CA LYS A 86 23.34 15.04 0.14
C LYS A 86 23.06 13.98 1.21
N GLU A 87 24.03 13.10 1.49
CA GLU A 87 23.94 12.13 2.58
C GLU A 87 23.81 12.83 3.93
N LYS A 88 24.90 13.46 4.42
CA LYS A 88 25.03 13.93 5.80
C LYS A 88 24.74 12.78 6.77
N HIS A 89 25.60 11.75 6.75
CA HIS A 89 25.53 10.68 7.73
C HIS A 89 25.70 11.25 9.15
N LYS A 90 24.90 10.79 10.11
CA LYS A 90 24.97 11.17 11.53
C LYS A 90 24.95 9.91 12.38
N THR A 91 23.77 9.30 12.60
CA THR A 91 23.58 8.32 13.68
C THR A 91 24.22 8.88 14.97
N LYS A 92 23.83 10.07 15.39
CA LYS A 92 24.32 10.68 16.63
C LYS A 92 23.33 11.71 17.10
N GLY A 1 -12.07 -12.80 26.40
CA GLY A 1 -13.23 -11.99 26.03
C GLY A 1 -12.84 -10.53 25.97
N HIS A 2 -13.45 -9.77 25.06
CA HIS A 2 -13.26 -8.33 24.93
C HIS A 2 -14.59 -7.72 24.52
N MET A 3 -14.86 -6.50 24.99
CA MET A 3 -16.08 -5.78 24.65
C MET A 3 -16.09 -5.45 23.16
N GLN A 4 -17.26 -5.06 22.64
CA GLN A 4 -17.41 -4.56 21.28
C GLN A 4 -16.61 -3.26 21.14
N GLU A 5 -15.40 -3.39 20.60
CA GLU A 5 -14.39 -2.36 20.44
C GLU A 5 -13.64 -2.57 19.12
N SER A 6 -14.23 -3.28 18.14
CA SER A 6 -13.65 -3.35 16.82
C SER A 6 -13.80 -1.98 16.17
N TYR A 7 -12.70 -1.24 16.02
CA TYR A 7 -12.73 0.12 15.52
C TYR A 7 -13.25 0.16 14.08
N SER A 8 -12.81 -0.79 13.26
CA SER A 8 -13.19 -0.99 11.87
C SER A 8 -13.02 0.32 11.09
N GLN A 9 -11.76 0.61 10.73
CA GLN A 9 -11.33 1.89 10.17
C GLN A 9 -11.88 2.09 8.75
N TYR A 10 -11.93 1.02 7.96
CA TYR A 10 -12.47 0.96 6.60
C TYR A 10 -13.50 -0.18 6.50
N PRO A 11 -14.31 -0.19 5.42
CA PRO A 11 -15.08 -1.35 4.95
C PRO A 11 -14.23 -2.58 4.61
N VAL A 12 -14.81 -3.54 3.89
CA VAL A 12 -14.21 -4.83 3.50
C VAL A 12 -14.34 -5.00 1.98
N PRO A 13 -13.36 -4.50 1.19
CA PRO A 13 -13.42 -4.48 -0.27
C PRO A 13 -13.45 -5.89 -0.88
N ASP A 14 -13.92 -6.01 -2.13
CA ASP A 14 -13.95 -7.24 -2.92
C ASP A 14 -13.79 -6.84 -4.37
N VAL A 15 -12.83 -7.44 -5.09
CA VAL A 15 -12.58 -7.17 -6.50
C VAL A 15 -13.81 -7.52 -7.38
N SER A 16 -14.72 -8.37 -6.90
CA SER A 16 -15.92 -8.81 -7.61
C SER A 16 -16.90 -7.66 -7.93
N THR A 17 -16.69 -6.45 -7.43
CA THR A 17 -17.54 -5.29 -7.74
C THR A 17 -16.72 -4.13 -8.32
N TYR A 18 -15.47 -4.38 -8.69
CA TYR A 18 -14.63 -3.39 -9.34
C TYR A 18 -15.06 -3.17 -10.79
N GLN A 19 -14.50 -2.13 -11.38
CA GLN A 19 -14.69 -1.72 -12.75
C GLN A 19 -13.37 -1.90 -13.48
N TYR A 20 -13.23 -2.98 -14.26
CA TYR A 20 -12.10 -3.14 -15.16
C TYR A 20 -12.16 -2.10 -16.27
N ASP A 21 -11.01 -1.64 -16.75
CA ASP A 21 -10.93 -0.65 -17.84
C ASP A 21 -9.99 -1.14 -18.93
N GLU A 22 -10.50 -1.88 -19.90
CA GLU A 22 -9.66 -2.60 -20.88
C GLU A 22 -8.74 -1.69 -21.69
N THR A 23 -9.07 -0.40 -21.79
CA THR A 23 -8.23 0.62 -22.43
C THR A 23 -6.84 0.73 -21.77
N SER A 24 -6.65 0.24 -20.53
CA SER A 24 -5.35 0.25 -19.87
C SER A 24 -5.00 -1.04 -19.12
N GLY A 25 -5.97 -1.87 -18.71
CA GLY A 25 -5.70 -3.21 -18.17
C GLY A 25 -5.68 -3.32 -16.64
N TYR A 26 -6.29 -2.38 -15.90
CA TYR A 26 -6.43 -2.42 -14.45
C TYR A 26 -7.90 -2.35 -14.04
N TYR A 27 -8.16 -2.60 -12.76
CA TYR A 27 -9.45 -2.45 -12.12
C TYR A 27 -9.48 -1.16 -11.32
N TYR A 28 -10.68 -0.61 -11.13
CA TYR A 28 -10.97 0.52 -10.26
C TYR A 28 -11.96 0.08 -9.19
N ASP A 29 -11.82 0.61 -7.98
CA ASP A 29 -12.58 0.27 -6.78
C ASP A 29 -13.58 1.37 -6.41
N PRO A 30 -14.81 1.39 -6.95
CA PRO A 30 -15.83 2.36 -6.57
C PRO A 30 -16.24 2.33 -5.09
N GLN A 31 -15.77 1.36 -4.31
CA GLN A 31 -16.01 1.35 -2.88
C GLN A 31 -15.14 2.40 -2.16
N THR A 32 -14.05 2.85 -2.79
CA THR A 32 -12.99 3.61 -2.11
C THR A 32 -12.41 4.71 -3.00
N GLY A 33 -12.21 4.41 -4.28
CA GLY A 33 -11.59 5.29 -5.25
C GLY A 33 -10.10 5.00 -5.41
N LEU A 34 -9.71 3.73 -5.41
CA LEU A 34 -8.34 3.27 -5.70
C LEU A 34 -8.36 2.44 -6.99
N TYR A 35 -7.19 2.14 -7.58
CA TYR A 35 -7.07 1.13 -8.63
C TYR A 35 -6.37 -0.12 -8.09
N TYR A 36 -6.54 -1.24 -8.78
CA TYR A 36 -6.07 -2.57 -8.42
C TYR A 36 -5.59 -3.30 -9.68
N ASP A 37 -4.65 -4.23 -9.53
CA ASP A 37 -4.14 -5.11 -10.59
C ASP A 37 -4.29 -6.57 -10.13
N PRO A 38 -4.62 -7.49 -11.05
CA PRO A 38 -4.93 -8.87 -10.71
C PRO A 38 -3.73 -9.76 -10.39
N ASN A 39 -2.52 -9.41 -10.82
CA ASN A 39 -1.28 -10.10 -10.49
C ASN A 39 -0.65 -9.46 -9.26
N SER A 40 -0.81 -8.14 -9.12
CA SER A 40 -0.05 -7.33 -8.20
C SER A 40 -1.01 -6.57 -7.30
N GLN A 41 -1.47 -7.23 -6.24
CA GLN A 41 -2.46 -6.75 -5.26
C GLN A 41 -2.11 -5.43 -4.56
N TYR A 42 -0.95 -4.83 -4.85
CA TYR A 42 -0.55 -3.50 -4.44
C TYR A 42 -1.49 -2.50 -5.13
N TYR A 43 -2.40 -1.90 -4.37
CA TYR A 43 -3.37 -0.95 -4.88
C TYR A 43 -2.63 0.29 -5.37
N TYR A 44 -3.10 0.86 -6.49
CA TYR A 44 -2.58 2.09 -7.03
C TYR A 44 -3.46 3.23 -6.54
N ASN A 45 -2.87 4.02 -5.66
CA ASN A 45 -3.44 5.24 -5.14
C ASN A 45 -3.17 6.36 -6.13
N ALA A 46 -3.97 6.44 -7.19
CA ALA A 46 -3.89 7.46 -8.24
C ALA A 46 -3.75 8.87 -7.66
N GLN A 47 -4.41 9.10 -6.52
CA GLN A 47 -4.42 10.30 -5.73
C GLN A 47 -3.02 10.89 -5.56
N SER A 48 -2.06 10.06 -5.14
CA SER A 48 -0.67 10.45 -4.89
C SER A 48 0.30 9.56 -5.68
N GLN A 49 -0.22 8.90 -6.72
CA GLN A 49 0.45 7.92 -7.57
C GLN A 49 1.15 6.81 -6.77
N GLN A 50 0.77 6.64 -5.50
CA GLN A 50 1.42 5.80 -4.53
C GLN A 50 0.95 4.35 -4.64
N TYR A 51 1.70 3.43 -4.04
CA TYR A 51 1.42 2.01 -4.10
C TYR A 51 1.18 1.57 -2.66
N LEU A 52 0.00 1.03 -2.40
CA LEU A 52 -0.51 0.72 -1.08
C LEU A 52 -0.87 -0.76 -1.04
N TYR A 53 -1.30 -1.27 0.11
CA TYR A 53 -1.88 -2.59 0.23
C TYR A 53 -3.12 -2.46 1.13
N TRP A 54 -4.13 -3.30 0.88
CA TRP A 54 -5.22 -3.49 1.82
C TRP A 54 -4.67 -4.36 2.95
N ASP A 55 -4.96 -4.00 4.19
CA ASP A 55 -4.53 -4.77 5.34
C ASP A 55 -5.74 -5.03 6.23
N GLY A 56 -6.37 -6.19 6.05
CA GLY A 56 -7.49 -6.59 6.88
C GLY A 56 -7.08 -6.83 8.32
N GLU A 57 -5.79 -7.02 8.62
CA GLU A 57 -5.35 -7.14 10.00
C GLU A 57 -5.51 -5.79 10.71
N ARG A 58 -5.40 -4.69 9.96
CA ARG A 58 -5.56 -3.33 10.44
C ARG A 58 -6.91 -2.73 10.05
N ARG A 59 -7.68 -3.40 9.18
CA ARG A 59 -8.87 -2.92 8.48
C ARG A 59 -8.65 -1.52 7.92
N THR A 60 -7.59 -1.32 7.12
CA THR A 60 -7.28 -0.05 6.49
C THR A 60 -6.46 -0.31 5.21
N TYR A 61 -6.11 0.74 4.48
CA TYR A 61 -5.13 0.70 3.39
C TYR A 61 -3.89 1.45 3.87
N VAL A 62 -2.73 0.81 3.75
CA VAL A 62 -1.44 1.27 4.25
C VAL A 62 -0.39 1.26 3.13
N PRO A 63 0.71 2.03 3.25
CA PRO A 63 1.72 2.10 2.20
C PRO A 63 2.52 0.81 2.16
N ALA A 64 2.79 0.29 0.95
CA ALA A 64 3.50 -0.97 0.75
C ALA A 64 4.95 -0.75 0.33
N LEU A 65 5.47 0.46 0.54
CA LEU A 65 6.80 0.87 0.08
C LEU A 65 7.89 0.17 0.89
N GLU A 66 7.57 -0.15 2.14
CA GLU A 66 8.41 -0.89 3.07
C GLU A 66 8.65 -2.34 2.63
N GLN A 67 7.83 -2.91 1.73
CA GLN A 67 7.84 -4.33 1.41
C GLN A 67 9.01 -4.73 0.50
N SER A 68 10.22 -4.72 1.06
CA SER A 68 11.45 -5.19 0.44
C SER A 68 12.24 -5.99 1.49
N ALA A 69 11.52 -6.92 2.11
CA ALA A 69 12.06 -8.00 2.92
C ALA A 69 13.00 -8.80 2.02
N ASP A 70 14.32 -8.63 2.20
CA ASP A 70 15.30 -9.27 1.32
C ASP A 70 16.61 -9.62 2.03
N GLY A 71 16.71 -9.35 3.33
CA GLY A 71 17.93 -9.51 4.11
C GLY A 71 18.54 -8.15 4.39
N HIS A 72 17.87 -7.37 5.24
CA HIS A 72 18.26 -6.02 5.64
C HIS A 72 18.61 -5.17 4.40
N LYS A 73 17.66 -5.02 3.48
CA LYS A 73 17.73 -4.15 2.30
C LYS A 73 16.46 -3.31 2.19
N GLU A 74 15.81 -3.01 3.32
CA GLU A 74 14.64 -2.15 3.34
C GLU A 74 15.03 -0.75 2.90
N THR A 75 14.01 0.05 2.60
CA THR A 75 14.09 1.42 2.13
C THR A 75 15.02 2.28 3.00
N GLY A 76 15.02 2.07 4.31
CA GLY A 76 15.69 2.95 5.25
C GLY A 76 17.19 2.95 5.05
N ALA A 77 17.76 1.74 4.93
CA ALA A 77 19.16 1.47 4.61
C ALA A 77 20.15 2.36 5.35
N PRO A 78 20.20 2.26 6.69
CA PRO A 78 21.13 3.00 7.52
C PRO A 78 22.58 2.48 7.40
N SER A 79 22.78 1.37 6.69
CA SER A 79 24.05 0.96 6.12
C SER A 79 23.74 0.34 4.77
N LYS A 80 24.71 0.35 3.86
CA LYS A 80 24.77 -0.52 2.69
C LYS A 80 26.20 -1.04 2.48
N GLU A 81 27.04 -0.99 3.53
CA GLU A 81 28.47 -1.28 3.53
C GLU A 81 29.25 -0.21 2.73
N GLY A 82 29.93 0.67 3.45
CA GLY A 82 30.86 1.67 2.91
C GLY A 82 30.32 3.10 3.04
N LYS A 83 28.99 3.28 3.10
CA LYS A 83 28.35 4.59 3.08
C LYS A 83 27.31 4.74 4.19
N GLU A 84 27.36 3.93 5.26
CA GLU A 84 26.42 4.05 6.38
C GLU A 84 26.27 5.50 6.85
N LYS A 85 25.05 6.04 6.73
CA LYS A 85 24.66 7.42 7.03
C LYS A 85 25.39 8.48 6.20
N LYS A 86 26.46 8.14 5.48
CA LYS A 86 27.23 9.03 4.61
C LYS A 86 26.54 9.13 3.25
N GLU A 87 25.24 9.44 3.24
CA GLU A 87 24.42 9.53 2.04
C GLU A 87 23.71 10.89 1.93
N LYS A 88 24.05 11.87 2.79
CA LYS A 88 23.26 13.05 3.17
C LYS A 88 21.90 12.69 3.76
N HIS A 89 21.11 13.71 4.10
CA HIS A 89 19.68 13.59 4.35
C HIS A 89 19.02 14.82 3.76
N LYS A 90 17.70 14.78 3.57
CA LYS A 90 16.92 15.92 3.10
C LYS A 90 16.49 16.82 4.26
N THR A 91 17.18 16.74 5.40
CA THR A 91 16.68 17.14 6.72
C THR A 91 15.49 16.26 7.10
N LYS A 92 15.81 15.10 7.69
CA LYS A 92 14.91 14.11 8.26
C LYS A 92 15.78 13.19 9.09
N GLY A 1 -4.67 -16.35 20.15
CA GLY A 1 -5.37 -15.24 20.82
C GLY A 1 -5.10 -13.95 20.09
N HIS A 2 -6.09 -13.07 20.03
CA HIS A 2 -6.07 -11.78 19.34
C HIS A 2 -6.40 -10.67 20.34
N MET A 3 -6.59 -9.42 19.88
CA MET A 3 -6.93 -8.29 20.75
C MET A 3 -8.12 -7.55 20.13
N GLN A 4 -8.82 -6.75 20.93
CA GLN A 4 -10.11 -6.14 20.61
C GLN A 4 -9.93 -4.67 20.21
N GLU A 5 -8.75 -4.29 19.68
CA GLU A 5 -8.36 -2.91 19.46
C GLU A 5 -9.26 -2.15 18.46
N SER A 6 -10.01 -2.86 17.61
CA SER A 6 -10.96 -2.29 16.67
C SER A 6 -10.33 -1.18 15.80
N TYR A 7 -9.25 -1.52 15.09
CA TYR A 7 -8.57 -0.60 14.19
C TYR A 7 -9.43 -0.45 12.94
N SER A 8 -9.83 0.77 12.64
CA SER A 8 -10.58 1.04 11.42
C SER A 8 -10.52 2.52 11.02
N GLN A 9 -10.57 2.85 9.73
CA GLN A 9 -10.70 4.24 9.30
C GLN A 9 -11.36 4.49 7.94
N TYR A 10 -11.37 3.51 7.03
CA TYR A 10 -12.11 3.60 5.78
C TYR A 10 -13.48 2.93 5.95
N PRO A 11 -14.41 3.16 5.02
CA PRO A 11 -15.57 2.30 4.82
C PRO A 11 -15.15 0.91 4.33
N VAL A 12 -16.14 0.03 4.08
CA VAL A 12 -16.01 -1.38 3.73
C VAL A 12 -16.44 -1.54 2.27
N PRO A 13 -15.54 -1.40 1.29
CA PRO A 13 -15.87 -1.52 -0.13
C PRO A 13 -16.22 -2.96 -0.52
N ASP A 14 -16.83 -3.16 -1.69
CA ASP A 14 -17.00 -4.47 -2.33
C ASP A 14 -16.85 -4.28 -3.84
N VAL A 15 -16.02 -5.12 -4.46
CA VAL A 15 -15.81 -5.12 -5.91
C VAL A 15 -17.13 -5.38 -6.68
N SER A 16 -18.18 -5.89 -6.03
CA SER A 16 -19.52 -6.06 -6.57
C SER A 16 -20.10 -4.76 -7.16
N THR A 17 -19.67 -3.58 -6.71
CA THR A 17 -20.23 -2.30 -7.13
C THR A 17 -19.16 -1.41 -7.80
N TYR A 18 -18.04 -2.00 -8.22
CA TYR A 18 -17.00 -1.37 -9.02
C TYR A 18 -17.46 -1.18 -10.46
N GLN A 19 -16.55 -0.82 -11.35
CA GLN A 19 -16.70 -0.91 -12.78
C GLN A 19 -15.57 -1.78 -13.30
N TYR A 20 -15.79 -2.49 -14.40
CA TYR A 20 -14.73 -3.09 -15.19
C TYR A 20 -14.37 -2.12 -16.31
N ASP A 21 -13.13 -2.18 -16.78
CA ASP A 21 -12.68 -1.38 -17.91
C ASP A 21 -11.87 -2.29 -18.81
N GLU A 22 -12.54 -2.99 -19.72
CA GLU A 22 -11.99 -3.93 -20.71
C GLU A 22 -10.77 -3.36 -21.44
N THR A 23 -10.72 -2.05 -21.64
CA THR A 23 -9.67 -1.37 -22.38
C THR A 23 -8.32 -1.49 -21.64
N SER A 24 -8.32 -1.64 -20.31
CA SER A 24 -7.16 -2.03 -19.52
C SER A 24 -7.30 -3.46 -18.98
N GLY A 25 -8.51 -3.99 -18.82
CA GLY A 25 -8.77 -5.31 -18.29
C GLY A 25 -8.71 -5.35 -16.77
N TYR A 26 -8.98 -4.22 -16.12
CA TYR A 26 -8.98 -4.07 -14.66
C TYR A 26 -10.39 -3.71 -14.21
N TYR A 27 -10.62 -3.75 -12.91
CA TYR A 27 -11.73 -3.05 -12.28
C TYR A 27 -11.22 -1.70 -11.79
N TYR A 28 -12.13 -0.74 -11.69
CA TYR A 28 -11.96 0.59 -11.15
C TYR A 28 -12.89 0.70 -9.95
N ASP A 29 -12.39 1.29 -8.86
CA ASP A 29 -13.05 1.51 -7.58
C ASP A 29 -13.52 2.97 -7.54
N PRO A 30 -14.73 3.31 -8.03
CA PRO A 30 -15.23 4.68 -7.96
C PRO A 30 -15.52 5.16 -6.54
N GLN A 31 -15.53 4.28 -5.54
CA GLN A 31 -15.66 4.71 -4.15
C GLN A 31 -14.42 5.55 -3.82
N THR A 32 -13.22 5.02 -4.06
CA THR A 32 -11.98 5.62 -3.59
C THR A 32 -11.11 6.22 -4.71
N GLY A 33 -11.12 5.65 -5.91
CA GLY A 33 -10.29 6.07 -7.03
C GLY A 33 -9.15 5.09 -7.33
N LEU A 34 -9.17 3.89 -6.74
CA LEU A 34 -8.15 2.86 -6.97
C LEU A 34 -8.54 2.01 -8.18
N TYR A 35 -7.64 1.15 -8.68
CA TYR A 35 -7.98 0.06 -9.57
C TYR A 35 -7.76 -1.27 -8.84
N TYR A 36 -8.34 -2.35 -9.33
CA TYR A 36 -8.31 -3.68 -8.74
C TYR A 36 -8.23 -4.71 -9.88
N ASP A 37 -7.65 -5.88 -9.64
CA ASP A 37 -7.58 -6.96 -10.63
C ASP A 37 -8.21 -8.23 -10.07
N PRO A 38 -8.91 -9.05 -10.89
CA PRO A 38 -9.58 -10.24 -10.42
C PRO A 38 -8.63 -11.40 -10.06
N ASN A 39 -7.51 -11.58 -10.75
CA ASN A 39 -6.49 -12.56 -10.37
C ASN A 39 -5.62 -12.08 -9.22
N SER A 40 -5.47 -10.78 -9.09
CA SER A 40 -4.31 -10.19 -8.45
C SER A 40 -4.81 -9.12 -7.49
N GLN A 41 -5.20 -9.55 -6.29
CA GLN A 41 -5.97 -8.79 -5.31
C GLN A 41 -5.31 -7.49 -4.84
N TYR A 42 -4.05 -7.23 -5.23
CA TYR A 42 -3.39 -5.96 -5.00
C TYR A 42 -4.09 -4.84 -5.77
N TYR A 43 -4.51 -3.80 -5.06
CA TYR A 43 -5.09 -2.61 -5.65
C TYR A 43 -3.95 -1.77 -6.25
N TYR A 44 -4.27 -0.97 -7.26
CA TYR A 44 -3.36 -0.13 -8.01
C TYR A 44 -3.78 1.31 -7.74
N ASN A 45 -2.93 1.99 -6.97
CA ASN A 45 -3.01 3.42 -6.72
C ASN A 45 -2.34 4.12 -7.88
N ALA A 46 -3.02 4.21 -9.02
CA ALA A 46 -2.50 4.90 -10.21
C ALA A 46 -2.02 6.31 -9.85
N GLN A 47 -2.70 6.93 -8.89
CA GLN A 47 -2.44 8.25 -8.34
C GLN A 47 -0.98 8.50 -7.96
N SER A 48 -0.25 7.48 -7.54
CA SER A 48 1.20 7.54 -7.35
C SER A 48 1.86 6.26 -7.87
N GLN A 49 1.21 5.58 -8.83
CA GLN A 49 1.61 4.30 -9.43
C GLN A 49 1.89 3.17 -8.42
N GLN A 50 1.42 3.29 -7.19
CA GLN A 50 1.83 2.46 -6.08
C GLN A 50 0.86 1.30 -5.89
N TYR A 51 1.31 0.24 -5.22
CA TYR A 51 0.59 -1.02 -5.14
C TYR A 51 0.17 -1.25 -3.71
N LEU A 52 -1.12 -1.51 -3.51
CA LEU A 52 -1.75 -1.56 -2.20
C LEU A 52 -2.48 -2.89 -2.06
N TYR A 53 -3.03 -3.15 -0.88
CA TYR A 53 -4.05 -4.14 -0.63
C TYR A 53 -5.10 -3.48 0.24
N TRP A 54 -6.33 -3.96 0.16
CA TRP A 54 -7.35 -3.66 1.15
C TRP A 54 -7.05 -4.57 2.34
N ASP A 55 -6.93 -4.02 3.55
CA ASP A 55 -6.93 -4.81 4.76
C ASP A 55 -8.21 -4.56 5.51
N GLY A 56 -9.10 -5.55 5.52
CA GLY A 56 -10.34 -5.48 6.26
C GLY A 56 -10.14 -5.60 7.76
N GLU A 57 -8.98 -6.05 8.28
CA GLU A 57 -8.78 -6.09 9.73
C GLU A 57 -8.67 -4.66 10.22
N ARG A 58 -7.73 -3.90 9.65
CA ARG A 58 -7.49 -2.50 9.97
C ARG A 58 -8.46 -1.55 9.26
N ARG A 59 -9.33 -2.06 8.39
CA ARG A 59 -10.27 -1.31 7.54
C ARG A 59 -9.56 -0.10 6.94
N THR A 60 -8.49 -0.35 6.21
CA THR A 60 -7.75 0.69 5.52
C THR A 60 -7.06 0.03 4.33
N TYR A 61 -6.71 0.82 3.31
CA TYR A 61 -5.86 0.35 2.24
C TYR A 61 -4.43 0.58 2.70
N VAL A 62 -3.58 -0.43 2.56
CA VAL A 62 -2.19 -0.42 3.00
C VAL A 62 -1.26 -0.78 1.85
N PRO A 63 0.01 -0.36 1.87
CA PRO A 63 0.94 -0.63 0.79
C PRO A 63 1.36 -2.09 0.79
N ALA A 64 1.27 -2.75 -0.36
CA ALA A 64 1.60 -4.17 -0.49
C ALA A 64 3.06 -4.42 -0.86
N LEU A 65 3.89 -3.38 -0.72
CA LEU A 65 5.26 -3.33 -1.22
C LEU A 65 6.18 -4.24 -0.43
N GLU A 66 6.06 -4.20 0.90
CA GLU A 66 7.04 -4.74 1.83
C GLU A 66 6.28 -5.12 3.09
N GLN A 67 5.46 -4.19 3.62
CA GLN A 67 4.57 -4.41 4.74
C GLN A 67 5.35 -4.78 6.02
N SER A 68 6.60 -4.34 6.12
CA SER A 68 7.52 -4.62 7.21
C SER A 68 8.64 -3.60 7.11
N ALA A 69 8.53 -2.52 7.88
CA ALA A 69 9.56 -1.51 8.02
C ALA A 69 9.32 -0.80 9.35
N ASP A 70 10.29 0.03 9.74
CA ASP A 70 10.37 0.63 11.06
C ASP A 70 9.32 1.72 11.29
N GLY A 71 8.74 2.24 10.20
CA GLY A 71 7.66 3.21 10.24
C GLY A 71 7.67 4.15 9.04
N HIS A 72 8.79 4.23 8.30
CA HIS A 72 8.79 4.86 6.98
C HIS A 72 7.84 4.10 6.05
N LYS A 73 7.98 2.77 5.98
CA LYS A 73 7.14 1.79 5.27
C LYS A 73 6.88 2.07 3.79
N GLU A 74 7.58 3.06 3.23
CA GLU A 74 7.39 3.57 1.90
C GLU A 74 8.02 2.65 0.86
N THR A 75 9.20 2.12 1.18
CA THR A 75 9.97 1.25 0.30
C THR A 75 10.94 0.42 1.15
N GLY A 76 11.54 1.06 2.15
CA GLY A 76 12.67 0.51 2.89
C GLY A 76 13.23 1.51 3.88
N ALA A 77 14.55 1.48 4.09
CA ALA A 77 15.28 2.29 5.07
C ALA A 77 16.66 2.69 4.51
N PRO A 78 17.36 3.66 5.10
CA PRO A 78 18.82 3.79 5.02
C PRO A 78 19.48 2.64 5.80
N SER A 79 20.79 2.75 6.10
CA SER A 79 21.55 1.75 6.85
C SER A 79 21.64 0.39 6.09
N LYS A 80 21.20 0.31 4.84
CA LYS A 80 21.27 -0.92 4.03
C LYS A 80 22.56 -1.00 3.21
N GLU A 81 23.36 0.07 3.19
CA GLU A 81 24.51 0.29 2.31
C GLU A 81 25.05 1.67 2.65
N GLY A 82 24.11 2.61 2.76
CA GLY A 82 24.32 4.04 2.77
C GLY A 82 24.80 4.50 4.14
N LYS A 83 26.07 4.24 4.42
CA LYS A 83 26.81 4.69 5.59
C LYS A 83 26.16 4.15 6.87
N GLU A 84 25.91 2.84 6.82
CA GLU A 84 25.57 1.97 7.92
C GLU A 84 26.61 2.01 9.05
N LYS A 85 27.87 1.71 8.77
CA LYS A 85 28.89 1.36 9.78
C LYS A 85 30.19 2.16 9.63
N LYS A 86 30.19 3.21 8.82
CA LYS A 86 31.36 4.05 8.58
C LYS A 86 30.90 5.49 8.70
N GLU A 87 31.03 6.08 9.89
CA GLU A 87 30.54 7.44 10.13
C GLU A 87 31.48 8.53 9.59
N LYS A 88 32.50 8.19 8.79
CA LYS A 88 33.55 9.13 8.33
C LYS A 88 34.07 9.91 9.54
N HIS A 89 34.58 11.12 9.36
CA HIS A 89 34.97 12.02 10.43
C HIS A 89 34.41 13.41 10.12
N LYS A 90 33.10 13.47 9.79
CA LYS A 90 32.59 14.38 8.76
C LYS A 90 33.48 14.23 7.50
N THR A 91 33.41 15.18 6.57
CA THR A 91 34.48 15.51 5.65
C THR A 91 34.18 16.98 5.32
N LYS A 92 35.02 17.91 5.77
CA LYS A 92 34.92 19.32 5.41
C LYS A 92 36.34 19.82 5.54
N GLY A 1 -34.07 4.30 13.14
CA GLY A 1 -34.91 3.75 12.06
C GLY A 1 -35.31 2.35 12.43
N HIS A 2 -35.54 1.46 11.45
CA HIS A 2 -35.57 0.01 11.72
C HIS A 2 -34.19 -0.47 12.19
N MET A 3 -33.14 0.27 11.83
CA MET A 3 -31.76 0.16 12.30
C MET A 3 -31.27 1.58 12.57
N GLN A 4 -30.05 1.71 13.09
CA GLN A 4 -29.18 2.86 12.93
C GLN A 4 -27.76 2.32 13.02
N GLU A 5 -26.93 2.61 12.02
CA GLU A 5 -25.52 2.26 12.02
C GLU A 5 -24.78 3.53 11.60
N SER A 6 -24.86 3.87 10.32
CA SER A 6 -24.20 5.03 9.71
C SER A 6 -22.67 4.92 9.88
N TYR A 7 -22.14 3.69 9.91
CA TYR A 7 -20.74 3.39 9.83
C TYR A 7 -20.57 1.99 9.21
N SER A 8 -19.40 1.68 8.69
CA SER A 8 -19.07 0.34 8.25
C SER A 8 -17.61 0.01 8.51
N GLN A 9 -17.19 -1.19 8.10
CA GLN A 9 -15.81 -1.58 7.93
C GLN A 9 -15.47 -1.61 6.44
N TYR A 10 -14.26 -2.05 6.10
CA TYR A 10 -13.80 -2.00 4.72
C TYR A 10 -14.39 -3.18 3.93
N PRO A 11 -14.40 -3.11 2.58
CA PRO A 11 -14.78 -4.23 1.72
C PRO A 11 -13.75 -5.37 1.85
N VAL A 12 -14.04 -6.55 1.31
CA VAL A 12 -13.13 -7.69 1.31
C VAL A 12 -12.69 -7.93 -0.14
N PRO A 13 -11.63 -7.23 -0.62
CA PRO A 13 -11.08 -7.43 -1.95
C PRO A 13 -10.30 -8.74 -2.04
N ASP A 14 -9.76 -9.06 -3.23
CA ASP A 14 -9.05 -10.33 -3.41
C ASP A 14 -8.09 -10.33 -4.60
N VAL A 15 -7.51 -9.15 -4.89
CA VAL A 15 -6.66 -8.82 -6.04
C VAL A 15 -7.18 -9.39 -7.39
N SER A 16 -8.49 -9.65 -7.43
CA SER A 16 -9.23 -10.29 -8.51
C SER A 16 -10.20 -9.27 -9.12
N THR A 17 -10.39 -8.14 -8.44
CA THR A 17 -11.28 -7.06 -8.86
C THR A 17 -10.47 -5.80 -9.22
N TYR A 18 -9.14 -5.85 -9.14
CA TYR A 18 -8.27 -4.67 -9.19
C TYR A 18 -7.95 -4.28 -10.63
N GLN A 19 -7.28 -3.14 -10.78
CA GLN A 19 -6.96 -2.49 -12.03
C GLN A 19 -5.46 -2.38 -12.15
N TYR A 20 -4.84 -3.30 -12.90
CA TYR A 20 -3.44 -3.19 -13.24
C TYR A 20 -3.14 -1.89 -13.99
N ASP A 21 -1.98 -1.30 -13.73
CA ASP A 21 -1.48 -0.15 -14.45
C ASP A 21 -0.13 -0.47 -15.05
N GLU A 22 -0.07 -0.52 -16.37
CA GLU A 22 1.15 -0.76 -17.15
C GLU A 22 2.20 0.36 -16.96
N THR A 23 1.79 1.55 -16.50
CA THR A 23 2.69 2.66 -16.22
C THR A 23 3.75 2.29 -15.17
N SER A 24 3.40 1.43 -14.21
CA SER A 24 4.24 1.09 -13.07
C SER A 24 4.31 -0.42 -12.84
N GLY A 25 3.34 -1.19 -13.35
CA GLY A 25 3.29 -2.64 -13.20
C GLY A 25 2.58 -3.05 -11.92
N TYR A 26 1.93 -2.11 -11.22
CA TYR A 26 1.26 -2.37 -9.95
C TYR A 26 -0.22 -2.61 -10.22
N TYR A 27 -0.93 -3.07 -9.20
CA TYR A 27 -2.38 -3.19 -9.23
C TYR A 27 -2.94 -2.00 -8.45
N TYR A 28 -4.04 -1.40 -8.91
CA TYR A 28 -4.77 -0.32 -8.23
C TYR A 28 -6.06 -0.92 -7.69
N ASP A 29 -6.43 -0.50 -6.49
CA ASP A 29 -7.62 -0.94 -5.76
C ASP A 29 -8.73 0.12 -5.78
N PRO A 30 -9.59 0.13 -6.81
CA PRO A 30 -10.71 1.06 -6.88
C PRO A 30 -11.72 0.92 -5.73
N GLN A 31 -11.66 -0.15 -4.93
CA GLN A 31 -12.56 -0.34 -3.81
C GLN A 31 -12.21 0.61 -2.67
N THR A 32 -10.93 0.96 -2.54
CA THR A 32 -10.37 1.63 -1.38
C THR A 32 -9.78 2.96 -1.81
N GLY A 33 -8.96 2.92 -2.85
CA GLY A 33 -8.10 4.00 -3.29
C GLY A 33 -6.67 3.73 -2.81
N LEU A 34 -6.18 2.50 -2.99
CA LEU A 34 -4.83 2.07 -2.66
C LEU A 34 -4.19 1.42 -3.88
N TYR A 35 -2.89 1.12 -3.81
CA TYR A 35 -2.19 0.26 -4.75
C TYR A 35 -1.71 -0.98 -4.00
N TYR A 36 -1.32 -2.02 -4.73
CA TYR A 36 -0.81 -3.30 -4.25
C TYR A 36 0.23 -3.79 -5.25
N ASP A 37 1.21 -4.57 -4.78
CA ASP A 37 2.22 -5.20 -5.63
C ASP A 37 2.17 -6.73 -5.46
N PRO A 38 2.39 -7.53 -6.51
CA PRO A 38 2.27 -8.97 -6.42
C PRO A 38 3.47 -9.63 -5.73
N ASN A 39 4.65 -9.03 -5.73
CA ASN A 39 5.81 -9.52 -5.02
C ASN A 39 5.92 -8.96 -3.61
N SER A 40 5.27 -7.83 -3.33
CA SER A 40 5.29 -7.19 -2.01
C SER A 40 3.85 -6.89 -1.58
N GLN A 41 3.24 -7.84 -0.86
CA GLN A 41 1.82 -7.91 -0.46
C GLN A 41 1.30 -6.70 0.35
N TYR A 42 2.17 -5.75 0.72
CA TYR A 42 1.78 -4.51 1.35
C TYR A 42 1.04 -3.65 0.32
N TYR A 43 0.25 -2.70 0.81
CA TYR A 43 -0.52 -1.79 -0.01
C TYR A 43 0.14 -0.43 0.03
N TYR A 44 0.31 0.20 -1.12
CA TYR A 44 0.85 1.55 -1.24
C TYR A 44 -0.30 2.52 -1.17
N ASN A 45 -0.27 3.35 -0.14
CA ASN A 45 -1.22 4.39 0.15
C ASN A 45 -0.68 5.70 -0.40
N ALA A 46 -0.95 5.97 -1.68
CA ALA A 46 -0.51 7.18 -2.38
C ALA A 46 -0.86 8.43 -1.58
N GLN A 47 -2.02 8.42 -0.92
CA GLN A 47 -2.61 9.50 -0.15
C GLN A 47 -1.61 10.17 0.79
N SER A 48 -0.73 9.40 1.41
CA SER A 48 0.33 9.87 2.27
C SER A 48 1.64 9.14 1.95
N GLN A 49 1.76 8.64 0.71
CA GLN A 49 2.85 7.82 0.15
C GLN A 49 3.34 6.68 1.07
N GLN A 50 2.47 6.25 1.99
CA GLN A 50 2.74 5.33 3.08
C GLN A 50 2.46 3.89 2.67
N TYR A 51 2.82 2.93 3.53
CA TYR A 51 2.66 1.52 3.27
C TYR A 51 1.73 0.98 4.35
N LEU A 52 0.73 0.22 3.92
CA LEU A 52 -0.32 -0.36 4.75
C LEU A 52 -0.36 -1.86 4.47
N TYR A 53 -1.21 -2.58 5.19
CA TYR A 53 -1.53 -3.96 4.89
C TYR A 53 -3.03 -4.14 5.11
N TRP A 54 -3.63 -5.04 4.35
CA TRP A 54 -5.02 -5.45 4.55
C TRP A 54 -5.04 -6.43 5.73
N ASP A 55 -5.89 -6.15 6.71
CA ASP A 55 -6.03 -6.98 7.91
C ASP A 55 -7.44 -7.48 8.01
N GLY A 56 -7.70 -8.62 7.35
CA GLY A 56 -8.97 -9.32 7.39
C GLY A 56 -9.36 -9.73 8.81
N GLU A 57 -8.40 -9.77 9.76
CA GLU A 57 -8.69 -10.09 11.16
C GLU A 57 -9.67 -9.04 11.72
N ARG A 58 -9.52 -7.79 11.25
CA ARG A 58 -10.21 -6.59 11.71
C ARG A 58 -11.00 -5.92 10.59
N ARG A 59 -10.97 -6.47 9.37
CA ARG A 59 -11.48 -5.91 8.12
C ARG A 59 -11.14 -4.43 7.98
N THR A 60 -9.87 -4.08 8.08
CA THR A 60 -9.44 -2.70 7.87
C THR A 60 -8.03 -2.68 7.29
N TYR A 61 -7.55 -1.48 6.95
CA TYR A 61 -6.16 -1.23 6.61
C TYR A 61 -5.47 -0.66 7.84
N VAL A 62 -4.29 -1.19 8.11
CA VAL A 62 -3.40 -0.78 9.18
C VAL A 62 -2.02 -0.46 8.61
N PRO A 63 -1.20 0.39 9.26
CA PRO A 63 0.08 0.84 8.73
C PRO A 63 1.17 -0.22 8.86
N ALA A 64 1.77 -0.63 7.74
CA ALA A 64 2.80 -1.66 7.68
C ALA A 64 4.20 -1.14 8.01
N LEU A 65 4.28 -0.05 8.78
CA LEU A 65 5.53 0.51 9.28
C LEU A 65 6.25 -0.56 10.09
N GLU A 66 7.40 -0.98 9.58
CA GLU A 66 8.28 -2.03 10.07
C GLU A 66 7.62 -3.41 10.02
N GLN A 67 6.67 -3.70 10.91
CA GLN A 67 6.02 -4.99 11.16
C GLN A 67 7.03 -6.13 11.42
N SER A 68 8.18 -5.84 12.04
CA SER A 68 9.22 -6.82 12.33
C SER A 68 10.16 -6.45 13.49
N ALA A 69 10.02 -5.26 14.07
CA ALA A 69 10.89 -4.73 15.12
C ALA A 69 10.22 -3.53 15.79
N ASP A 70 10.87 -2.94 16.78
CA ASP A 70 10.27 -1.84 17.56
C ASP A 70 10.15 -0.58 16.69
N GLY A 71 11.26 -0.16 16.07
CA GLY A 71 11.30 0.93 15.11
C GLY A 71 12.69 1.59 15.08
N HIS A 72 12.76 2.87 15.47
CA HIS A 72 13.83 3.82 15.23
C HIS A 72 13.94 4.20 13.74
N LYS A 73 12.96 3.83 12.91
CA LYS A 73 13.01 3.99 11.46
C LYS A 73 11.60 3.80 10.90
N GLU A 74 11.34 4.40 9.75
CA GLU A 74 10.24 4.04 8.86
C GLU A 74 10.75 2.90 7.98
N THR A 75 10.09 1.74 8.01
CA THR A 75 10.08 0.68 6.99
C THR A 75 11.47 0.29 6.45
N GLY A 76 12.05 1.12 5.59
CA GLY A 76 13.27 0.90 4.85
C GLY A 76 13.90 2.26 4.57
N ALA A 77 13.28 2.96 3.60
CA ALA A 77 13.73 4.19 2.94
C ALA A 77 14.87 3.90 1.94
N PRO A 78 15.04 4.75 0.89
CA PRO A 78 16.09 4.63 -0.12
C PRO A 78 17.42 5.29 0.28
N SER A 79 17.39 6.13 1.31
CA SER A 79 18.53 6.55 2.09
C SER A 79 19.15 5.33 2.78
N LYS A 80 20.21 5.58 3.55
CA LYS A 80 20.76 4.58 4.45
C LYS A 80 21.49 3.52 3.63
N GLU A 81 22.29 4.04 2.69
CA GLU A 81 23.35 3.34 1.98
C GLU A 81 22.72 2.38 0.99
N GLY A 82 22.15 2.95 -0.07
CA GLY A 82 21.60 2.15 -1.15
C GLY A 82 21.23 2.98 -2.36
N LYS A 83 20.54 4.11 -2.15
CA LYS A 83 20.02 4.93 -3.25
C LYS A 83 19.91 6.39 -2.82
N GLU A 84 20.71 6.84 -1.85
CA GLU A 84 20.42 8.09 -1.13
C GLU A 84 20.50 9.36 -2.02
N LYS A 85 21.24 9.32 -3.13
CA LYS A 85 21.24 10.29 -4.25
C LYS A 85 20.84 9.61 -5.57
N LYS A 86 20.52 8.32 -5.53
CA LYS A 86 20.69 7.32 -6.59
C LYS A 86 22.06 7.46 -7.27
N GLU A 87 22.28 6.81 -8.40
CA GLU A 87 23.59 6.83 -9.06
C GLU A 87 23.46 7.65 -10.35
N LYS A 88 23.05 7.04 -11.47
CA LYS A 88 22.84 7.73 -12.75
C LYS A 88 21.51 7.30 -13.37
N HIS A 89 20.97 8.13 -14.25
CA HIS A 89 19.79 7.81 -15.04
C HIS A 89 20.25 6.99 -16.26
N LYS A 90 20.79 7.66 -17.28
CA LYS A 90 20.97 7.14 -18.64
C LYS A 90 22.08 7.89 -19.39
N THR A 91 22.84 8.75 -18.71
CA THR A 91 23.72 9.76 -19.29
C THR A 91 22.84 10.83 -19.95
N LYS A 92 22.50 11.86 -19.15
CA LYS A 92 21.81 13.08 -19.53
C LYS A 92 22.24 14.15 -18.55
N GLY A 1 0.42 6.74 25.70
CA GLY A 1 -0.22 5.58 25.06
C GLY A 1 0.78 4.48 24.83
N HIS A 2 1.64 4.64 23.81
CA HIS A 2 2.59 3.65 23.31
C HIS A 2 1.85 2.58 22.49
N MET A 3 1.87 2.75 21.16
CA MET A 3 1.20 1.89 20.17
C MET A 3 -0.27 1.62 20.52
N GLN A 4 -1.10 2.68 20.51
CA GLN A 4 -2.55 2.54 20.58
C GLN A 4 -3.04 1.85 19.30
N GLU A 5 -3.65 0.66 19.44
CA GLU A 5 -4.52 0.12 18.38
C GLU A 5 -5.88 0.82 18.50
N SER A 6 -6.71 0.36 19.44
CA SER A 6 -8.15 0.63 19.50
C SER A 6 -8.79 0.46 18.12
N TYR A 7 -8.86 -0.79 17.66
CA TYR A 7 -9.75 -1.30 16.62
C TYR A 7 -9.82 -0.37 15.42
N SER A 8 -8.71 -0.35 14.72
CA SER A 8 -8.48 0.56 13.63
C SER A 8 -7.73 -0.19 12.55
N GLN A 9 -8.41 -0.55 11.46
CA GLN A 9 -7.84 -1.05 10.23
C GLN A 9 -8.80 -0.68 9.08
N TYR A 10 -8.59 -1.18 7.86
CA TYR A 10 -9.49 -0.99 6.73
C TYR A 10 -10.55 -2.10 6.71
N PRO A 11 -11.69 -1.88 6.04
CA PRO A 11 -12.56 -2.98 5.63
C PRO A 11 -11.84 -3.80 4.56
N VAL A 12 -12.46 -4.89 4.08
CA VAL A 12 -11.85 -5.85 3.17
C VAL A 12 -12.43 -5.65 1.76
N PRO A 13 -11.86 -4.73 0.93
CA PRO A 13 -12.39 -4.48 -0.40
C PRO A 13 -12.15 -5.68 -1.32
N ASP A 14 -12.98 -5.84 -2.34
CA ASP A 14 -12.92 -6.99 -3.25
C ASP A 14 -13.08 -6.57 -4.71
N VAL A 15 -12.20 -7.07 -5.58
CA VAL A 15 -12.17 -6.78 -7.01
C VAL A 15 -13.49 -7.10 -7.73
N SER A 16 -14.30 -8.03 -7.21
CA SER A 16 -15.62 -8.34 -7.73
C SER A 16 -16.57 -7.13 -7.65
N THR A 17 -16.20 -6.07 -6.92
CA THR A 17 -17.00 -4.87 -6.75
C THR A 17 -16.33 -3.64 -7.41
N TYR A 18 -15.17 -3.81 -8.06
CA TYR A 18 -14.48 -2.69 -8.70
C TYR A 18 -15.12 -2.40 -10.05
N GLN A 19 -14.78 -1.24 -10.61
CA GLN A 19 -15.19 -0.80 -11.94
C GLN A 19 -14.00 -0.94 -12.88
N TYR A 20 -14.07 -1.85 -13.85
CA TYR A 20 -13.10 -1.90 -14.91
C TYR A 20 -13.15 -0.58 -15.68
N ASP A 21 -11.98 -0.05 -16.02
CA ASP A 21 -11.78 1.27 -16.63
C ASP A 21 -11.15 1.12 -18.00
N GLU A 22 -11.91 0.61 -18.97
CA GLU A 22 -11.37 0.19 -20.27
C GLU A 22 -10.73 1.31 -21.11
N THR A 23 -10.81 2.52 -20.60
CA THR A 23 -10.05 3.69 -21.00
C THR A 23 -8.54 3.53 -20.70
N SER A 24 -8.14 2.73 -19.70
CA SER A 24 -6.74 2.42 -19.40
C SER A 24 -6.49 0.90 -19.31
N GLY A 25 -7.49 0.10 -18.97
CA GLY A 25 -7.36 -1.36 -18.92
C GLY A 25 -7.08 -1.86 -17.50
N TYR A 26 -7.19 -0.99 -16.49
CA TYR A 26 -7.01 -1.30 -15.08
C TYR A 26 -8.40 -1.47 -14.41
N TYR A 27 -8.45 -1.81 -13.13
CA TYR A 27 -9.68 -1.72 -12.35
C TYR A 27 -9.57 -0.45 -11.50
N TYR A 28 -10.67 0.29 -11.37
CA TYR A 28 -10.82 1.44 -10.50
C TYR A 28 -11.60 0.98 -9.28
N ASP A 29 -11.16 1.38 -8.09
CA ASP A 29 -11.66 0.90 -6.83
C ASP A 29 -12.44 2.04 -6.16
N PRO A 30 -13.74 2.23 -6.46
CA PRO A 30 -14.53 3.30 -5.86
C PRO A 30 -14.66 3.18 -4.33
N GLN A 31 -14.31 2.01 -3.78
CA GLN A 31 -14.34 1.73 -2.35
C GLN A 31 -13.42 2.67 -1.57
N THR A 32 -12.34 3.16 -2.21
CA THR A 32 -11.34 4.02 -1.57
C THR A 32 -10.74 5.07 -2.51
N GLY A 33 -10.85 4.90 -3.83
CA GLY A 33 -10.33 5.85 -4.81
C GLY A 33 -8.99 5.44 -5.43
N LEU A 34 -8.52 4.23 -5.15
CA LEU A 34 -7.30 3.66 -5.74
C LEU A 34 -7.64 2.98 -7.08
N TYR A 35 -6.64 2.41 -7.75
CA TYR A 35 -6.82 1.44 -8.83
C TYR A 35 -6.15 0.12 -8.44
N TYR A 36 -6.56 -0.96 -9.09
CA TYR A 36 -6.03 -2.31 -9.01
C TYR A 36 -5.72 -2.81 -10.44
N ASP A 37 -4.97 -3.90 -10.59
CA ASP A 37 -4.63 -4.50 -11.87
C ASP A 37 -4.75 -6.02 -11.74
N PRO A 38 -5.21 -6.75 -12.77
CA PRO A 38 -5.42 -8.18 -12.65
C PRO A 38 -4.13 -9.00 -12.57
N ASN A 39 -3.05 -8.53 -13.20
CA ASN A 39 -1.73 -9.13 -13.15
C ASN A 39 -0.95 -8.59 -11.96
N SER A 40 -1.22 -7.36 -11.53
CA SER A 40 -0.50 -6.69 -10.46
C SER A 40 -1.44 -6.40 -9.31
N GLN A 41 -1.47 -7.29 -8.31
CA GLN A 41 -2.11 -7.01 -7.02
C GLN A 41 -1.42 -5.83 -6.29
N TYR A 42 -0.35 -5.27 -6.88
CA TYR A 42 0.20 -3.98 -6.56
C TYR A 42 -0.78 -2.92 -7.07
N TYR A 43 -1.60 -2.41 -6.15
CA TYR A 43 -2.54 -1.33 -6.39
C TYR A 43 -1.80 -0.08 -6.87
N TYR A 44 -2.50 0.77 -7.61
CA TYR A 44 -2.00 2.03 -8.12
C TYR A 44 -2.71 3.16 -7.39
N ASN A 45 -1.93 3.89 -6.62
CA ASN A 45 -2.36 5.06 -5.87
C ASN A 45 -2.24 6.29 -6.75
N ALA A 46 -3.25 6.50 -7.61
CA ALA A 46 -3.35 7.68 -8.48
C ALA A 46 -3.02 8.97 -7.72
N GLN A 47 -3.47 9.04 -6.46
CA GLN A 47 -3.36 10.16 -5.54
C GLN A 47 -1.96 10.79 -5.54
N SER A 48 -0.91 9.97 -5.63
CA SER A 48 0.47 10.42 -5.71
C SER A 48 1.26 9.64 -6.78
N GLN A 49 0.57 8.94 -7.68
CA GLN A 49 1.12 8.01 -8.68
C GLN A 49 1.92 6.85 -8.08
N GLN A 50 1.81 6.61 -6.78
CA GLN A 50 2.56 5.57 -6.09
C GLN A 50 1.99 4.18 -6.35
N TYR A 51 2.74 3.15 -5.99
CA TYR A 51 2.31 1.76 -6.00
C TYR A 51 2.25 1.22 -4.58
N LEU A 52 1.14 0.56 -4.27
CA LEU A 52 0.78 0.04 -2.95
C LEU A 52 0.38 -1.43 -3.08
N TYR A 53 0.01 -2.08 -2.00
CA TYR A 53 -0.68 -3.37 -2.01
C TYR A 53 -1.67 -3.44 -0.85
N TRP A 54 -2.67 -4.30 -1.00
CA TRP A 54 -3.61 -4.68 0.06
C TRP A 54 -2.99 -5.87 0.79
N ASP A 55 -2.85 -5.78 2.12
CA ASP A 55 -2.32 -6.89 2.91
C ASP A 55 -3.33 -7.32 3.96
N GLY A 56 -3.93 -8.49 3.75
CA GLY A 56 -5.01 -8.99 4.57
C GLY A 56 -4.60 -9.45 5.96
N GLU A 57 -3.32 -9.40 6.33
CA GLU A 57 -2.91 -9.65 7.70
C GLU A 57 -3.23 -8.44 8.58
N ARG A 58 -2.73 -7.28 8.17
CA ARG A 58 -2.87 -6.02 8.89
C ARG A 58 -4.15 -5.31 8.45
N ARG A 59 -4.82 -5.82 7.41
CA ARG A 59 -5.99 -5.23 6.77
C ARG A 59 -5.75 -3.73 6.57
N THR A 60 -4.72 -3.38 5.82
CA THR A 60 -4.46 -1.99 5.50
C THR A 60 -3.79 -1.92 4.12
N TYR A 61 -3.49 -0.71 3.67
CA TYR A 61 -2.71 -0.45 2.45
C TYR A 61 -1.30 -0.03 2.82
N VAL A 62 -0.32 -0.65 2.18
CA VAL A 62 1.11 -0.46 2.35
C VAL A 62 1.79 -0.17 1.01
N PRO A 63 2.94 0.51 0.96
CA PRO A 63 3.70 0.71 -0.28
C PRO A 63 4.34 -0.59 -0.77
N ALA A 64 4.18 -0.91 -2.06
CA ALA A 64 4.74 -2.09 -2.70
C ALA A 64 6.05 -1.71 -3.39
N LEU A 65 7.05 -1.31 -2.61
CA LEU A 65 8.24 -0.64 -3.12
C LEU A 65 9.47 -1.39 -2.64
N GLU A 66 10.04 -2.27 -3.47
CA GLU A 66 11.11 -3.24 -3.15
C GLU A 66 10.63 -4.44 -2.33
N GLN A 67 9.42 -4.33 -1.77
CA GLN A 67 8.63 -5.42 -1.22
C GLN A 67 8.65 -6.61 -2.18
N SER A 68 9.16 -7.73 -1.70
CA SER A 68 9.31 -9.02 -2.34
C SER A 68 9.88 -9.96 -1.28
N ALA A 69 9.05 -10.90 -0.81
CA ALA A 69 9.38 -11.94 0.15
C ALA A 69 9.91 -11.41 1.49
N ASP A 70 10.32 -12.34 2.33
CA ASP A 70 10.62 -12.15 3.74
C ASP A 70 12.12 -12.18 3.91
N GLY A 71 12.69 -11.06 4.34
CA GLY A 71 14.11 -10.85 4.56
C GLY A 71 14.40 -10.01 5.82
N HIS A 72 13.45 -9.94 6.76
CA HIS A 72 13.49 -9.23 8.04
C HIS A 72 13.89 -7.75 7.86
N LYS A 73 13.21 -7.03 6.96
CA LYS A 73 13.43 -5.61 6.70
C LYS A 73 12.07 -4.93 6.62
N GLU A 74 12.00 -3.63 6.95
CA GLU A 74 10.81 -2.81 6.74
C GLU A 74 10.68 -2.55 5.24
N THR A 75 10.28 -3.54 4.45
CA THR A 75 9.98 -3.37 3.03
C THR A 75 11.24 -3.17 2.18
N GLY A 76 12.15 -2.29 2.60
CA GLY A 76 13.04 -1.60 1.70
C GLY A 76 13.75 -0.44 2.39
N ALA A 77 14.29 -0.66 3.59
CA ALA A 77 15.14 0.30 4.28
C ALA A 77 16.56 -0.24 4.48
N PRO A 78 17.33 -0.39 3.38
CA PRO A 78 18.68 -0.97 3.36
C PRO A 78 19.78 -0.07 3.95
N SER A 79 19.47 1.16 4.35
CA SER A 79 20.31 2.05 5.19
C SER A 79 21.77 2.23 4.75
N LYS A 80 22.08 2.13 3.45
CA LYS A 80 23.40 2.50 2.89
C LYS A 80 23.24 3.45 1.72
N GLU A 81 22.18 4.27 1.72
CA GLU A 81 21.95 5.33 0.75
C GLU A 81 21.76 6.68 1.45
N GLY A 82 22.14 6.79 2.72
CA GLY A 82 22.20 8.06 3.45
C GLY A 82 20.86 8.52 4.00
N LYS A 83 19.76 7.77 3.80
CA LYS A 83 18.49 7.99 4.49
C LYS A 83 18.36 7.04 5.67
N GLU A 84 19.45 6.35 6.04
CA GLU A 84 19.67 5.45 7.18
C GLU A 84 19.28 6.03 8.56
N LYS A 85 19.08 7.35 8.62
CA LYS A 85 18.75 8.10 9.83
C LYS A 85 17.36 8.71 9.72
N LYS A 86 16.61 8.43 8.65
CA LYS A 86 15.36 9.14 8.40
C LYS A 86 14.33 8.29 7.68
N GLU A 87 14.28 6.98 7.95
CA GLU A 87 13.47 6.01 7.23
C GLU A 87 12.06 6.54 6.98
N LYS A 88 11.29 6.89 8.02
CA LYS A 88 10.00 7.55 7.82
C LYS A 88 10.21 8.99 7.38
N HIS A 89 10.55 9.88 8.32
CA HIS A 89 10.68 11.32 8.07
C HIS A 89 11.68 11.95 9.05
N LYS A 90 12.72 11.22 9.46
CA LYS A 90 13.67 11.66 10.51
C LYS A 90 12.93 11.88 11.84
N THR A 91 11.77 11.27 12.02
CA THR A 91 10.92 11.43 13.18
C THR A 91 11.61 10.85 14.42
N LYS A 92 11.13 11.17 15.63
CA LYS A 92 11.46 10.38 16.81
C LYS A 92 10.41 9.29 16.82
N GLY A 1 -10.94 -2.62 25.07
CA GLY A 1 -11.23 -1.98 26.36
C GLY A 1 -11.80 -0.60 26.10
N HIS A 2 -11.19 0.47 26.64
CA HIS A 2 -11.47 1.80 26.09
C HIS A 2 -10.77 1.93 24.74
N MET A 3 -11.32 2.77 23.86
CA MET A 3 -10.83 3.01 22.51
C MET A 3 -10.58 4.52 22.33
N GLN A 4 -9.83 4.88 21.30
CA GLN A 4 -9.66 6.24 20.81
C GLN A 4 -9.62 6.19 19.29
N GLU A 5 -8.64 5.48 18.75
CA GLU A 5 -8.32 5.49 17.32
C GLU A 5 -8.93 4.29 16.60
N SER A 6 -9.13 3.18 17.32
CA SER A 6 -9.63 1.90 16.83
C SER A 6 -8.94 1.49 15.52
N TYR A 7 -7.66 1.12 15.58
CA TYR A 7 -6.97 0.50 14.46
C TYR A 7 -6.78 -0.99 14.73
N SER A 8 -6.70 -1.77 13.65
CA SER A 8 -6.69 -3.22 13.69
C SER A 8 -6.26 -3.74 12.32
N GLN A 9 -6.43 -5.04 12.07
CA GLN A 9 -6.31 -5.61 10.75
C GLN A 9 -7.46 -5.12 9.85
N TYR A 10 -7.27 -5.33 8.55
CA TYR A 10 -8.18 -4.97 7.49
C TYR A 10 -9.09 -6.17 7.13
N PRO A 11 -10.22 -5.95 6.43
CA PRO A 11 -11.12 -7.02 5.97
C PRO A 11 -10.51 -7.82 4.81
N VAL A 12 -11.28 -8.75 4.23
CA VAL A 12 -10.91 -9.55 3.07
C VAL A 12 -11.70 -9.05 1.86
N PRO A 13 -11.23 -8.03 1.13
CA PRO A 13 -11.86 -7.60 -0.11
C PRO A 13 -11.74 -8.72 -1.17
N ASP A 14 -12.60 -8.72 -2.18
CA ASP A 14 -12.45 -9.61 -3.34
C ASP A 14 -12.59 -8.77 -4.60
N VAL A 15 -11.69 -8.99 -5.57
CA VAL A 15 -11.70 -8.30 -6.85
C VAL A 15 -13.04 -8.51 -7.59
N SER A 16 -13.79 -9.58 -7.32
CA SER A 16 -15.12 -9.79 -7.87
C SER A 16 -16.11 -8.68 -7.49
N THR A 17 -15.86 -7.90 -6.43
CA THR A 17 -16.78 -6.86 -5.97
C THR A 17 -16.16 -5.46 -6.03
N TYR A 18 -15.06 -5.31 -6.77
CA TYR A 18 -14.59 -4.03 -7.26
C TYR A 18 -15.53 -3.54 -8.37
N GLN A 19 -15.52 -2.24 -8.65
CA GLN A 19 -16.30 -1.57 -9.71
C GLN A 19 -15.40 -1.05 -10.84
N TYR A 20 -15.49 -1.57 -12.08
CA TYR A 20 -14.65 -1.19 -13.22
C TYR A 20 -14.90 0.24 -13.71
N ASP A 21 -13.90 0.84 -14.39
CA ASP A 21 -14.04 2.06 -15.16
C ASP A 21 -13.46 1.81 -16.54
N GLU A 22 -14.32 1.59 -17.53
CA GLU A 22 -13.96 1.51 -18.95
C GLU A 22 -13.15 2.72 -19.41
N THR A 23 -13.35 3.90 -18.80
CA THR A 23 -12.72 5.13 -19.23
C THR A 23 -11.19 5.11 -19.01
N SER A 24 -10.67 4.26 -18.11
CA SER A 24 -9.23 4.12 -17.86
C SER A 24 -8.75 2.67 -17.75
N GLY A 25 -9.67 1.69 -17.70
CA GLY A 25 -9.37 0.28 -17.83
C GLY A 25 -8.88 -0.37 -16.53
N TYR A 26 -8.89 0.36 -15.42
CA TYR A 26 -8.54 -0.16 -14.11
C TYR A 26 -9.84 -0.50 -13.36
N TYR A 27 -9.67 -1.19 -12.25
CA TYR A 27 -10.72 -1.56 -11.31
C TYR A 27 -10.63 -0.64 -10.10
N TYR A 28 -11.75 -0.18 -9.54
CA TYR A 28 -11.80 0.68 -8.37
C TYR A 28 -12.29 -0.14 -7.21
N ASP A 29 -11.73 0.11 -6.03
CA ASP A 29 -11.76 -0.80 -4.92
C ASP A 29 -12.52 -0.13 -3.78
N PRO A 30 -13.87 -0.07 -3.81
CA PRO A 30 -14.68 0.66 -2.84
C PRO A 30 -14.58 0.12 -1.42
N GLN A 31 -13.87 -0.99 -1.21
CA GLN A 31 -13.57 -1.49 0.11
C GLN A 31 -12.55 -0.60 0.82
N THR A 32 -11.71 0.14 0.07
CA THR A 32 -10.64 0.96 0.63
C THR A 32 -10.40 2.29 -0.10
N GLY A 33 -10.91 2.48 -1.32
CA GLY A 33 -10.66 3.68 -2.11
C GLY A 33 -9.42 3.57 -3.00
N LEU A 34 -8.86 2.37 -3.17
CA LEU A 34 -7.71 2.10 -4.01
C LEU A 34 -8.18 1.78 -5.44
N TYR A 35 -7.25 1.53 -6.38
CA TYR A 35 -7.55 0.88 -7.65
C TYR A 35 -6.67 -0.35 -7.82
N TYR A 36 -7.14 -1.38 -8.52
CA TYR A 36 -6.46 -2.63 -8.83
C TYR A 36 -6.30 -2.76 -10.35
N ASP A 37 -5.24 -3.45 -10.80
CA ASP A 37 -5.05 -3.81 -12.19
C ASP A 37 -5.05 -5.34 -12.33
N PRO A 38 -5.61 -5.91 -13.42
CA PRO A 38 -5.77 -7.35 -13.57
C PRO A 38 -4.52 -8.08 -14.06
N ASN A 39 -3.57 -7.41 -14.71
CA ASN A 39 -2.23 -7.90 -14.93
C ASN A 39 -1.44 -7.73 -13.65
N SER A 40 -1.62 -6.60 -12.97
CA SER A 40 -0.66 -6.04 -12.04
C SER A 40 -1.30 -5.83 -10.67
N GLN A 41 -1.13 -6.80 -9.77
CA GLN A 41 -1.75 -6.86 -8.45
C GLN A 41 -1.33 -5.71 -7.51
N TYR A 42 -0.54 -4.76 -8.01
CA TYR A 42 -0.06 -3.62 -7.27
C TYR A 42 -1.18 -2.58 -7.21
N TYR A 43 -1.86 -2.57 -6.08
CA TYR A 43 -2.94 -1.66 -5.76
C TYR A 43 -2.41 -0.23 -5.81
N TYR A 44 -2.99 0.60 -6.67
CA TYR A 44 -2.65 2.00 -6.80
C TYR A 44 -3.33 2.77 -5.66
N ASN A 45 -2.60 3.70 -5.09
CA ASN A 45 -3.04 4.64 -4.06
C ASN A 45 -2.94 6.03 -4.64
N ALA A 46 -4.00 6.45 -5.34
CA ALA A 46 -4.20 7.75 -5.97
C ALA A 46 -3.79 8.90 -5.05
N GLN A 47 -4.13 8.77 -3.76
CA GLN A 47 -3.87 9.73 -2.69
C GLN A 47 -2.43 10.27 -2.71
N SER A 48 -1.48 9.38 -2.99
CA SER A 48 -0.05 9.65 -3.00
C SER A 48 0.56 9.13 -4.30
N GLN A 49 -0.28 8.80 -5.29
CA GLN A 49 0.01 8.14 -6.56
C GLN A 49 0.97 6.94 -6.44
N GLN A 50 0.90 6.26 -5.30
CA GLN A 50 1.80 5.24 -4.82
C GLN A 50 1.32 3.86 -5.26
N TYR A 51 2.22 2.86 -5.20
CA TYR A 51 1.91 1.46 -5.47
C TYR A 51 2.01 0.69 -4.16
N LEU A 52 0.99 -0.12 -3.90
CA LEU A 52 0.80 -0.93 -2.72
C LEU A 52 0.50 -2.37 -3.17
N TYR A 53 0.34 -3.28 -2.24
CA TYR A 53 -0.22 -4.60 -2.45
C TYR A 53 -1.15 -4.89 -1.28
N TRP A 54 -2.21 -5.67 -1.55
CA TRP A 54 -2.96 -6.31 -0.48
C TRP A 54 -2.06 -7.43 0.02
N ASP A 55 -1.99 -7.60 1.34
CA ASP A 55 -1.18 -8.65 1.93
C ASP A 55 -2.02 -9.38 2.96
N GLY A 56 -2.62 -10.50 2.54
CA GLY A 56 -3.50 -11.31 3.36
C GLY A 56 -2.73 -12.07 4.45
N GLU A 57 -1.39 -12.02 4.48
CA GLU A 57 -0.59 -12.59 5.54
C GLU A 57 -0.78 -11.70 6.77
N ARG A 58 -0.44 -10.42 6.61
CA ARG A 58 -0.53 -9.39 7.63
C ARG A 58 -1.94 -8.83 7.79
N ARG A 59 -2.79 -9.04 6.79
CA ARG A 59 -4.14 -8.50 6.65
C ARG A 59 -4.10 -6.98 6.75
N THR A 60 -3.33 -6.37 5.85
CA THR A 60 -3.23 -4.92 5.69
C THR A 60 -2.80 -4.62 4.24
N TYR A 61 -2.60 -3.34 3.91
CA TYR A 61 -2.05 -2.90 2.63
C TYR A 61 -0.66 -2.29 2.87
N VAL A 62 0.31 -2.74 2.10
CA VAL A 62 1.74 -2.44 2.25
C VAL A 62 2.31 -1.89 0.94
N PRO A 63 3.40 -1.10 0.94
CA PRO A 63 3.97 -0.52 -0.28
C PRO A 63 4.74 -1.58 -1.09
N ALA A 64 4.39 -1.77 -2.37
CA ALA A 64 4.86 -2.93 -3.13
C ALA A 64 6.23 -2.77 -3.81
N LEU A 65 6.98 -1.76 -3.42
CA LEU A 65 8.18 -1.34 -4.12
C LEU A 65 9.35 -2.22 -3.69
N GLU A 66 10.03 -1.90 -2.58
CA GLU A 66 11.11 -2.70 -2.04
C GLU A 66 10.59 -4.05 -1.54
N GLN A 67 9.48 -4.04 -0.79
CA GLN A 67 9.02 -5.19 -0.02
C GLN A 67 10.18 -5.78 0.82
N SER A 68 11.05 -4.90 1.32
CA SER A 68 12.23 -5.21 2.12
C SER A 68 12.78 -3.90 2.70
N ALA A 69 11.87 -3.12 3.29
CA ALA A 69 12.10 -1.78 3.80
C ALA A 69 11.54 -1.64 5.21
N ASP A 70 12.18 -0.80 6.02
CA ASP A 70 11.69 -0.48 7.36
C ASP A 70 10.38 0.31 7.30
N GLY A 71 10.35 1.35 6.46
CA GLY A 71 9.25 2.28 6.32
C GLY A 71 8.79 2.34 4.87
N HIS A 72 7.99 3.37 4.54
CA HIS A 72 7.39 3.54 3.23
C HIS A 72 8.44 3.62 2.11
N LYS A 73 9.34 4.62 2.22
CA LYS A 73 10.30 5.05 1.19
C LYS A 73 9.62 5.25 -0.17
N GLU A 74 10.39 5.47 -1.23
CA GLU A 74 9.92 5.53 -2.62
C GLU A 74 10.88 4.69 -3.46
N THR A 75 10.67 4.66 -4.77
CA THR A 75 11.47 3.89 -5.70
C THR A 75 12.95 4.27 -5.61
N GLY A 76 13.23 5.56 -5.45
CA GLY A 76 14.56 6.11 -5.35
C GLY A 76 14.49 7.40 -4.54
N ALA A 77 13.96 8.46 -5.15
CA ALA A 77 13.93 9.85 -4.66
C ALA A 77 15.34 10.41 -4.40
N PRO A 78 15.53 11.73 -4.24
CA PRO A 78 16.81 12.28 -3.83
C PRO A 78 17.03 11.96 -2.34
N SER A 79 18.08 11.20 -1.99
CA SER A 79 18.44 10.85 -0.63
C SER A 79 17.23 10.43 0.20
N LYS A 80 16.69 9.24 -0.07
CA LYS A 80 15.58 8.69 0.72
C LYS A 80 15.71 7.19 0.96
N GLU A 81 16.62 6.52 0.26
CA GLU A 81 16.84 5.08 0.35
C GLU A 81 17.37 4.62 1.73
N GLY A 82 17.68 5.54 2.65
CA GLY A 82 18.24 5.25 3.97
C GLY A 82 19.77 5.36 4.00
N LYS A 83 20.45 5.36 2.84
CA LYS A 83 21.80 5.89 2.68
C LYS A 83 21.75 7.43 2.60
N GLU A 84 20.57 8.01 2.79
CA GLU A 84 20.17 9.37 2.39
C GLU A 84 21.26 10.40 2.70
N LYS A 85 21.64 10.46 3.97
CA LYS A 85 22.61 11.36 4.56
C LYS A 85 23.69 10.55 5.27
N LYS A 86 24.01 9.35 4.76
CA LYS A 86 24.90 8.38 5.40
C LYS A 86 24.46 8.05 6.84
N GLU A 87 25.37 7.46 7.62
CA GLU A 87 25.24 7.12 9.03
C GLU A 87 23.90 6.48 9.37
N LYS A 88 23.69 5.26 8.84
CA LYS A 88 22.59 4.41 9.29
C LYS A 88 22.86 4.02 10.74
N HIS A 89 21.85 4.16 11.58
CA HIS A 89 21.84 3.76 12.98
C HIS A 89 20.42 3.29 13.32
N LYS A 90 20.14 2.93 14.58
CA LYS A 90 18.81 2.43 14.94
C LYS A 90 17.81 3.59 15.05
N THR A 91 16.63 3.31 15.62
CA THR A 91 15.59 4.29 15.84
C THR A 91 14.73 3.77 17.00
N LYS A 92 14.14 4.69 17.78
CA LYS A 92 13.33 4.42 18.98
C LYS A 92 14.06 3.46 19.94
N GLY A 1 6.82 3.99 29.21
CA GLY A 1 6.99 3.95 27.74
C GLY A 1 6.28 2.73 27.19
N HIS A 2 6.74 2.22 26.05
CA HIS A 2 6.20 1.09 25.28
C HIS A 2 4.92 1.52 24.55
N MET A 3 4.67 0.97 23.37
CA MET A 3 3.61 1.42 22.47
C MET A 3 3.09 0.25 21.63
N GLN A 4 2.55 0.53 20.46
CA GLN A 4 1.92 -0.37 19.49
C GLN A 4 2.41 0.03 18.09
N GLU A 5 1.93 -0.63 17.03
CA GLU A 5 2.23 -0.23 15.66
C GLU A 5 1.39 0.99 15.22
N SER A 6 0.25 1.22 15.88
CA SER A 6 -0.84 2.05 15.38
C SER A 6 -1.32 1.62 13.97
N TYR A 7 -0.99 0.38 13.58
CA TYR A 7 -1.45 -0.37 12.43
C TYR A 7 -0.84 0.14 11.13
N SER A 8 -0.06 -0.73 10.49
CA SER A 8 0.80 -0.33 9.39
C SER A 8 0.97 -1.44 8.34
N GLN A 9 0.00 -2.35 8.21
CA GLN A 9 -0.08 -3.36 7.16
C GLN A 9 -1.54 -3.54 6.72
N TYR A 10 -1.80 -4.45 5.79
CA TYR A 10 -3.10 -4.71 5.16
C TYR A 10 -3.39 -6.22 5.19
N PRO A 11 -4.63 -6.67 4.93
CA PRO A 11 -4.93 -8.07 4.61
C PRO A 11 -4.28 -8.45 3.27
N VAL A 12 -4.57 -9.63 2.74
CA VAL A 12 -4.18 -10.06 1.40
C VAL A 12 -5.43 -9.98 0.52
N PRO A 13 -5.71 -8.81 -0.10
CA PRO A 13 -6.91 -8.65 -0.90
C PRO A 13 -6.86 -9.56 -2.12
N ASP A 14 -8.02 -9.89 -2.67
CA ASP A 14 -8.15 -10.72 -3.87
C ASP A 14 -9.16 -10.08 -4.81
N VAL A 15 -8.79 -9.90 -6.07
CA VAL A 15 -9.63 -9.33 -7.12
C VAL A 15 -10.86 -10.22 -7.39
N SER A 16 -10.80 -11.53 -7.14
CA SER A 16 -11.92 -12.43 -7.42
C SER A 16 -13.11 -12.21 -6.46
N THR A 17 -13.05 -11.24 -5.55
CA THR A 17 -14.20 -10.81 -4.75
C THR A 17 -14.43 -9.28 -4.87
N TYR A 18 -13.76 -8.58 -5.79
CA TYR A 18 -14.05 -7.16 -6.07
C TYR A 18 -15.41 -6.99 -6.76
N GLN A 19 -15.95 -5.77 -6.67
CA GLN A 19 -17.09 -5.33 -7.46
C GLN A 19 -16.55 -4.88 -8.82
N TYR A 20 -17.17 -5.27 -9.92
CA TYR A 20 -16.99 -4.56 -11.17
C TYR A 20 -17.77 -3.24 -11.13
N ASP A 21 -17.47 -2.33 -12.05
CA ASP A 21 -18.38 -1.26 -12.41
C ASP A 21 -18.26 -1.01 -13.90
N GLU A 22 -19.29 -1.37 -14.66
CA GLU A 22 -19.35 -1.08 -16.10
C GLU A 22 -19.30 0.42 -16.41
N THR A 23 -19.61 1.28 -15.44
CA THR A 23 -19.60 2.74 -15.61
C THR A 23 -18.23 3.22 -16.13
N SER A 24 -17.16 2.56 -15.67
CA SER A 24 -15.79 2.77 -16.13
C SER A 24 -15.26 1.53 -16.84
N GLY A 25 -15.77 0.34 -16.48
CA GLY A 25 -15.28 -0.93 -16.97
C GLY A 25 -14.13 -1.42 -16.09
N TYR A 26 -14.09 -0.99 -14.83
CA TYR A 26 -12.99 -1.18 -13.89
C TYR A 26 -13.52 -2.00 -12.71
N TYR A 27 -12.66 -2.38 -11.77
CA TYR A 27 -13.08 -3.03 -10.54
C TYR A 27 -12.87 -2.08 -9.37
N TYR A 28 -13.68 -2.21 -8.34
CA TYR A 28 -13.69 -1.45 -7.12
C TYR A 28 -13.43 -2.41 -5.96
N ASP A 29 -12.60 -1.97 -5.02
CA ASP A 29 -12.12 -2.72 -3.87
C ASP A 29 -12.76 -2.24 -2.59
N PRO A 30 -13.96 -2.74 -2.19
CA PRO A 30 -14.58 -2.33 -0.93
C PRO A 30 -13.74 -2.65 0.31
N GLN A 31 -12.71 -3.50 0.21
CA GLN A 31 -11.81 -3.81 1.32
C GLN A 31 -10.96 -2.60 1.72
N THR A 32 -10.89 -1.59 0.84
CA THR A 32 -10.19 -0.34 1.06
C THR A 32 -11.13 0.80 0.69
N GLY A 33 -11.52 0.84 -0.58
CA GLY A 33 -12.20 1.94 -1.25
C GLY A 33 -11.44 2.41 -2.49
N LEU A 34 -10.44 1.64 -2.96
CA LEU A 34 -9.65 1.90 -4.17
C LEU A 34 -10.35 1.29 -5.39
N TYR A 35 -9.80 1.51 -6.59
CA TYR A 35 -10.16 0.80 -7.82
C TYR A 35 -8.93 0.03 -8.34
N TYR A 36 -9.15 -0.88 -9.30
CA TYR A 36 -8.17 -1.74 -9.96
C TYR A 36 -8.59 -1.90 -11.43
N ASP A 37 -7.63 -2.22 -12.32
CA ASP A 37 -7.90 -2.51 -13.74
C ASP A 37 -7.29 -3.88 -14.06
N PRO A 38 -7.91 -4.73 -14.89
CA PRO A 38 -7.38 -6.08 -15.14
C PRO A 38 -6.14 -6.05 -16.02
N ASN A 39 -6.08 -5.19 -17.04
CA ASN A 39 -4.93 -5.16 -17.94
C ASN A 39 -3.74 -4.48 -17.29
N SER A 40 -4.00 -3.59 -16.32
CA SER A 40 -3.02 -2.75 -15.64
C SER A 40 -3.23 -2.84 -14.14
N GLN A 41 -2.50 -3.73 -13.47
CA GLN A 41 -2.59 -4.00 -12.04
C GLN A 41 -2.30 -2.76 -11.15
N TYR A 42 -1.94 -1.62 -11.74
CA TYR A 42 -1.80 -0.37 -11.03
C TYR A 42 -3.15 0.01 -10.43
N TYR A 43 -3.24 -0.05 -9.11
CA TYR A 43 -4.41 0.38 -8.36
C TYR A 43 -4.64 1.86 -8.59
N TYR A 44 -5.90 2.27 -8.46
CA TYR A 44 -6.33 3.64 -8.65
C TYR A 44 -6.93 4.15 -7.36
N ASN A 45 -6.29 5.17 -6.82
CA ASN A 45 -6.70 5.91 -5.65
C ASN A 45 -7.45 7.14 -6.13
N ALA A 46 -8.77 7.00 -6.30
CA ALA A 46 -9.67 8.10 -6.65
C ALA A 46 -9.45 9.33 -5.78
N GLN A 47 -9.26 9.14 -4.47
CA GLN A 47 -9.13 10.16 -3.46
C GLN A 47 -8.20 11.29 -3.91
N SER A 48 -7.04 10.92 -4.42
CA SER A 48 -5.99 11.82 -4.85
C SER A 48 -5.70 11.64 -6.35
N GLN A 49 -6.60 10.94 -7.06
CA GLN A 49 -6.53 10.56 -8.48
C GLN A 49 -5.16 10.04 -8.89
N GLN A 50 -4.56 9.15 -8.08
CA GLN A 50 -3.21 8.67 -8.20
C GLN A 50 -3.20 7.18 -8.46
N TYR A 51 -2.26 6.74 -9.28
CA TYR A 51 -2.05 5.33 -9.57
C TYR A 51 -0.87 4.76 -8.80
N LEU A 52 -1.11 3.60 -8.20
CA LEU A 52 -0.30 2.98 -7.17
C LEU A 52 -0.16 1.49 -7.49
N TYR A 53 0.51 0.71 -6.65
CA TYR A 53 0.60 -0.73 -6.76
C TYR A 53 0.38 -1.36 -5.38
N TRP A 54 0.12 -2.66 -5.37
CA TRP A 54 0.01 -3.50 -4.20
C TRP A 54 1.20 -4.41 -4.16
N ASP A 55 1.72 -4.55 -2.95
CA ASP A 55 2.95 -5.19 -2.61
C ASP A 55 2.66 -6.09 -1.42
N GLY A 56 2.03 -7.23 -1.70
CA GLY A 56 1.68 -8.25 -0.73
C GLY A 56 2.87 -8.87 0.02
N GLU A 57 4.09 -8.41 -0.26
CA GLU A 57 5.29 -8.76 0.46
C GLU A 57 5.19 -8.10 1.83
N ARG A 58 5.15 -6.76 1.82
CA ARG A 58 4.93 -5.86 2.96
C ARG A 58 3.47 -5.89 3.41
N ARG A 59 2.56 -6.28 2.52
CA ARG A 59 1.12 -6.06 2.60
C ARG A 59 0.84 -4.57 2.75
N THR A 60 1.08 -3.77 1.71
CA THR A 60 0.64 -2.38 1.72
C THR A 60 0.18 -1.96 0.31
N TYR A 61 -0.16 -0.69 0.13
CA TYR A 61 -0.28 -0.06 -1.19
C TYR A 61 0.71 1.09 -1.23
N VAL A 62 1.52 1.14 -2.27
CA VAL A 62 2.60 2.11 -2.46
C VAL A 62 2.51 2.84 -3.80
N PRO A 63 3.08 4.04 -3.90
CA PRO A 63 2.89 4.87 -5.07
C PRO A 63 3.80 4.45 -6.22
N ALA A 64 3.21 4.32 -7.41
CA ALA A 64 3.89 3.79 -8.60
C ALA A 64 4.79 4.83 -9.28
N LEU A 65 5.65 5.51 -8.52
CA LEU A 65 6.49 6.61 -8.98
C LEU A 65 7.58 6.09 -9.90
N GLU A 66 8.31 5.07 -9.45
CA GLU A 66 9.44 4.47 -10.17
C GLU A 66 9.35 2.96 -10.06
N GLN A 67 9.29 2.44 -8.83
CA GLN A 67 9.21 1.02 -8.50
C GLN A 67 10.48 0.32 -8.96
N SER A 68 11.46 0.19 -8.07
CA SER A 68 12.79 -0.32 -8.41
C SER A 68 13.40 -0.90 -7.15
N ALA A 69 13.51 -2.23 -7.11
CA ALA A 69 13.87 -3.01 -5.93
C ALA A 69 13.06 -2.57 -4.71
N ASP A 70 13.58 -2.83 -3.52
CA ASP A 70 12.96 -2.47 -2.26
C ASP A 70 14.06 -2.43 -1.18
N GLY A 71 13.72 -2.18 0.08
CA GLY A 71 14.66 -2.26 1.20
C GLY A 71 13.92 -2.10 2.52
N HIS A 72 14.65 -1.96 3.63
CA HIS A 72 14.09 -1.44 4.87
C HIS A 72 13.66 0.03 4.73
N LYS A 73 14.18 0.76 3.74
CA LYS A 73 13.88 2.17 3.50
C LYS A 73 12.74 2.32 2.49
N GLU A 74 12.41 3.57 2.17
CA GLU A 74 11.57 3.94 1.04
C GLU A 74 12.35 4.91 0.15
N THR A 75 11.71 5.38 -0.91
CA THR A 75 12.25 6.31 -1.89
C THR A 75 12.57 7.68 -1.27
N GLY A 76 11.80 8.10 -0.26
CA GLY A 76 11.88 9.44 0.31
C GLY A 76 11.21 9.46 1.70
N ALA A 77 11.95 9.02 2.72
CA ALA A 77 11.51 9.00 4.12
C ALA A 77 12.72 9.33 5.03
N PRO A 78 13.02 10.61 5.29
CA PRO A 78 14.20 11.03 6.05
C PRO A 78 14.06 10.88 7.58
N SER A 79 14.29 9.68 8.15
CA SER A 79 14.39 9.45 9.61
C SER A 79 13.05 9.74 10.31
N LYS A 80 12.23 8.70 10.45
CA LYS A 80 10.98 8.79 11.20
C LYS A 80 10.79 7.69 12.23
N GLU A 81 11.39 6.51 12.04
CA GLU A 81 10.91 5.33 12.81
C GLU A 81 11.76 4.07 12.73
N GLY A 82 12.71 4.00 11.80
CA GLY A 82 13.58 2.84 11.61
C GLY A 82 15.01 3.33 11.49
N LYS A 83 15.38 3.79 10.29
CA LYS A 83 16.69 4.38 10.03
C LYS A 83 16.98 5.63 10.87
N GLU A 84 16.00 6.18 11.58
CA GLU A 84 16.19 7.42 12.32
C GLU A 84 17.34 7.30 13.34
N LYS A 85 17.59 6.10 13.85
CA LYS A 85 18.64 5.76 14.81
C LYS A 85 19.49 4.61 14.28
N LYS A 86 19.49 4.41 12.95
CA LYS A 86 20.17 3.30 12.29
C LYS A 86 19.79 1.96 12.91
N GLU A 87 18.51 1.81 13.29
CA GLU A 87 17.92 0.57 13.80
C GLU A 87 18.70 -0.02 14.98
N LYS A 88 19.18 0.84 15.88
CA LYS A 88 19.91 0.49 17.10
C LYS A 88 19.12 -0.51 17.94
N HIS A 89 18.01 -0.09 18.55
CA HIS A 89 17.15 -0.94 19.38
C HIS A 89 15.74 -0.34 19.41
N LYS A 90 14.73 -1.14 19.75
CA LYS A 90 13.34 -0.73 19.93
C LYS A 90 12.83 -1.45 21.17
N THR A 91 11.99 -0.82 21.97
CA THR A 91 11.56 -1.34 23.27
C THR A 91 10.03 -1.29 23.36
N LYS A 92 9.37 -2.14 22.56
CA LYS A 92 7.93 -2.13 22.28
C LYS A 92 7.52 -0.84 21.59
N GLY A 1 -23.24 -18.09 20.69
CA GLY A 1 -22.22 -17.66 21.65
C GLY A 1 -21.12 -16.87 20.94
N HIS A 2 -21.40 -15.62 20.58
CA HIS A 2 -20.41 -14.65 20.13
C HIS A 2 -20.64 -13.35 20.91
N MET A 3 -19.68 -12.43 20.84
CA MET A 3 -19.73 -11.10 21.40
C MET A 3 -19.25 -10.11 20.33
N GLN A 4 -19.10 -8.84 20.71
CA GLN A 4 -18.85 -7.74 19.79
C GLN A 4 -17.55 -7.05 20.17
N GLU A 5 -16.61 -6.99 19.23
CA GLU A 5 -15.34 -6.27 19.41
C GLU A 5 -15.46 -4.81 18.94
N SER A 6 -16.46 -4.48 18.12
CA SER A 6 -16.68 -3.16 17.53
C SER A 6 -15.36 -2.61 16.95
N TYR A 7 -14.77 -3.38 16.04
CA TYR A 7 -13.45 -3.15 15.46
C TYR A 7 -13.51 -3.29 13.94
N SER A 8 -12.37 -3.14 13.26
CA SER A 8 -12.20 -3.25 11.82
C SER A 8 -12.79 -2.00 11.17
N GLN A 9 -11.92 -1.02 10.88
CA GLN A 9 -12.32 0.15 10.11
C GLN A 9 -12.83 -0.24 8.70
N TYR A 10 -12.38 -1.38 8.18
CA TYR A 10 -12.78 -1.97 6.91
C TYR A 10 -12.93 -3.48 7.05
N PRO A 11 -13.58 -4.15 6.09
CA PRO A 11 -13.47 -5.59 5.87
C PRO A 11 -12.06 -5.94 5.37
N VAL A 12 -11.81 -7.20 5.05
CA VAL A 12 -10.51 -7.73 4.68
C VAL A 12 -10.59 -8.21 3.22
N PRO A 13 -10.37 -7.32 2.23
CA PRO A 13 -10.46 -7.63 0.80
C PRO A 13 -9.28 -8.48 0.33
N ASP A 14 -9.31 -8.90 -0.94
CA ASP A 14 -8.36 -9.80 -1.55
C ASP A 14 -8.10 -9.40 -3.01
N VAL A 15 -6.84 -9.31 -3.41
CA VAL A 15 -6.47 -8.94 -4.78
C VAL A 15 -6.95 -9.97 -5.81
N SER A 16 -7.14 -11.25 -5.46
CA SER A 16 -7.62 -12.23 -6.42
C SER A 16 -9.11 -12.04 -6.80
N THR A 17 -9.79 -11.04 -6.24
CA THR A 17 -11.15 -10.65 -6.62
C THR A 17 -11.18 -9.28 -7.32
N TYR A 18 -10.02 -8.62 -7.53
CA TYR A 18 -9.92 -7.30 -8.16
C TYR A 18 -10.28 -7.35 -9.66
N GLN A 19 -10.37 -6.18 -10.31
CA GLN A 19 -10.68 -6.03 -11.74
C GLN A 19 -9.55 -5.41 -12.59
N TYR A 20 -8.78 -6.23 -13.33
CA TYR A 20 -7.63 -5.75 -14.08
C TYR A 20 -8.04 -4.76 -15.18
N ASP A 21 -7.18 -3.78 -15.50
CA ASP A 21 -7.42 -2.82 -16.57
C ASP A 21 -6.26 -2.84 -17.55
N GLU A 22 -6.29 -3.76 -18.51
CA GLU A 22 -5.18 -4.03 -19.43
C GLU A 22 -4.75 -2.83 -20.30
N THR A 23 -5.61 -1.84 -20.45
CA THR A 23 -5.22 -0.53 -21.00
C THR A 23 -3.97 -0.01 -20.30
N SER A 24 -3.90 -0.05 -18.96
CA SER A 24 -2.81 0.60 -18.23
C SER A 24 -2.12 -0.30 -17.19
N GLY A 25 -2.65 -1.50 -16.92
CA GLY A 25 -1.88 -2.61 -16.39
C GLY A 25 -1.95 -2.77 -14.86
N TYR A 26 -2.91 -2.10 -14.21
CA TYR A 26 -3.06 -2.11 -12.76
C TYR A 26 -4.32 -2.90 -12.39
N TYR A 27 -4.52 -3.14 -11.10
CA TYR A 27 -5.61 -3.95 -10.56
C TYR A 27 -6.55 -3.05 -9.77
N TYR A 28 -7.83 -2.98 -10.12
CA TYR A 28 -8.82 -2.11 -9.48
C TYR A 28 -9.53 -2.85 -8.33
N ASP A 29 -9.76 -2.19 -7.19
CA ASP A 29 -10.42 -2.71 -6.00
C ASP A 29 -11.90 -2.31 -5.94
N PRO A 30 -12.84 -3.04 -6.54
CA PRO A 30 -14.25 -2.70 -6.47
C PRO A 30 -14.83 -2.71 -5.05
N GLN A 31 -14.12 -3.22 -4.05
CA GLN A 31 -14.58 -3.13 -2.67
C GLN A 31 -14.62 -1.65 -2.23
N THR A 32 -13.77 -0.78 -2.78
CA THR A 32 -13.64 0.61 -2.35
C THR A 32 -13.61 1.58 -3.53
N GLY A 33 -12.88 1.26 -4.60
CA GLY A 33 -12.71 2.07 -5.79
C GLY A 33 -11.27 2.58 -5.97
N LEU A 34 -10.32 1.93 -5.29
CA LEU A 34 -8.89 2.23 -5.32
C LEU A 34 -8.22 1.35 -6.39
N TYR A 35 -6.91 1.53 -6.61
CA TYR A 35 -6.09 0.69 -7.49
C TYR A 35 -4.92 0.09 -6.71
N TYR A 36 -4.27 -0.92 -7.28
CA TYR A 36 -3.18 -1.74 -6.74
C TYR A 36 -2.28 -2.15 -7.91
N ASP A 37 -1.04 -2.55 -7.63
CA ASP A 37 -0.05 -3.00 -8.62
C ASP A 37 0.51 -4.35 -8.12
N PRO A 38 0.81 -5.32 -9.00
CA PRO A 38 1.34 -6.61 -8.58
C PRO A 38 2.72 -6.51 -7.92
N ASN A 39 3.62 -5.69 -8.48
CA ASN A 39 4.93 -5.42 -7.93
C ASN A 39 4.80 -4.50 -6.73
N SER A 40 3.96 -3.47 -6.84
CA SER A 40 3.86 -2.39 -5.86
C SER A 40 2.60 -2.60 -5.02
N GLN A 41 2.76 -3.19 -3.84
CA GLN A 41 1.66 -3.31 -2.88
C GLN A 41 1.10 -1.93 -2.50
N TYR A 42 1.82 -0.85 -2.78
CA TYR A 42 1.39 0.53 -2.68
C TYR A 42 0.21 0.76 -3.64
N TYR A 43 -0.99 0.86 -3.06
CA TYR A 43 -2.22 1.18 -3.76
C TYR A 43 -2.20 2.62 -4.26
N TYR A 44 -3.16 2.95 -5.11
CA TYR A 44 -3.38 4.28 -5.65
C TYR A 44 -4.81 4.72 -5.33
N ASN A 45 -4.87 5.84 -4.63
CA ASN A 45 -6.04 6.60 -4.29
C ASN A 45 -6.36 7.56 -5.42
N ALA A 46 -7.14 7.10 -6.40
CA ALA A 46 -7.60 7.91 -7.51
C ALA A 46 -8.27 9.21 -7.03
N GLN A 47 -9.00 9.15 -5.91
CA GLN A 47 -9.73 10.24 -5.30
C GLN A 47 -8.89 11.52 -5.19
N SER A 48 -7.74 11.44 -4.52
CA SER A 48 -6.79 12.55 -4.33
C SER A 48 -5.49 12.32 -5.10
N GLN A 49 -5.50 11.44 -6.10
CA GLN A 49 -4.34 11.05 -6.89
C GLN A 49 -3.11 10.70 -6.03
N GLN A 50 -3.33 10.13 -4.84
CA GLN A 50 -2.33 9.83 -3.82
C GLN A 50 -2.03 8.33 -3.77
N TYR A 51 -1.06 7.92 -2.96
CA TYR A 51 -0.67 6.51 -2.81
C TYR A 51 -0.99 6.06 -1.40
N LEU A 52 -1.38 4.81 -1.23
CA LEU A 52 -1.82 4.23 0.05
C LEU A 52 -1.20 2.83 0.20
N TYR A 53 -1.39 2.18 1.34
CA TYR A 53 -1.14 0.77 1.56
C TYR A 53 -2.28 0.22 2.42
N TRP A 54 -2.69 -1.01 2.13
CA TRP A 54 -3.71 -1.70 2.89
C TRP A 54 -2.99 -2.34 4.07
N ASP A 55 -3.09 -1.70 5.24
CA ASP A 55 -2.42 -2.18 6.43
C ASP A 55 -3.36 -3.14 7.13
N GLY A 56 -3.30 -4.41 6.74
CA GLY A 56 -4.09 -5.47 7.33
C GLY A 56 -3.83 -5.61 8.83
N GLU A 57 -2.74 -5.06 9.39
CA GLU A 57 -2.54 -5.09 10.84
C GLU A 57 -3.54 -4.17 11.55
N ARG A 58 -4.08 -3.18 10.85
CA ARG A 58 -5.04 -2.20 11.38
C ARG A 58 -6.36 -2.26 10.63
N ARG A 59 -6.44 -3.10 9.60
CA ARG A 59 -7.55 -3.22 8.66
C ARG A 59 -8.03 -1.84 8.21
N THR A 60 -7.10 -1.05 7.66
CA THR A 60 -7.44 0.26 7.13
C THR A 60 -6.50 0.57 5.97
N TYR A 61 -6.97 1.41 5.04
CA TYR A 61 -6.20 1.90 3.91
C TYR A 61 -5.58 3.23 4.36
N VAL A 62 -4.26 3.29 4.43
CA VAL A 62 -3.49 4.40 5.00
C VAL A 62 -2.48 4.91 3.99
N PRO A 63 -2.03 6.18 4.06
CA PRO A 63 -1.08 6.73 3.10
C PRO A 63 0.27 6.07 3.27
N ALA A 64 0.85 5.61 2.16
CA ALA A 64 2.18 4.99 2.14
C ALA A 64 3.28 5.97 1.76
N LEU A 65 2.93 7.25 1.80
CA LEU A 65 3.83 8.35 1.68
C LEU A 65 4.69 8.36 2.94
N GLU A 66 6.02 8.31 2.77
CA GLU A 66 7.04 8.64 3.76
C GLU A 66 7.19 7.57 4.86
N GLN A 67 6.14 7.31 5.63
CA GLN A 67 6.05 6.33 6.70
C GLN A 67 7.25 6.32 7.67
N SER A 68 7.84 7.50 7.92
CA SER A 68 8.90 7.78 8.89
C SER A 68 10.31 7.31 8.49
N ALA A 69 10.41 6.49 7.46
CA ALA A 69 11.64 5.87 6.99
C ALA A 69 12.45 6.84 6.13
N ASP A 70 13.39 7.56 6.74
CA ASP A 70 14.48 8.33 6.13
C ASP A 70 14.03 9.62 5.44
N GLY A 71 12.89 9.65 4.78
CA GLY A 71 12.23 10.85 4.33
C GLY A 71 11.14 10.50 3.34
N HIS A 72 10.49 11.51 2.77
CA HIS A 72 9.49 11.31 1.73
C HIS A 72 10.10 11.01 0.37
N LYS A 73 11.31 11.55 0.14
CA LYS A 73 12.06 11.33 -1.09
C LYS A 73 11.25 11.80 -2.30
N GLU A 74 11.53 11.23 -3.47
CA GLU A 74 10.67 11.38 -4.63
C GLU A 74 9.31 10.72 -4.35
N THR A 75 8.33 11.12 -5.15
CA THR A 75 6.90 10.74 -5.18
C THR A 75 6.62 9.23 -5.25
N GLY A 76 7.65 8.40 -5.31
CA GLY A 76 7.56 6.98 -5.52
C GLY A 76 8.53 6.33 -4.54
N ALA A 77 9.80 6.20 -4.93
CA ALA A 77 10.94 5.79 -4.10
C ALA A 77 10.63 4.59 -3.20
N PRO A 78 10.48 3.38 -3.76
CA PRO A 78 9.77 2.26 -3.13
C PRO A 78 10.42 1.63 -1.89
N SER A 79 11.72 1.86 -1.66
CA SER A 79 12.55 1.48 -0.50
C SER A 79 12.40 0.05 0.05
N LYS A 80 11.91 -0.89 -0.76
CA LYS A 80 11.71 -2.29 -0.39
C LYS A 80 12.15 -3.21 -1.53
N GLU A 81 13.05 -2.74 -2.40
CA GLU A 81 13.60 -3.54 -3.50
C GLU A 81 15.00 -3.08 -3.93
N GLY A 82 15.79 -2.52 -3.02
CA GLY A 82 17.18 -2.16 -3.31
C GLY A 82 17.72 -1.19 -2.28
N LYS A 83 17.49 0.11 -2.49
CA LYS A 83 18.05 1.19 -1.69
C LYS A 83 17.05 1.52 -0.58
N GLU A 84 16.74 0.48 0.19
CA GLU A 84 15.92 0.52 1.39
C GLU A 84 16.52 1.51 2.39
N LYS A 85 17.80 1.33 2.73
CA LYS A 85 18.62 2.12 3.65
C LYS A 85 20.10 1.91 3.32
N LYS A 86 20.42 1.59 2.05
CA LYS A 86 21.77 1.25 1.63
C LYS A 86 22.50 2.56 1.35
N GLU A 87 23.31 3.00 2.31
CA GLU A 87 23.94 4.32 2.32
C GLU A 87 25.32 4.29 3.00
N LYS A 88 25.53 3.46 4.02
CA LYS A 88 26.80 3.32 4.75
C LYS A 88 27.25 1.86 4.76
N HIS A 89 28.34 1.56 5.48
CA HIS A 89 29.00 0.26 5.57
C HIS A 89 29.42 -0.30 4.21
N LYS A 90 30.70 -0.10 3.89
CA LYS A 90 31.35 -0.59 2.70
C LYS A 90 32.76 -1.05 3.07
N THR A 91 32.96 -2.37 3.10
CA THR A 91 34.22 -3.02 3.38
C THR A 91 34.83 -2.50 4.70
N LYS A 92 34.21 -2.83 5.84
CA LYS A 92 33.76 -1.94 6.90
C LYS A 92 32.49 -1.29 6.35
N GLY A 1 -16.60 -13.17 10.02
CA GLY A 1 -17.84 -13.79 10.53
C GLY A 1 -18.18 -13.23 11.89
N HIS A 2 -18.94 -13.98 12.71
CA HIS A 2 -19.42 -13.55 14.04
C HIS A 2 -20.02 -12.12 14.00
N MET A 3 -20.77 -11.79 12.94
CA MET A 3 -21.41 -10.49 12.69
C MET A 3 -20.44 -9.30 12.61
N GLN A 4 -19.12 -9.51 12.67
CA GLN A 4 -18.08 -8.51 12.82
C GLN A 4 -18.29 -7.32 11.87
N GLU A 5 -18.59 -6.18 12.45
CA GLU A 5 -18.89 -4.94 11.76
C GLU A 5 -17.65 -4.28 11.13
N SER A 6 -16.44 -4.71 11.52
CA SER A 6 -15.18 -4.22 10.96
C SER A 6 -15.07 -2.68 11.02
N TYR A 7 -15.42 -2.08 12.16
CA TYR A 7 -15.51 -0.63 12.35
C TYR A 7 -14.14 0.04 12.50
N SER A 8 -13.09 -0.75 12.64
CA SER A 8 -11.74 -0.38 12.98
C SER A 8 -10.99 0.25 11.80
N GLN A 9 -10.91 1.58 11.76
CA GLN A 9 -10.33 2.45 10.73
C GLN A 9 -10.93 2.28 9.33
N TYR A 10 -10.84 1.10 8.74
CA TYR A 10 -11.52 0.76 7.49
C TYR A 10 -12.23 -0.58 7.65
N PRO A 11 -13.30 -0.83 6.86
CA PRO A 11 -13.82 -2.17 6.65
C PRO A 11 -12.72 -3.04 6.00
N VAL A 12 -12.96 -4.34 5.93
CA VAL A 12 -11.99 -5.35 5.48
C VAL A 12 -12.41 -5.77 4.07
N PRO A 13 -11.98 -5.07 3.00
CA PRO A 13 -12.51 -5.25 1.65
C PRO A 13 -12.15 -6.63 1.08
N ASP A 14 -12.74 -7.01 -0.06
CA ASP A 14 -12.53 -8.35 -0.63
C ASP A 14 -12.58 -8.30 -2.15
N VAL A 15 -11.50 -8.75 -2.79
CA VAL A 15 -11.34 -8.75 -4.24
C VAL A 15 -12.45 -9.54 -4.96
N SER A 16 -13.15 -10.46 -4.29
CA SER A 16 -14.21 -11.26 -4.82
C SER A 16 -15.45 -10.44 -5.25
N THR A 17 -15.55 -9.18 -4.85
CA THR A 17 -16.62 -8.25 -5.24
C THR A 17 -16.05 -7.02 -5.99
N TYR A 18 -14.75 -7.04 -6.34
CA TYR A 18 -14.15 -6.03 -7.21
C TYR A 18 -14.57 -6.27 -8.66
N GLN A 19 -14.51 -5.20 -9.44
CA GLN A 19 -14.69 -5.23 -10.88
C GLN A 19 -13.33 -5.34 -11.57
N TYR A 20 -13.29 -5.95 -12.74
CA TYR A 20 -12.15 -5.93 -13.64
C TYR A 20 -12.35 -4.84 -14.70
N ASP A 21 -11.25 -4.30 -15.23
CA ASP A 21 -11.27 -3.35 -16.35
C ASP A 21 -10.24 -3.76 -17.39
N GLU A 22 -10.69 -4.46 -18.44
CA GLU A 22 -9.84 -5.08 -19.46
C GLU A 22 -9.00 -4.09 -20.26
N THR A 23 -9.37 -2.81 -20.27
CA THR A 23 -8.56 -1.73 -20.84
C THR A 23 -7.17 -1.67 -20.19
N SER A 24 -7.01 -2.15 -18.95
CA SER A 24 -5.76 -2.18 -18.21
C SER A 24 -5.47 -3.53 -17.55
N GLY A 25 -6.49 -4.37 -17.35
CA GLY A 25 -6.38 -5.64 -16.67
C GLY A 25 -5.98 -5.48 -15.20
N TYR A 26 -6.26 -4.32 -14.60
CA TYR A 26 -6.31 -4.15 -13.15
C TYR A 26 -7.74 -4.49 -12.69
N TYR A 27 -7.92 -4.58 -11.38
CA TYR A 27 -9.23 -4.61 -10.75
C TYR A 27 -9.47 -3.28 -10.05
N TYR A 28 -10.73 -2.90 -9.92
CA TYR A 28 -11.22 -1.71 -9.29
C TYR A 28 -11.93 -2.08 -8.00
N ASP A 29 -11.70 -1.32 -6.94
CA ASP A 29 -12.27 -1.42 -5.61
C ASP A 29 -13.45 -0.43 -5.55
N PRO A 30 -14.68 -0.81 -5.96
CA PRO A 30 -15.85 0.06 -5.84
C PRO A 30 -16.24 0.31 -4.38
N GLN A 31 -15.63 -0.41 -3.45
CA GLN A 31 -15.90 -0.31 -2.03
C GLN A 31 -15.36 1.03 -1.48
N THR A 32 -14.44 1.68 -2.21
CA THR A 32 -13.84 2.96 -1.88
C THR A 32 -13.55 3.78 -3.14
N GLY A 33 -12.84 3.20 -4.10
CA GLY A 33 -12.48 3.78 -5.38
C GLY A 33 -11.02 3.55 -5.78
N LEU A 34 -10.30 2.67 -5.09
CA LEU A 34 -8.90 2.32 -5.37
C LEU A 34 -8.82 1.30 -6.52
N TYR A 35 -7.62 0.92 -6.95
CA TYR A 35 -7.39 -0.21 -7.86
C TYR A 35 -6.45 -1.23 -7.20
N TYR A 36 -6.33 -2.42 -7.78
CA TYR A 36 -5.63 -3.61 -7.28
C TYR A 36 -5.12 -4.41 -8.47
N ASP A 37 -3.91 -4.94 -8.40
CA ASP A 37 -3.28 -5.70 -9.48
C ASP A 37 -3.47 -7.19 -9.16
N PRO A 38 -3.72 -8.09 -10.13
CA PRO A 38 -3.93 -9.50 -9.84
C PRO A 38 -2.69 -10.20 -9.28
N ASN A 39 -1.49 -9.89 -9.78
CA ASN A 39 -0.27 -10.61 -9.45
C ASN A 39 0.57 -9.90 -8.40
N SER A 40 0.27 -8.64 -8.16
CA SER A 40 0.90 -7.78 -7.18
C SER A 40 -0.19 -7.18 -6.32
N GLN A 41 -0.35 -7.70 -5.10
CA GLN A 41 -1.40 -7.28 -4.18
C GLN A 41 -1.22 -5.82 -3.71
N TYR A 42 -0.16 -5.11 -4.14
CA TYR A 42 -0.06 -3.66 -4.04
C TYR A 42 -1.21 -3.04 -4.83
N TYR A 43 -2.03 -2.27 -4.12
CA TYR A 43 -3.09 -1.48 -4.68
C TYR A 43 -2.50 -0.27 -5.40
N TYR A 44 -3.32 0.38 -6.23
CA TYR A 44 -3.02 1.63 -6.89
C TYR A 44 -4.05 2.67 -6.46
N ASN A 45 -3.55 3.88 -6.25
CA ASN A 45 -4.22 5.02 -5.69
C ASN A 45 -4.14 6.11 -6.73
N ALA A 46 -5.03 6.03 -7.72
CA ALA A 46 -5.11 6.99 -8.82
C ALA A 46 -5.19 8.44 -8.31
N GLN A 47 -5.83 8.61 -7.15
CA GLN A 47 -6.00 9.86 -6.42
C GLN A 47 -4.70 10.66 -6.29
N SER A 48 -3.57 9.98 -6.10
CA SER A 48 -2.25 10.58 -5.97
C SER A 48 -1.26 9.88 -6.92
N GLN A 49 -1.77 9.09 -7.87
CA GLN A 49 -1.07 8.15 -8.76
C GLN A 49 -0.01 7.29 -8.04
N GLN A 50 -0.28 6.92 -6.78
CA GLN A 50 0.64 6.18 -5.94
C GLN A 50 0.19 4.74 -5.73
N TYR A 51 0.98 3.99 -4.96
CA TYR A 51 0.75 2.60 -4.68
C TYR A 51 0.68 2.40 -3.17
N LEU A 52 -0.24 1.55 -2.74
CA LEU A 52 -0.57 1.30 -1.35
C LEU A 52 -0.59 -0.21 -1.12
N TYR A 53 -0.61 -0.67 0.13
CA TYR A 53 -0.92 -2.05 0.50
C TYR A 53 -2.04 -2.00 1.53
N TRP A 54 -2.88 -3.02 1.56
CA TRP A 54 -3.82 -3.24 2.66
C TRP A 54 -3.07 -4.06 3.70
N ASP A 55 -3.46 -3.93 4.97
CA ASP A 55 -3.04 -4.85 6.02
C ASP A 55 -4.19 -4.98 7.00
N GLY A 56 -4.27 -6.10 7.73
CA GLY A 56 -5.30 -6.32 8.72
C GLY A 56 -4.80 -6.06 10.14
N GLU A 57 -3.50 -5.83 10.35
CA GLU A 57 -3.00 -5.53 11.69
C GLU A 57 -3.42 -4.10 12.02
N ARG A 58 -3.25 -3.18 11.06
CA ARG A 58 -3.56 -1.76 11.23
C ARG A 58 -4.90 -1.37 10.55
N ARG A 59 -5.55 -2.29 9.83
CA ARG A 59 -6.85 -2.12 9.15
C ARG A 59 -6.95 -0.80 8.42
N THR A 60 -6.02 -0.58 7.50
CA THR A 60 -5.98 0.59 6.67
C THR A 60 -5.32 0.21 5.34
N TYR A 61 -5.61 0.96 4.30
CA TYR A 61 -4.70 1.08 3.17
C TYR A 61 -3.55 1.99 3.62
N VAL A 62 -2.31 1.56 3.45
CA VAL A 62 -1.08 2.25 3.84
C VAL A 62 -0.12 2.38 2.65
N PRO A 63 0.78 3.37 2.63
CA PRO A 63 1.67 3.61 1.51
C PRO A 63 2.75 2.54 1.40
N ALA A 64 2.83 1.86 0.25
CA ALA A 64 3.74 0.73 0.05
C ALA A 64 5.11 1.10 -0.52
N LEU A 65 5.43 2.39 -0.47
CA LEU A 65 6.61 2.93 -1.07
C LEU A 65 7.80 2.67 -0.14
N GLU A 66 7.77 3.21 1.08
CA GLU A 66 8.87 3.07 2.05
C GLU A 66 8.76 1.74 2.80
N GLN A 67 7.63 1.49 3.48
CA GLN A 67 7.31 0.30 4.29
C GLN A 67 8.30 0.10 5.46
N SER A 68 8.05 -0.92 6.30
CA SER A 68 8.82 -1.24 7.49
C SER A 68 9.14 0.00 8.34
N ALA A 69 8.08 0.70 8.75
CA ALA A 69 8.16 1.95 9.48
C ALA A 69 8.70 1.71 10.89
N ASP A 70 9.99 1.95 11.11
CA ASP A 70 10.67 1.69 12.38
C ASP A 70 11.66 2.79 12.78
N GLY A 71 12.48 3.25 11.83
CA GLY A 71 13.35 4.41 11.99
C GLY A 71 12.54 5.67 11.72
N HIS A 72 13.02 6.81 12.24
CA HIS A 72 12.33 8.08 12.08
C HIS A 72 12.52 8.57 10.64
N LYS A 73 11.59 8.21 9.75
CA LYS A 73 11.69 8.45 8.30
C LYS A 73 10.36 8.97 7.74
N GLU A 74 10.39 9.57 6.55
CA GLU A 74 9.23 10.12 5.86
C GLU A 74 9.16 9.58 4.46
N THR A 75 7.98 9.76 3.86
CA THR A 75 7.64 9.38 2.51
C THR A 75 8.62 9.90 1.46
N GLY A 76 9.26 11.04 1.73
CA GLY A 76 10.17 11.63 0.79
C GLY A 76 11.44 10.78 0.62
N ALA A 77 11.75 9.91 1.60
CA ALA A 77 12.90 9.03 1.66
C ALA A 77 14.19 9.75 1.25
N PRO A 78 14.67 10.71 2.05
CA PRO A 78 15.88 11.47 1.77
C PRO A 78 17.12 10.58 1.83
N SER A 79 18.21 11.08 1.26
CA SER A 79 19.51 10.43 1.20
C SER A 79 20.60 11.49 1.45
N LYS A 80 20.41 12.30 2.49
CA LYS A 80 21.39 13.29 2.93
C LYS A 80 21.71 13.19 4.43
N GLU A 81 20.96 12.40 5.20
CA GLU A 81 21.00 12.50 6.66
C GLU A 81 20.51 11.18 7.24
N GLY A 82 21.10 10.08 6.76
CA GLY A 82 20.66 8.73 7.00
C GLY A 82 21.25 7.86 5.91
N LYS A 83 20.42 7.30 5.05
CA LYS A 83 20.77 6.27 4.05
C LYS A 83 21.41 6.88 2.81
N GLU A 84 22.14 7.97 2.96
CA GLU A 84 22.78 8.74 1.90
C GLU A 84 23.48 7.83 0.89
N LYS A 85 24.38 6.99 1.39
CA LYS A 85 25.16 6.05 0.61
C LYS A 85 24.62 4.63 0.78
N LYS A 86 23.33 4.45 1.08
CA LYS A 86 22.72 3.15 1.35
C LYS A 86 23.44 2.43 2.49
N GLU A 87 23.85 3.20 3.50
CA GLU A 87 24.46 2.72 4.73
C GLU A 87 25.79 1.99 4.50
N LYS A 88 26.37 2.05 3.30
CA LYS A 88 27.55 1.25 2.99
C LYS A 88 28.80 1.78 3.68
N HIS A 89 28.79 3.03 4.16
CA HIS A 89 29.89 3.74 4.81
C HIS A 89 31.19 3.56 4.02
N LYS A 90 31.47 4.45 3.06
CA LYS A 90 32.56 4.25 2.08
C LYS A 90 32.41 2.88 1.40
N THR A 91 33.47 2.39 0.77
CA THR A 91 33.65 0.95 0.57
C THR A 91 35.09 0.62 0.94
N LYS A 92 35.35 -0.66 1.24
CA LYS A 92 36.48 -1.08 2.07
C LYS A 92 36.52 -0.19 3.30
N GLY A 1 -7.61 -6.76 28.90
CA GLY A 1 -8.98 -7.18 29.23
C GLY A 1 -9.94 -6.45 28.31
N HIS A 2 -10.43 -7.14 27.28
CA HIS A 2 -11.28 -6.58 26.24
C HIS A 2 -12.69 -6.33 26.78
N MET A 3 -13.42 -5.39 26.18
CA MET A 3 -14.85 -5.18 26.38
C MET A 3 -15.38 -4.20 25.33
N GLN A 4 -14.75 -3.03 25.16
CA GLN A 4 -15.03 -2.20 23.99
C GLN A 4 -14.30 -2.82 22.81
N GLU A 5 -14.92 -2.77 21.63
CA GLU A 5 -14.36 -3.36 20.42
C GLU A 5 -13.38 -2.39 19.76
N SER A 6 -13.88 -1.23 19.36
CA SER A 6 -13.18 -0.22 18.57
C SER A 6 -12.43 -0.89 17.40
N TYR A 7 -13.16 -1.35 16.39
CA TYR A 7 -12.56 -1.86 15.17
C TYR A 7 -13.36 -1.37 13.97
N SER A 8 -12.64 -1.11 12.88
CA SER A 8 -13.19 -1.01 11.54
C SER A 8 -12.10 -1.44 10.56
N GLN A 9 -11.65 -2.68 10.73
CA GLN A 9 -10.77 -3.37 9.81
C GLN A 9 -11.57 -3.80 8.57
N TYR A 10 -10.93 -4.47 7.62
CA TYR A 10 -11.47 -4.84 6.32
C TYR A 10 -11.40 -6.37 6.13
N PRO A 11 -12.11 -6.93 5.15
CA PRO A 11 -11.97 -8.33 4.75
C PRO A 11 -10.63 -8.56 4.02
N VAL A 12 -10.46 -9.72 3.41
CA VAL A 12 -9.30 -10.13 2.64
C VAL A 12 -9.70 -10.17 1.15
N PRO A 13 -9.59 -9.06 0.41
CA PRO A 13 -10.00 -8.99 -1.00
C PRO A 13 -9.13 -9.87 -1.91
N ASP A 14 -9.48 -9.97 -3.21
CA ASP A 14 -8.60 -10.55 -4.22
C ASP A 14 -8.92 -9.98 -5.61
N VAL A 15 -7.91 -9.86 -6.49
CA VAL A 15 -8.04 -9.37 -7.85
C VAL A 15 -9.01 -10.16 -8.72
N SER A 16 -9.30 -11.42 -8.38
CA SER A 16 -10.30 -12.22 -9.08
C SER A 16 -11.73 -11.65 -8.91
N THR A 17 -11.92 -10.59 -8.13
CA THR A 17 -13.22 -9.95 -7.91
C THR A 17 -13.34 -8.60 -8.67
N TYR A 18 -12.25 -8.11 -9.25
CA TYR A 18 -12.15 -6.76 -9.83
C TYR A 18 -12.60 -6.73 -11.29
N GLN A 19 -12.77 -5.52 -11.83
CA GLN A 19 -13.16 -5.28 -13.20
C GLN A 19 -12.07 -4.49 -13.92
N TYR A 20 -11.44 -5.06 -14.94
CA TYR A 20 -10.50 -4.34 -15.78
C TYR A 20 -11.22 -3.33 -16.66
N ASP A 21 -10.64 -2.17 -16.89
CA ASP A 21 -11.19 -1.11 -17.73
C ASP A 21 -10.13 -0.62 -18.70
N GLU A 22 -10.15 -1.14 -19.93
CA GLU A 22 -9.22 -0.79 -21.00
C GLU A 22 -9.15 0.72 -21.28
N THR A 23 -10.15 1.48 -20.85
CA THR A 23 -10.23 2.93 -20.99
C THR A 23 -9.10 3.66 -20.21
N SER A 24 -8.46 3.00 -19.24
CA SER A 24 -7.34 3.57 -18.48
C SER A 24 -6.26 2.54 -18.14
N GLY A 25 -6.58 1.24 -18.18
CA GLY A 25 -5.62 0.16 -17.96
C GLY A 25 -5.50 -0.25 -16.49
N TYR A 26 -6.39 0.21 -15.61
CA TYR A 26 -6.39 -0.17 -14.20
C TYR A 26 -7.62 -1.03 -13.94
N TYR A 27 -7.49 -1.92 -12.96
CA TYR A 27 -8.58 -2.72 -12.46
C TYR A 27 -9.38 -1.84 -11.50
N TYR A 28 -10.70 -2.03 -11.40
CA TYR A 28 -11.58 -1.31 -10.49
C TYR A 28 -11.99 -2.25 -9.34
N ASP A 29 -11.95 -1.74 -8.10
CA ASP A 29 -12.27 -2.42 -6.86
C ASP A 29 -13.69 -2.08 -6.40
N PRO A 30 -14.75 -2.76 -6.86
CA PRO A 30 -16.11 -2.44 -6.44
C PRO A 30 -16.38 -2.69 -4.95
N GLN A 31 -15.43 -3.28 -4.22
CA GLN A 31 -15.59 -3.52 -2.80
C GLN A 31 -15.37 -2.21 -2.01
N THR A 32 -14.49 -1.34 -2.49
CA THR A 32 -13.88 -0.24 -1.74
C THR A 32 -13.85 1.08 -2.53
N GLY A 33 -13.98 1.01 -3.86
CA GLY A 33 -14.06 2.16 -4.72
C GLY A 33 -12.72 2.57 -5.31
N LEU A 34 -11.60 1.94 -4.94
CA LEU A 34 -10.30 2.26 -5.48
C LEU A 34 -10.16 1.67 -6.88
N TYR A 35 -8.98 1.89 -7.46
CA TYR A 35 -8.46 1.12 -8.58
C TYR A 35 -7.18 0.40 -8.15
N TYR A 36 -7.03 -0.88 -8.51
CA TYR A 36 -5.81 -1.67 -8.42
C TYR A 36 -5.03 -1.58 -9.75
N ASP A 37 -3.70 -1.74 -9.73
CA ASP A 37 -2.90 -1.83 -10.96
C ASP A 37 -1.99 -3.07 -10.91
N PRO A 38 -1.76 -3.75 -12.05
CA PRO A 38 -0.97 -4.98 -12.07
C PRO A 38 0.53 -4.77 -11.87
N ASN A 39 1.10 -3.61 -12.16
CA ASN A 39 2.45 -3.27 -11.71
C ASN A 39 2.40 -2.71 -10.30
N SER A 40 1.31 -2.03 -9.92
CA SER A 40 1.30 -1.16 -8.76
C SER A 40 0.14 -1.52 -7.84
N GLN A 41 0.43 -2.39 -6.87
CA GLN A 41 -0.47 -2.68 -5.75
C GLN A 41 -0.72 -1.42 -4.90
N TYR A 42 -0.03 -0.31 -5.18
CA TYR A 42 -0.39 1.03 -4.78
C TYR A 42 -1.73 1.37 -5.45
N TYR A 43 -2.82 1.22 -4.70
CA TYR A 43 -4.19 1.52 -5.10
C TYR A 43 -4.36 2.99 -5.44
N TYR A 44 -5.37 3.34 -6.23
CA TYR A 44 -5.75 4.70 -6.57
C TYR A 44 -7.15 4.98 -6.01
N ASN A 45 -7.20 5.80 -4.98
CA ASN A 45 -8.41 6.25 -4.30
C ASN A 45 -8.82 7.54 -5.00
N ALA A 46 -9.40 7.40 -6.19
CA ALA A 46 -9.89 8.49 -7.02
C ALA A 46 -10.76 9.45 -6.21
N GLN A 47 -11.46 8.93 -5.19
CA GLN A 47 -12.34 9.64 -4.28
C GLN A 47 -11.72 10.93 -3.76
N SER A 48 -10.42 10.92 -3.48
CA SER A 48 -9.65 12.09 -3.06
C SER A 48 -8.34 12.16 -3.84
N GLN A 49 -8.29 11.48 -4.99
CA GLN A 49 -7.13 11.13 -5.80
C GLN A 49 -5.94 10.55 -5.01
N GLN A 50 -6.14 10.07 -3.78
CA GLN A 50 -5.04 9.59 -2.94
C GLN A 50 -4.57 8.21 -3.38
N TYR A 51 -3.41 7.82 -2.87
CA TYR A 51 -2.75 6.56 -3.18
C TYR A 51 -2.65 5.79 -1.87
N LEU A 52 -3.17 4.56 -1.80
CA LEU A 52 -3.23 3.69 -0.63
C LEU A 52 -2.57 2.35 -0.93
N TYR A 53 -2.31 1.53 0.09
CA TYR A 53 -1.99 0.12 -0.08
C TYR A 53 -2.80 -0.67 0.94
N TRP A 54 -3.15 -1.90 0.55
CA TRP A 54 -3.68 -2.90 1.46
C TRP A 54 -2.52 -3.34 2.34
N ASP A 55 -2.69 -3.37 3.67
CA ASP A 55 -1.65 -3.88 4.56
C ASP A 55 -2.20 -5.03 5.40
N GLY A 56 -2.05 -6.25 4.91
CA GLY A 56 -2.54 -7.45 5.54
C GLY A 56 -1.96 -7.67 6.94
N GLU A 57 -0.92 -6.95 7.37
CA GLU A 57 -0.45 -7.08 8.76
C GLU A 57 -1.46 -6.48 9.74
N ARG A 58 -2.33 -5.59 9.26
CA ARG A 58 -3.20 -4.71 10.04
C ARG A 58 -4.63 -4.71 9.48
N ARG A 59 -4.85 -5.48 8.40
CA ARG A 59 -6.11 -5.77 7.72
C ARG A 59 -6.96 -4.53 7.50
N THR A 60 -6.38 -3.46 6.99
CA THR A 60 -7.07 -2.25 6.58
C THR A 60 -6.34 -1.72 5.33
N TYR A 61 -6.77 -0.56 4.84
CA TYR A 61 -6.07 0.20 3.81
C TYR A 61 -5.41 1.39 4.50
N VAL A 62 -4.15 1.65 4.14
CA VAL A 62 -3.33 2.74 4.63
C VAL A 62 -2.79 3.54 3.45
N PRO A 63 -2.41 4.81 3.63
CA PRO A 63 -1.90 5.61 2.55
C PRO A 63 -0.49 5.13 2.11
N ALA A 64 -0.22 5.14 0.81
CA ALA A 64 1.03 4.68 0.19
C ALA A 64 1.80 5.84 -0.45
N LEU A 65 1.78 7.00 0.21
CA LEU A 65 2.36 8.24 -0.32
C LEU A 65 3.87 8.17 -0.47
N GLU A 66 4.51 7.45 0.45
CA GLU A 66 5.92 7.10 0.53
C GLU A 66 5.99 6.10 1.70
N GLN A 67 7.00 5.22 1.76
CA GLN A 67 7.40 4.43 2.94
C GLN A 67 8.88 4.00 2.87
N SER A 68 9.69 4.56 1.98
CA SER A 68 11.10 4.18 1.83
C SER A 68 11.97 5.43 1.78
N ALA A 69 12.20 5.99 2.95
CA ALA A 69 12.76 7.32 3.16
C ALA A 69 11.84 8.38 2.52
N ASP A 70 12.37 9.59 2.40
CA ASP A 70 11.65 10.83 2.10
C ASP A 70 12.65 11.77 1.42
N GLY A 71 12.48 12.15 0.16
CA GLY A 71 13.48 12.99 -0.52
C GLY A 71 13.51 12.85 -2.04
N HIS A 72 14.59 13.33 -2.67
CA HIS A 72 14.73 13.58 -4.12
C HIS A 72 14.49 12.41 -5.09
N LYS A 73 14.20 11.22 -4.59
CA LYS A 73 13.94 10.05 -5.42
C LYS A 73 12.50 10.08 -5.92
N GLU A 74 12.08 9.03 -6.61
CA GLU A 74 10.67 8.71 -6.78
C GLU A 74 10.03 8.40 -5.41
N THR A 75 8.75 8.05 -5.43
CA THR A 75 7.89 7.62 -4.32
C THR A 75 8.49 6.52 -3.43
N GLY A 76 9.55 5.85 -3.88
CA GLY A 76 10.16 4.81 -3.11
C GLY A 76 11.46 4.31 -3.75
N ALA A 77 12.16 3.44 -3.04
CA ALA A 77 13.41 2.82 -3.44
C ALA A 77 13.58 1.52 -2.66
N PRO A 78 14.51 0.62 -3.06
CA PRO A 78 15.02 -0.42 -2.19
C PRO A 78 15.70 0.18 -0.95
N SER A 79 15.12 -0.05 0.22
CA SER A 79 15.55 0.40 1.54
C SER A 79 14.68 -0.31 2.58
N LYS A 80 14.71 -1.65 2.58
CA LYS A 80 14.14 -2.47 3.66
C LYS A 80 14.84 -3.80 3.86
N GLU A 81 15.89 -4.08 3.07
CA GLU A 81 16.75 -5.24 3.25
C GLU A 81 18.17 -4.70 3.19
N GLY A 82 18.64 -4.12 4.30
CA GLY A 82 20.05 -3.79 4.51
C GLY A 82 20.29 -2.30 4.38
N LYS A 83 20.35 -1.82 3.13
CA LYS A 83 20.57 -0.42 2.79
C LYS A 83 19.45 0.51 3.28
N GLU A 84 18.46 0.04 4.05
CA GLU A 84 17.49 0.93 4.65
C GLU A 84 18.22 1.99 5.49
N LYS A 85 19.18 1.57 6.34
CA LYS A 85 19.98 2.48 7.17
C LYS A 85 21.49 2.26 7.10
N LYS A 86 21.93 1.23 6.38
CA LYS A 86 23.33 0.92 6.07
C LYS A 86 24.09 0.44 7.32
N GLU A 87 25.31 -0.06 7.13
CA GLU A 87 26.14 -0.52 8.23
C GLU A 87 26.82 0.70 8.85
N LYS A 88 27.79 1.30 8.13
CA LYS A 88 28.84 2.15 8.70
C LYS A 88 29.46 1.46 9.94
N HIS A 89 30.09 2.21 10.84
CA HIS A 89 30.73 1.72 12.08
C HIS A 89 31.61 0.47 11.86
N LYS A 90 32.66 0.59 11.04
CA LYS A 90 33.57 -0.52 10.72
C LYS A 90 35.03 -0.24 11.13
N THR A 91 35.32 0.92 11.70
CA THR A 91 36.69 1.35 12.02
C THR A 91 36.88 1.27 13.54
N LYS A 92 38.11 1.50 14.02
CA LYS A 92 38.42 1.83 15.39
C LYS A 92 39.11 3.18 15.32
N GLY A 1 -4.90 9.29 28.42
CA GLY A 1 -5.83 8.21 28.76
C GLY A 1 -6.10 7.36 27.53
N HIS A 2 -6.05 6.04 27.63
CA HIS A 2 -6.20 5.10 26.53
C HIS A 2 -7.41 4.22 26.84
N MET A 3 -8.56 4.56 26.24
CA MET A 3 -9.86 3.89 26.45
C MET A 3 -10.74 3.88 25.19
N GLN A 4 -10.29 4.46 24.08
CA GLN A 4 -10.81 4.19 22.75
C GLN A 4 -9.64 3.65 21.94
N GLU A 5 -9.92 2.87 20.90
CA GLU A 5 -8.89 2.41 19.98
C GLU A 5 -9.33 2.39 18.49
N SER A 6 -10.54 2.87 18.17
CA SER A 6 -10.93 3.23 16.81
C SER A 6 -10.64 2.10 15.80
N TYR A 7 -11.34 0.97 15.95
CA TYR A 7 -11.07 -0.27 15.24
C TYR A 7 -11.54 -0.14 13.78
N SER A 8 -11.38 -1.20 12.99
CA SER A 8 -11.78 -1.21 11.59
C SER A 8 -10.95 -0.17 10.84
N GLN A 9 -9.69 -0.53 10.57
CA GLN A 9 -8.69 0.26 9.87
C GLN A 9 -9.18 0.54 8.46
N TYR A 10 -9.21 -0.49 7.62
CA TYR A 10 -9.66 -0.38 6.23
C TYR A 10 -10.93 -1.21 5.99
N PRO A 11 -11.73 -0.89 4.96
CA PRO A 11 -12.90 -1.66 4.54
C PRO A 11 -12.51 -2.97 3.83
N VAL A 12 -13.49 -3.73 3.36
CA VAL A 12 -13.34 -5.05 2.74
C VAL A 12 -13.69 -4.92 1.24
N PRO A 13 -12.73 -4.58 0.37
CA PRO A 13 -12.95 -4.62 -1.07
C PRO A 13 -13.12 -6.08 -1.53
N ASP A 14 -13.68 -6.28 -2.73
CA ASP A 14 -14.05 -7.62 -3.23
C ASP A 14 -14.19 -7.61 -4.77
N VAL A 15 -13.37 -6.79 -5.44
CA VAL A 15 -13.34 -6.29 -6.82
C VAL A 15 -14.70 -5.84 -7.43
N SER A 16 -15.82 -6.33 -6.90
CA SER A 16 -17.18 -6.15 -7.36
C SER A 16 -17.68 -4.73 -7.14
N THR A 17 -17.04 -3.93 -6.28
CA THR A 17 -17.39 -2.53 -6.10
C THR A 17 -16.65 -1.64 -7.10
N TYR A 18 -15.61 -2.17 -7.77
CA TYR A 18 -14.61 -1.34 -8.42
C TYR A 18 -15.18 -0.69 -9.66
N GLN A 19 -14.65 0.50 -9.92
CA GLN A 19 -14.88 1.23 -11.16
C GLN A 19 -13.81 0.75 -12.13
N TYR A 20 -14.18 -0.14 -13.05
CA TYR A 20 -13.37 -0.31 -14.25
C TYR A 20 -13.30 1.04 -14.96
N ASP A 21 -12.15 1.37 -15.55
CA ASP A 21 -11.86 2.63 -16.21
C ASP A 21 -11.33 2.23 -17.59
N GLU A 22 -12.22 2.08 -18.56
CA GLU A 22 -11.91 1.52 -19.89
C GLU A 22 -10.78 2.26 -20.62
N THR A 23 -10.61 3.56 -20.33
CA THR A 23 -9.57 4.42 -20.89
C THR A 23 -8.20 3.72 -20.86
N SER A 24 -7.76 3.21 -19.70
CA SER A 24 -6.59 2.34 -19.61
C SER A 24 -7.00 0.86 -19.69
N GLY A 25 -8.15 0.50 -19.12
CA GLY A 25 -8.58 -0.88 -19.01
C GLY A 25 -7.88 -1.54 -17.83
N TYR A 26 -8.08 -0.97 -16.64
CA TYR A 26 -7.68 -1.40 -15.31
C TYR A 26 -8.84 -1.02 -14.36
N TYR A 27 -8.82 -1.50 -13.12
CA TYR A 27 -9.84 -1.18 -12.14
C TYR A 27 -9.36 -0.11 -11.17
N TYR A 28 -10.28 0.69 -10.63
CA TYR A 28 -10.10 1.70 -9.61
C TYR A 28 -10.98 1.31 -8.40
N ASP A 29 -10.47 1.51 -7.19
CA ASP A 29 -11.08 1.18 -5.90
C ASP A 29 -11.60 2.46 -5.23
N PRO A 30 -12.83 2.92 -5.50
CA PRO A 30 -13.35 4.17 -4.96
C PRO A 30 -13.46 4.19 -3.43
N GLN A 31 -13.36 3.02 -2.79
CA GLN A 31 -13.45 2.87 -1.35
C GLN A 31 -12.19 3.38 -0.65
N THR A 32 -11.09 3.58 -1.40
CA THR A 32 -9.76 3.90 -0.88
C THR A 32 -9.09 4.92 -1.78
N GLY A 33 -9.14 4.72 -3.09
CA GLY A 33 -8.48 5.56 -4.05
C GLY A 33 -7.17 4.89 -4.49
N LEU A 34 -7.22 3.59 -4.78
CA LEU A 34 -6.15 2.78 -5.36
C LEU A 34 -6.65 2.24 -6.70
N TYR A 35 -5.78 1.58 -7.47
CA TYR A 35 -6.17 0.81 -8.65
C TYR A 35 -5.81 -0.66 -8.44
N TYR A 36 -6.34 -1.54 -9.28
CA TYR A 36 -6.14 -2.99 -9.24
C TYR A 36 -6.08 -3.55 -10.68
N ASP A 37 -5.49 -4.73 -10.86
CA ASP A 37 -5.43 -5.46 -12.13
C ASP A 37 -5.86 -6.93 -11.94
N PRO A 38 -6.55 -7.54 -12.91
CA PRO A 38 -7.03 -8.91 -12.81
C PRO A 38 -5.94 -9.98 -12.97
N ASN A 39 -4.91 -9.78 -13.81
CA ASN A 39 -3.78 -10.70 -13.92
C ASN A 39 -2.83 -10.54 -12.73
N SER A 40 -2.85 -9.36 -12.09
CA SER A 40 -1.76 -8.85 -11.28
C SER A 40 -2.33 -8.29 -9.98
N GLN A 41 -2.53 -9.13 -8.98
CA GLN A 41 -3.15 -8.77 -7.70
C GLN A 41 -2.35 -7.72 -6.88
N TYR A 42 -1.21 -7.23 -7.37
CA TYR A 42 -0.44 -6.16 -6.75
C TYR A 42 -1.13 -4.83 -7.07
N TYR A 43 -1.72 -4.22 -6.04
CA TYR A 43 -2.49 -2.99 -6.13
C TYR A 43 -1.60 -1.85 -6.59
N TYR A 44 -2.16 -0.92 -7.36
CA TYR A 44 -1.44 0.26 -7.84
C TYR A 44 -1.86 1.44 -6.99
N ASN A 45 -0.90 1.93 -6.23
CA ASN A 45 -1.01 3.10 -5.39
C ASN A 45 -0.71 4.33 -6.24
N ALA A 46 -1.71 4.80 -7.01
CA ALA A 46 -1.64 6.02 -7.82
C ALA A 46 -1.00 7.18 -7.05
N GLN A 47 -1.30 7.25 -5.75
CA GLN A 47 -0.84 8.24 -4.77
C GLN A 47 0.66 8.53 -4.89
N SER A 48 1.47 7.48 -5.06
CA SER A 48 2.91 7.54 -5.23
C SER A 48 3.35 6.69 -6.42
N GLN A 49 2.45 6.38 -7.36
CA GLN A 49 2.66 5.46 -8.49
C GLN A 49 3.29 4.12 -8.05
N GLN A 50 3.06 3.69 -6.80
CA GLN A 50 3.74 2.57 -6.17
C GLN A 50 2.93 1.29 -6.35
N TYR A 51 3.50 0.14 -6.01
CA TYR A 51 2.78 -1.13 -5.92
C TYR A 51 2.66 -1.51 -4.44
N LEU A 52 1.53 -2.11 -4.07
CA LEU A 52 1.18 -2.54 -2.72
C LEU A 52 0.42 -3.88 -2.86
N TYR A 53 -0.02 -4.48 -1.75
CA TYR A 53 -0.96 -5.59 -1.73
C TYR A 53 -1.99 -5.34 -0.63
N TRP A 54 -3.25 -5.77 -0.86
CA TRP A 54 -4.25 -5.90 0.20
C TRP A 54 -3.85 -7.12 1.02
N ASP A 55 -3.84 -6.99 2.35
CA ASP A 55 -3.37 -8.03 3.27
C ASP A 55 -4.42 -8.26 4.33
N GLY A 56 -5.48 -8.99 3.95
CA GLY A 56 -6.65 -9.27 4.78
C GLY A 56 -6.29 -9.97 6.10
N GLU A 57 -5.02 -10.38 6.29
CA GLU A 57 -4.53 -10.85 7.58
C GLU A 57 -4.56 -9.70 8.59
N ARG A 58 -4.34 -8.46 8.12
CA ARG A 58 -4.19 -7.24 8.91
C ARG A 58 -5.25 -6.18 8.58
N ARG A 59 -6.01 -6.33 7.47
CA ARG A 59 -6.96 -5.32 6.98
C ARG A 59 -6.27 -3.98 6.75
N THR A 60 -5.27 -3.97 5.87
CA THR A 60 -4.58 -2.76 5.45
C THR A 60 -3.99 -2.98 4.05
N TYR A 61 -3.30 -1.97 3.50
CA TYR A 61 -2.55 -2.08 2.25
C TYR A 61 -1.07 -1.86 2.55
N VAL A 62 -0.24 -2.82 2.21
CA VAL A 62 1.17 -2.93 2.61
C VAL A 62 2.06 -3.04 1.37
N PRO A 63 3.36 -2.69 1.45
CA PRO A 63 4.21 -2.61 0.28
C PRO A 63 4.54 -3.99 -0.24
N ALA A 64 4.37 -4.18 -1.56
CA ALA A 64 4.57 -5.47 -2.23
C ALA A 64 5.84 -5.45 -3.10
N LEU A 65 6.87 -4.79 -2.58
CA LEU A 65 8.24 -4.81 -3.09
C LEU A 65 8.92 -6.18 -3.14
N GLU A 66 8.57 -7.12 -2.26
CA GLU A 66 9.38 -8.28 -1.93
C GLU A 66 8.56 -9.25 -1.08
N GLN A 67 8.01 -8.76 0.05
CA GLN A 67 7.24 -9.47 1.06
C GLN A 67 7.85 -10.83 1.44
N SER A 68 8.92 -10.80 2.24
CA SER A 68 9.67 -11.97 2.70
C SER A 68 9.80 -11.93 4.24
N ALA A 69 8.74 -11.48 4.94
CA ALA A 69 8.63 -11.38 6.40
C ALA A 69 9.91 -10.81 7.03
N ASP A 70 10.10 -9.51 6.82
CA ASP A 70 11.35 -8.83 7.09
C ASP A 70 11.18 -8.06 8.37
N GLY A 71 11.18 -8.80 9.47
CA GLY A 71 11.56 -8.17 10.72
C GLY A 71 10.48 -7.29 11.35
N HIS A 72 9.23 -7.34 10.85
CA HIS A 72 8.19 -6.34 11.10
C HIS A 72 8.62 -4.92 10.71
N LYS A 73 9.62 -4.77 9.84
CA LYS A 73 9.99 -3.49 9.26
C LYS A 73 9.32 -3.41 7.91
N GLU A 74 8.47 -2.41 7.70
CA GLU A 74 8.35 -1.83 6.38
C GLU A 74 9.70 -1.22 6.11
N THR A 75 10.53 -1.85 5.28
CA THR A 75 11.72 -1.36 4.58
C THR A 75 12.67 -0.55 5.45
N GLY A 76 12.23 0.66 5.80
CA GLY A 76 12.96 1.57 6.65
C GLY A 76 14.22 2.06 5.95
N ALA A 77 14.20 2.05 4.61
CA ALA A 77 15.32 2.34 3.75
C ALA A 77 14.79 2.94 2.44
N PRO A 78 14.55 4.25 2.37
CA PRO A 78 14.12 4.92 1.14
C PRO A 78 15.30 4.95 0.15
N SER A 79 15.42 3.98 -0.76
CA SER A 79 16.52 3.90 -1.72
C SER A 79 15.98 4.14 -3.13
N LYS A 80 15.79 5.41 -3.51
CA LYS A 80 15.42 5.82 -4.87
C LYS A 80 16.38 6.92 -5.34
N GLU A 81 17.53 7.08 -4.67
CA GLU A 81 18.42 8.22 -4.77
C GLU A 81 17.75 9.45 -4.16
N GLY A 82 18.39 10.02 -3.14
CA GLY A 82 17.93 11.14 -2.32
C GLY A 82 18.39 10.96 -0.87
N LYS A 83 18.15 9.79 -0.27
CA LYS A 83 18.29 9.53 1.16
C LYS A 83 18.72 8.07 1.44
N GLU A 84 19.22 7.39 0.42
CA GLU A 84 19.44 5.94 0.41
C GLU A 84 20.35 5.53 1.58
N LYS A 85 21.45 6.27 1.76
CA LYS A 85 22.46 6.02 2.79
C LYS A 85 22.91 7.31 3.48
N LYS A 86 22.99 8.45 2.77
CA LYS A 86 23.39 9.72 3.36
C LYS A 86 22.24 10.32 4.16
N GLU A 87 22.57 11.39 4.89
CA GLU A 87 21.68 12.25 5.67
C GLU A 87 20.67 11.43 6.48
N LYS A 88 21.22 10.62 7.39
CA LYS A 88 20.49 9.90 8.45
C LYS A 88 21.10 10.27 9.80
N HIS A 89 21.25 11.57 10.04
CA HIS A 89 21.85 12.09 11.27
C HIS A 89 20.90 11.93 12.47
N LYS A 90 21.36 12.29 13.68
CA LYS A 90 20.68 11.93 14.94
C LYS A 90 20.26 13.14 15.76
N THR A 91 20.97 14.24 15.63
CA THR A 91 20.74 15.51 16.30
C THR A 91 21.41 16.58 15.41
N LYS A 92 21.22 16.44 14.08
CA LYS A 92 22.27 16.61 13.08
C LYS A 92 23.46 15.69 13.39
N GLY A 1 -25.26 -6.67 23.65
CA GLY A 1 -23.80 -6.66 23.48
C GLY A 1 -23.26 -5.26 23.68
N HIS A 2 -22.47 -4.78 22.72
CA HIS A 2 -21.85 -3.46 22.71
C HIS A 2 -22.37 -2.69 21.49
N MET A 3 -21.83 -1.52 21.20
CA MET A 3 -22.07 -0.78 19.97
C MET A 3 -20.75 -0.65 19.21
N GLN A 4 -20.83 -0.36 17.91
CA GLN A 4 -19.69 -0.06 17.07
C GLN A 4 -20.14 0.88 15.95
N GLU A 5 -19.20 1.40 15.18
CA GLU A 5 -19.48 2.19 13.99
C GLU A 5 -18.88 1.44 12.81
N SER A 6 -17.60 1.67 12.51
CA SER A 6 -16.73 0.92 11.61
C SER A 6 -15.28 1.14 12.12
N TYR A 7 -15.11 1.21 13.44
CA TYR A 7 -13.82 1.52 14.08
C TYR A 7 -12.88 0.31 14.08
N SER A 8 -13.39 -0.88 13.77
CA SER A 8 -12.58 -2.09 13.70
C SER A 8 -11.51 -1.98 12.60
N GLN A 9 -10.61 -2.95 12.59
CA GLN A 9 -9.63 -3.17 11.54
C GLN A 9 -10.34 -3.48 10.20
N TYR A 10 -9.55 -3.60 9.13
CA TYR A 10 -10.10 -3.80 7.80
C TYR A 10 -10.60 -5.24 7.62
N PRO A 11 -11.50 -5.47 6.64
CA PRO A 11 -11.89 -6.80 6.20
C PRO A 11 -10.79 -7.40 5.31
N VAL A 12 -11.01 -8.61 4.79
CA VAL A 12 -10.05 -9.46 4.08
C VAL A 12 -10.45 -9.51 2.59
N PRO A 13 -9.97 -8.57 1.75
CA PRO A 13 -10.37 -8.43 0.36
C PRO A 13 -9.69 -9.47 -0.54
N ASP A 14 -9.93 -9.44 -1.85
CA ASP A 14 -9.11 -10.20 -2.81
C ASP A 14 -9.13 -9.51 -4.18
N VAL A 15 -8.01 -9.50 -4.90
CA VAL A 15 -7.97 -8.98 -6.27
C VAL A 15 -8.87 -9.80 -7.20
N SER A 16 -9.23 -11.03 -6.82
CA SER A 16 -10.19 -11.88 -7.52
C SER A 16 -11.59 -11.26 -7.64
N THR A 17 -11.90 -10.15 -6.95
CA THR A 17 -13.20 -9.47 -7.05
C THR A 17 -13.04 -8.06 -7.63
N TYR A 18 -11.86 -7.69 -8.14
CA TYR A 18 -11.57 -6.36 -8.69
C TYR A 18 -11.90 -6.29 -10.19
N GLN A 19 -11.91 -5.06 -10.71
CA GLN A 19 -12.02 -4.79 -12.14
C GLN A 19 -10.60 -4.51 -12.64
N TYR A 20 -10.16 -5.16 -13.72
CA TYR A 20 -9.02 -4.67 -14.48
C TYR A 20 -9.44 -3.45 -15.28
N ASP A 21 -8.53 -2.50 -15.55
CA ASP A 21 -8.80 -1.34 -16.38
C ASP A 21 -7.74 -1.30 -17.47
N GLU A 22 -8.08 -1.89 -18.63
CA GLU A 22 -7.21 -1.98 -19.80
C GLU A 22 -6.73 -0.61 -20.27
N THR A 23 -7.48 0.45 -20.02
CA THR A 23 -7.12 1.84 -20.27
C THR A 23 -5.75 2.21 -19.69
N SER A 24 -5.33 1.58 -18.58
CA SER A 24 -4.11 1.96 -17.88
C SER A 24 -3.28 0.78 -17.37
N GLY A 25 -3.82 -0.46 -17.37
CA GLY A 25 -3.01 -1.62 -17.02
C GLY A 25 -2.79 -1.72 -15.52
N TYR A 26 -3.84 -1.43 -14.75
CA TYR A 26 -3.96 -1.63 -13.31
C TYR A 26 -5.28 -2.37 -13.06
N TYR A 27 -5.49 -2.81 -11.83
CA TYR A 27 -6.78 -3.23 -11.30
C TYR A 27 -7.32 -2.10 -10.43
N TYR A 28 -8.64 -1.99 -10.33
CA TYR A 28 -9.37 -1.06 -9.48
C TYR A 28 -10.19 -1.88 -8.50
N ASP A 29 -10.24 -1.40 -7.26
CA ASP A 29 -10.62 -2.14 -6.09
C ASP A 29 -11.92 -1.56 -5.53
N PRO A 30 -13.11 -1.95 -6.04
CA PRO A 30 -14.40 -1.39 -5.61
C PRO A 30 -14.73 -1.69 -4.15
N GLN A 31 -14.00 -2.64 -3.55
CA GLN A 31 -14.16 -3.11 -2.19
C GLN A 31 -13.72 -2.04 -1.17
N THR A 32 -12.93 -1.07 -1.61
CA THR A 32 -12.19 -0.14 -0.76
C THR A 32 -12.05 1.25 -1.41
N GLY A 33 -11.92 1.32 -2.73
CA GLY A 33 -11.72 2.55 -3.48
C GLY A 33 -10.23 2.84 -3.70
N LEU A 34 -9.44 1.82 -3.96
CA LEU A 34 -8.00 1.89 -4.24
C LEU A 34 -7.75 1.26 -5.62
N TYR A 35 -6.50 1.21 -6.08
CA TYR A 35 -6.09 0.40 -7.23
C TYR A 35 -4.98 -0.56 -6.80
N TYR A 36 -4.84 -1.69 -7.51
CA TYR A 36 -3.81 -2.72 -7.34
C TYR A 36 -3.07 -2.95 -8.67
N ASP A 37 -1.85 -3.50 -8.61
CA ASP A 37 -0.98 -3.80 -9.76
C ASP A 37 -0.45 -5.23 -9.61
N PRO A 38 -0.33 -6.01 -10.72
CA PRO A 38 0.05 -7.41 -10.65
C PRO A 38 1.56 -7.65 -10.48
N ASN A 39 2.39 -6.75 -11.01
CA ASN A 39 3.83 -6.79 -10.81
C ASN A 39 4.20 -6.28 -9.42
N SER A 40 3.42 -5.36 -8.88
CA SER A 40 3.79 -4.63 -7.68
C SER A 40 2.60 -4.54 -6.73
N GLN A 41 2.52 -5.41 -5.73
CA GLN A 41 1.45 -5.49 -4.74
C GLN A 41 1.22 -4.18 -3.95
N TYR A 42 2.09 -3.18 -4.14
CA TYR A 42 1.97 -1.85 -3.61
C TYR A 42 0.75 -1.18 -4.26
N TYR A 43 -0.35 -1.09 -3.52
CA TYR A 43 -1.59 -0.46 -3.94
C TYR A 43 -1.34 1.00 -4.29
N TYR A 44 -2.20 1.57 -5.11
CA TYR A 44 -2.18 2.96 -5.53
C TYR A 44 -3.38 3.66 -4.90
N ASN A 45 -3.08 4.56 -4.00
CA ASN A 45 -4.03 5.39 -3.29
C ASN A 45 -4.36 6.62 -4.14
N ALA A 46 -5.27 6.43 -5.09
CA ALA A 46 -5.75 7.48 -5.99
C ALA A 46 -6.19 8.74 -5.24
N GLN A 47 -6.68 8.58 -4.01
CA GLN A 47 -7.17 9.62 -3.12
C GLN A 47 -6.16 10.76 -2.89
N SER A 48 -4.87 10.41 -2.81
CA SER A 48 -3.77 11.35 -2.59
C SER A 48 -2.66 11.21 -3.63
N GLN A 49 -2.78 10.28 -4.57
CA GLN A 49 -1.72 9.86 -5.50
C GLN A 49 -0.57 9.17 -4.73
N GLN A 50 -0.89 8.42 -3.67
CA GLN A 50 0.11 7.79 -2.78
C GLN A 50 0.23 6.29 -3.09
N TYR A 51 1.22 5.61 -2.50
CA TYR A 51 1.46 4.18 -2.64
C TYR A 51 1.34 3.55 -1.27
N LEU A 52 0.60 2.44 -1.16
CA LEU A 52 0.27 1.75 0.09
C LEU A 52 0.51 0.25 -0.10
N TYR A 53 0.32 -0.57 0.93
CA TYR A 53 0.27 -2.01 0.88
C TYR A 53 -0.85 -2.51 1.78
N TRP A 54 -1.41 -3.68 1.46
CA TRP A 54 -2.32 -4.41 2.33
C TRP A 54 -1.46 -5.24 3.27
N ASP A 55 -1.71 -5.14 4.56
CA ASP A 55 -0.91 -5.79 5.58
C ASP A 55 -1.81 -6.71 6.40
N GLY A 56 -1.76 -8.00 6.09
CA GLY A 56 -2.50 -9.02 6.79
C GLY A 56 -1.96 -9.30 8.18
N GLU A 57 -0.74 -8.85 8.51
CA GLU A 57 -0.24 -8.96 9.89
C GLU A 57 -1.16 -8.11 10.77
N ARG A 58 -1.49 -6.91 10.30
CA ARG A 58 -2.19 -5.87 11.06
C ARG A 58 -3.65 -5.68 10.63
N ARG A 59 -4.07 -6.36 9.56
CA ARG A 59 -5.33 -6.21 8.82
C ARG A 59 -5.62 -4.73 8.62
N THR A 60 -4.73 -4.03 7.92
CA THR A 60 -4.88 -2.62 7.65
C THR A 60 -4.20 -2.30 6.32
N TYR A 61 -4.37 -1.07 5.83
CA TYR A 61 -3.57 -0.52 4.75
C TYR A 61 -2.57 0.47 5.33
N VAL A 62 -1.31 0.32 4.98
CA VAL A 62 -0.15 1.09 5.44
C VAL A 62 0.61 1.62 4.21
N PRO A 63 1.36 2.72 4.31
CA PRO A 63 2.04 3.30 3.15
C PRO A 63 3.26 2.49 2.75
N ALA A 64 3.45 2.27 1.44
CA ALA A 64 4.53 1.49 0.86
C ALA A 64 5.57 2.37 0.18
N LEU A 65 5.72 3.60 0.67
CA LEU A 65 6.90 4.39 0.40
C LEU A 65 8.10 3.59 0.87
N GLU A 66 8.17 3.32 2.18
CA GLU A 66 9.42 2.92 2.80
C GLU A 66 9.33 1.59 3.54
N GLN A 67 8.35 1.44 4.45
CA GLN A 67 8.14 0.26 5.31
C GLN A 67 9.39 -0.27 6.06
N SER A 68 10.47 0.51 6.19
CA SER A 68 11.79 0.06 6.62
C SER A 68 12.29 0.76 7.89
N ALA A 69 11.44 1.44 8.66
CA ALA A 69 11.80 2.14 9.91
C ALA A 69 12.83 3.25 9.66
N ASP A 70 12.50 4.15 8.74
CA ASP A 70 13.30 5.34 8.47
C ASP A 70 12.95 6.44 9.47
N GLY A 71 11.75 6.99 9.39
CA GLY A 71 11.29 8.17 10.13
C GLY A 71 9.90 8.58 9.63
N HIS A 72 9.54 9.85 9.81
CA HIS A 72 8.27 10.45 9.43
C HIS A 72 8.49 11.67 8.51
N LYS A 73 9.66 11.77 7.87
CA LYS A 73 10.15 12.97 7.21
C LYS A 73 9.32 13.30 5.98
N GLU A 74 8.40 14.25 6.12
CA GLU A 74 7.32 14.51 5.18
C GLU A 74 6.68 13.20 4.77
N THR A 75 5.89 12.62 5.67
CA THR A 75 5.01 11.52 5.31
C THR A 75 5.79 10.21 5.13
N GLY A 76 7.00 10.24 4.57
CA GLY A 76 7.74 9.07 4.14
C GLY A 76 8.90 9.46 3.22
N ALA A 77 9.74 8.50 2.84
CA ALA A 77 10.96 8.75 2.07
C ALA A 77 10.80 8.24 0.63
N PRO A 78 11.59 8.74 -0.34
CA PRO A 78 11.63 8.19 -1.69
C PRO A 78 12.37 6.85 -1.66
N SER A 79 11.73 5.79 -2.16
CA SER A 79 12.33 4.48 -2.37
C SER A 79 11.88 3.98 -3.73
N LYS A 80 12.60 4.39 -4.78
CA LYS A 80 12.38 4.00 -6.17
C LYS A 80 13.65 4.13 -7.03
N GLU A 81 14.66 4.90 -6.59
CA GLU A 81 15.90 5.13 -7.35
C GLU A 81 16.84 3.90 -7.36
N GLY A 82 16.36 2.75 -6.88
CA GLY A 82 17.03 1.46 -6.99
C GLY A 82 17.73 1.06 -5.69
N LYS A 83 18.11 2.02 -4.84
CA LYS A 83 18.56 1.72 -3.49
C LYS A 83 17.38 1.57 -2.53
N GLU A 84 16.15 1.48 -3.03
CA GLU A 84 14.79 1.40 -2.46
C GLU A 84 14.55 0.42 -1.29
N LYS A 85 15.58 -0.01 -0.56
CA LYS A 85 15.69 -1.24 0.23
C LYS A 85 17.06 -1.32 0.92
N LYS A 86 18.08 -0.61 0.41
CA LYS A 86 19.51 -0.83 0.65
C LYS A 86 20.27 0.51 0.67
N GLU A 87 19.58 1.62 0.92
CA GLU A 87 20.06 3.00 1.07
C GLU A 87 20.96 3.18 2.31
N LYS A 88 21.94 2.29 2.47
CA LYS A 88 22.98 2.34 3.47
C LYS A 88 24.29 2.55 2.72
N HIS A 89 24.86 3.74 2.87
CA HIS A 89 26.22 4.01 2.43
C HIS A 89 27.16 3.17 3.31
N LYS A 90 28.34 2.83 2.78
CA LYS A 90 29.45 2.33 3.60
C LYS A 90 30.07 3.55 4.27
N THR A 91 29.67 3.83 5.51
CA THR A 91 30.22 4.92 6.31
C THR A 91 30.27 4.46 7.76
N LYS A 92 31.25 4.98 8.51
CA LYS A 92 31.70 4.44 9.79
C LYS A 92 31.95 2.94 9.65
N GLY A 1 -21.84 -6.99 26.52
CA GLY A 1 -22.44 -7.52 25.29
C GLY A 1 -21.97 -6.66 24.13
N HIS A 2 -21.39 -7.27 23.10
CA HIS A 2 -20.85 -6.57 21.94
C HIS A 2 -21.39 -7.22 20.68
N MET A 3 -21.60 -6.41 19.65
CA MET A 3 -21.87 -6.79 18.28
C MET A 3 -21.58 -5.57 17.40
N GLN A 4 -21.97 -5.62 16.12
CA GLN A 4 -21.92 -4.50 15.21
C GLN A 4 -22.77 -3.33 15.73
N GLU A 5 -22.59 -2.14 15.17
CA GLU A 5 -23.28 -0.94 15.65
C GLU A 5 -23.55 0.00 14.48
N SER A 6 -22.59 0.88 14.13
CA SER A 6 -22.78 1.90 13.11
C SER A 6 -21.44 2.45 12.60
N TYR A 7 -20.33 1.79 12.93
CA TYR A 7 -18.99 2.36 12.76
C TYR A 7 -18.60 2.36 11.28
N SER A 8 -19.14 1.40 10.53
CA SER A 8 -19.00 1.16 9.12
C SER A 8 -17.54 0.88 8.69
N GLN A 9 -17.39 0.10 7.62
CA GLN A 9 -16.10 -0.31 7.11
C GLN A 9 -16.19 -0.61 5.61
N TYR A 10 -15.08 -1.01 5.02
CA TYR A 10 -14.89 -1.12 3.58
C TYR A 10 -15.46 -2.43 3.02
N PRO A 11 -15.66 -2.52 1.69
CA PRO A 11 -15.89 -3.77 0.99
C PRO A 11 -14.64 -4.66 1.07
N VAL A 12 -14.75 -5.92 0.66
CA VAL A 12 -13.75 -6.98 0.84
C VAL A 12 -13.13 -7.29 -0.53
N PRO A 13 -12.10 -6.57 -0.98
CA PRO A 13 -11.56 -6.76 -2.31
C PRO A 13 -10.72 -8.04 -2.37
N ASP A 14 -10.38 -8.47 -3.59
CA ASP A 14 -9.49 -9.58 -3.87
C ASP A 14 -8.68 -9.21 -5.10
N VAL A 15 -7.35 -9.33 -5.02
CA VAL A 15 -6.44 -9.11 -6.14
C VAL A 15 -6.81 -9.93 -7.37
N SER A 16 -7.51 -11.05 -7.20
CA SER A 16 -8.13 -11.86 -8.25
C SER A 16 -8.88 -10.99 -9.28
N THR A 17 -9.40 -9.85 -8.85
CA THR A 17 -10.30 -9.00 -9.63
C THR A 17 -9.63 -7.67 -10.05
N TYR A 18 -8.35 -7.46 -9.73
CA TYR A 18 -7.63 -6.24 -10.07
C TYR A 18 -7.23 -6.24 -11.54
N GLN A 19 -6.66 -5.13 -11.99
CA GLN A 19 -6.26 -4.88 -13.36
C GLN A 19 -4.75 -4.72 -13.38
N TYR A 20 -4.03 -5.71 -13.88
CA TYR A 20 -2.59 -5.61 -14.01
C TYR A 20 -2.23 -4.53 -15.04
N ASP A 21 -1.12 -3.84 -14.83
CA ASP A 21 -0.56 -2.82 -15.72
C ASP A 21 0.93 -3.09 -15.84
N GLU A 22 1.29 -3.97 -16.77
CA GLU A 22 2.65 -4.40 -17.11
C GLU A 22 3.63 -3.23 -17.33
N THR A 23 3.13 -2.10 -17.85
CA THR A 23 3.91 -0.89 -18.10
C THR A 23 4.53 -0.32 -16.83
N SER A 24 4.05 -0.68 -15.63
CA SER A 24 4.86 -0.65 -14.43
C SER A 24 5.21 -2.08 -14.01
N GLY A 25 4.21 -2.97 -13.94
CA GLY A 25 4.31 -4.31 -13.41
C GLY A 25 3.43 -4.51 -12.17
N TYR A 26 2.57 -3.55 -11.85
CA TYR A 26 1.75 -3.57 -10.64
C TYR A 26 0.32 -3.89 -11.03
N TYR A 27 -0.49 -4.17 -10.02
CA TYR A 27 -1.93 -4.26 -10.14
C TYR A 27 -2.50 -2.88 -9.80
N TYR A 28 -3.60 -2.54 -10.44
CA TYR A 28 -4.43 -1.39 -10.18
C TYR A 28 -5.76 -1.90 -9.64
N ASP A 29 -6.23 -1.24 -8.59
CA ASP A 29 -7.24 -1.72 -7.69
C ASP A 29 -8.43 -0.76 -7.74
N PRO A 30 -9.30 -0.82 -8.78
CA PRO A 30 -10.42 0.10 -8.93
C PRO A 30 -11.45 0.00 -7.81
N GLN A 31 -11.37 -1.04 -6.97
CA GLN A 31 -12.21 -1.20 -5.79
C GLN A 31 -11.96 -0.07 -4.78
N THR A 32 -10.83 0.63 -4.87
CA THR A 32 -10.49 1.75 -4.00
C THR A 32 -9.76 2.89 -4.72
N GLY A 33 -9.11 2.62 -5.85
CA GLY A 33 -8.16 3.55 -6.43
C GLY A 33 -6.82 3.48 -5.69
N LEU A 34 -6.37 2.27 -5.38
CA LEU A 34 -5.01 1.97 -4.95
C LEU A 34 -4.32 1.16 -6.05
N TYR A 35 -3.05 0.82 -5.84
CA TYR A 35 -2.32 -0.16 -6.60
C TYR A 35 -1.78 -1.21 -5.62
N TYR A 36 -1.53 -2.42 -6.08
CA TYR A 36 -1.07 -3.56 -5.29
C TYR A 36 0.13 -4.21 -6.00
N ASP A 37 0.98 -4.91 -5.25
CA ASP A 37 2.11 -5.67 -5.79
C ASP A 37 2.08 -7.12 -5.28
N PRO A 38 2.48 -8.10 -6.11
CA PRO A 38 2.41 -9.51 -5.74
C PRO A 38 3.49 -9.95 -4.74
N ASN A 39 4.69 -9.34 -4.77
CA ASN A 39 5.69 -9.55 -3.72
C ASN A 39 5.29 -8.78 -2.46
N SER A 40 4.58 -7.67 -2.62
CA SER A 40 4.51 -6.60 -1.64
C SER A 40 3.05 -6.23 -1.38
N GLN A 41 2.42 -6.90 -0.41
CA GLN A 41 1.01 -6.71 -0.05
C GLN A 41 0.72 -5.33 0.58
N TYR A 42 1.68 -4.41 0.55
CA TYR A 42 1.55 -3.01 0.91
C TYR A 42 0.97 -2.29 -0.31
N TYR A 43 -0.26 -1.80 -0.20
CA TYR A 43 -0.98 -1.14 -1.28
C TYR A 43 -0.48 0.30 -1.46
N TYR A 44 -0.05 0.63 -2.68
CA TYR A 44 0.43 1.94 -3.07
C TYR A 44 -0.76 2.88 -3.26
N ASN A 45 -0.80 3.94 -2.46
CA ASN A 45 -1.86 4.95 -2.45
C ASN A 45 -1.50 6.06 -3.41
N ALA A 46 -1.83 5.86 -4.68
CA ALA A 46 -1.44 6.77 -5.76
C ALA A 46 -1.85 8.24 -5.53
N GLN A 47 -2.89 8.47 -4.73
CA GLN A 47 -3.41 9.78 -4.36
C GLN A 47 -2.25 10.63 -3.80
N SER A 48 -1.73 10.21 -2.64
CA SER A 48 -0.77 10.96 -1.85
C SER A 48 0.60 10.26 -1.84
N GLN A 49 0.89 9.41 -2.83
CA GLN A 49 2.13 8.63 -2.97
C GLN A 49 2.58 7.95 -1.66
N GLN A 50 1.62 7.53 -0.82
CA GLN A 50 1.83 6.84 0.47
C GLN A 50 1.70 5.32 0.33
N TYR A 51 2.37 4.57 1.21
CA TYR A 51 2.20 3.11 1.27
C TYR A 51 1.18 2.79 2.36
N LEU A 52 0.29 1.82 2.11
CA LEU A 52 -0.80 1.40 2.98
C LEU A 52 -0.80 -0.12 3.14
N TYR A 53 -1.68 -0.67 3.98
CA TYR A 53 -1.96 -2.10 4.06
C TYR A 53 -3.44 -2.34 4.36
N TRP A 54 -3.99 -3.44 3.84
CA TRP A 54 -5.38 -3.82 3.96
C TRP A 54 -5.47 -4.70 5.19
N ASP A 55 -5.76 -4.10 6.34
CA ASP A 55 -5.81 -4.84 7.58
C ASP A 55 -7.21 -5.39 7.74
N GLY A 56 -7.39 -6.65 7.34
CA GLY A 56 -8.64 -7.35 7.43
C GLY A 56 -9.15 -7.47 8.88
N GLU A 57 -8.32 -7.21 9.90
CA GLU A 57 -8.79 -7.21 11.28
C GLU A 57 -9.76 -6.04 11.50
N ARG A 58 -9.50 -4.91 10.83
CA ARG A 58 -10.25 -3.67 10.95
C ARG A 58 -11.06 -3.39 9.68
N ARG A 59 -10.93 -4.21 8.63
CA ARG A 59 -11.53 -4.03 7.30
C ARG A 59 -11.41 -2.59 6.86
N THR A 60 -10.20 -2.05 6.95
CA THR A 60 -9.91 -0.67 6.62
C THR A 60 -8.50 -0.59 6.06
N TYR A 61 -8.11 0.62 5.69
CA TYR A 61 -6.79 0.92 5.17
C TYR A 61 -6.04 1.74 6.21
N VAL A 62 -4.82 1.32 6.48
CA VAL A 62 -3.87 1.97 7.37
C VAL A 62 -2.57 2.21 6.62
N PRO A 63 -1.76 3.21 7.01
CA PRO A 63 -0.50 3.50 6.35
C PRO A 63 0.57 2.47 6.73
N ALA A 64 1.17 1.81 5.74
CA ALA A 64 2.38 1.02 5.88
C ALA A 64 3.61 1.94 5.74
N LEU A 65 3.65 2.95 6.59
CA LEU A 65 4.90 3.58 7.01
C LEU A 65 5.77 2.58 7.78
N GLU A 66 6.98 2.98 8.20
CA GLU A 66 7.94 2.10 8.87
C GLU A 66 7.34 1.39 10.09
N GLN A 67 6.42 2.05 10.80
CA GLN A 67 5.62 1.59 11.94
C GLN A 67 6.43 0.93 13.08
N SER A 68 7.75 1.03 13.05
CA SER A 68 8.68 0.45 14.03
C SER A 68 9.82 1.43 14.32
N ALA A 69 9.68 2.73 14.00
CA ALA A 69 10.68 3.74 14.31
C ALA A 69 10.04 5.11 14.54
N ASP A 70 10.83 5.99 15.15
CA ASP A 70 10.66 7.42 15.41
C ASP A 70 9.51 7.61 16.40
N GLY A 71 8.29 7.62 15.88
CA GLY A 71 7.08 7.61 16.65
C GLY A 71 5.89 7.78 15.72
N HIS A 72 4.72 8.15 16.23
CA HIS A 72 3.63 8.65 15.38
C HIS A 72 4.06 9.98 14.76
N LYS A 73 4.80 9.96 13.65
CA LYS A 73 5.41 11.13 13.02
C LYS A 73 5.53 10.90 11.51
N GLU A 74 6.30 11.75 10.83
CA GLU A 74 6.53 11.67 9.38
C GLU A 74 7.28 10.40 9.02
N THR A 75 8.31 10.06 9.79
CA THR A 75 9.37 9.07 9.50
C THR A 75 10.15 9.25 8.19
N GLY A 76 9.71 10.13 7.27
CA GLY A 76 10.09 10.06 5.90
C GLY A 76 11.40 10.81 5.76
N ALA A 77 12.51 10.09 5.87
CA ALA A 77 13.85 10.59 5.59
C ALA A 77 14.59 9.49 4.82
N PRO A 78 14.38 9.39 3.48
CA PRO A 78 14.81 8.28 2.66
C PRO A 78 16.27 8.47 2.24
N SER A 79 17.19 8.48 3.19
CA SER A 79 18.54 8.96 2.97
C SER A 79 19.58 7.93 3.44
N LYS A 80 19.52 6.70 2.91
CA LYS A 80 20.51 5.66 3.23
C LYS A 80 21.79 5.84 2.40
N GLU A 81 22.37 7.04 2.46
CA GLU A 81 23.74 7.50 2.20
C GLU A 81 24.39 7.12 0.87
N GLY A 82 23.62 6.51 -0.02
CA GLY A 82 23.98 6.06 -1.35
C GLY A 82 22.78 5.41 -2.03
N LYS A 83 21.76 4.94 -1.28
CA LYS A 83 20.51 4.56 -1.93
C LYS A 83 19.66 5.79 -2.24
N GLU A 84 19.95 6.95 -1.64
CA GLU A 84 18.98 7.88 -1.04
C GLU A 84 17.75 8.02 -1.95
N LYS A 85 17.92 8.70 -3.08
CA LYS A 85 16.96 8.90 -4.17
C LYS A 85 17.48 8.27 -5.47
N LYS A 86 18.56 7.48 -5.40
CA LYS A 86 19.38 7.12 -6.55
C LYS A 86 18.76 5.97 -7.35
N GLU A 87 18.12 5.02 -6.68
CA GLU A 87 17.35 3.93 -7.28
C GLU A 87 18.15 3.17 -8.37
N LYS A 88 19.44 2.93 -8.13
CA LYS A 88 20.44 2.20 -8.93
C LYS A 88 20.64 2.68 -10.38
N HIS A 89 19.63 2.57 -11.23
CA HIS A 89 19.67 2.86 -12.67
C HIS A 89 20.86 2.19 -13.36
N LYS A 90 20.79 0.86 -13.48
CA LYS A 90 21.84 0.04 -14.08
C LYS A 90 21.55 -0.16 -15.57
N THR A 91 22.43 0.30 -16.45
CA THR A 91 22.29 0.08 -17.89
C THR A 91 22.83 -1.32 -18.24
N LYS A 92 22.09 -2.35 -17.85
CA LYS A 92 22.15 -3.72 -18.34
C LYS A 92 20.68 -4.00 -18.59
N GLY A 1 -27.56 -7.24 12.91
CA GLY A 1 -27.15 -6.11 13.77
C GLY A 1 -25.78 -6.37 14.33
N HIS A 2 -25.68 -7.26 15.31
CA HIS A 2 -24.50 -7.48 16.14
C HIS A 2 -24.18 -6.19 16.93
N MET A 3 -23.10 -6.18 17.72
CA MET A 3 -22.75 -4.99 18.50
C MET A 3 -22.26 -3.88 17.56
N GLN A 4 -21.60 -4.25 16.47
CA GLN A 4 -20.66 -3.39 15.78
C GLN A 4 -20.80 -3.54 14.28
N GLU A 5 -20.35 -2.53 13.54
CA GLU A 5 -20.16 -2.60 12.11
C GLU A 5 -18.78 -3.21 11.86
N SER A 6 -17.74 -2.37 11.93
CA SER A 6 -16.41 -2.68 11.44
C SER A 6 -15.40 -1.60 11.86
N TYR A 7 -15.76 -0.75 12.82
CA TYR A 7 -15.09 0.49 13.09
C TYR A 7 -13.92 0.19 14.02
N SER A 8 -12.73 0.50 13.55
CA SER A 8 -11.51 0.25 14.29
C SER A 8 -10.43 1.19 13.76
N GLN A 9 -10.08 1.05 12.48
CA GLN A 9 -9.14 1.85 11.74
C GLN A 9 -9.77 2.29 10.42
N TYR A 10 -9.70 1.46 9.37
CA TYR A 10 -10.26 1.78 8.05
C TYR A 10 -11.65 1.15 7.88
N PRO A 11 -12.47 1.68 6.95
CA PRO A 11 -13.70 1.04 6.48
C PRO A 11 -13.39 -0.18 5.62
N VAL A 12 -14.43 -0.88 5.16
CA VAL A 12 -14.39 -2.16 4.47
C VAL A 12 -14.64 -1.92 2.97
N PRO A 13 -13.63 -1.61 2.15
CA PRO A 13 -13.79 -1.39 0.72
C PRO A 13 -14.12 -2.69 -0.01
N ASP A 14 -14.47 -2.60 -1.30
CA ASP A 14 -14.77 -3.74 -2.15
C ASP A 14 -14.26 -3.43 -3.54
N VAL A 15 -13.68 -4.39 -4.26
CA VAL A 15 -13.26 -4.16 -5.64
C VAL A 15 -14.47 -3.90 -6.56
N SER A 16 -15.66 -4.32 -6.14
CA SER A 16 -16.90 -4.02 -6.83
C SER A 16 -17.17 -2.51 -6.93
N THR A 17 -16.53 -1.63 -6.14
CA THR A 17 -16.70 -0.18 -6.27
C THR A 17 -15.54 0.50 -7.04
N TYR A 18 -14.47 -0.23 -7.39
CA TYR A 18 -13.27 0.34 -8.02
C TYR A 18 -13.53 0.79 -9.46
N GLN A 19 -12.52 1.45 -10.04
CA GLN A 19 -12.48 1.93 -11.41
C GLN A 19 -11.38 1.17 -12.17
N TYR A 20 -11.73 0.27 -13.09
CA TYR A 20 -10.76 -0.32 -14.00
C TYR A 20 -10.22 0.72 -14.97
N ASP A 21 -8.92 0.65 -15.28
CA ASP A 21 -8.27 1.43 -16.34
C ASP A 21 -7.70 0.44 -17.32
N GLU A 22 -8.27 0.40 -18.52
CA GLU A 22 -7.77 -0.49 -19.55
C GLU A 22 -6.34 -0.16 -19.99
N THR A 23 -5.89 1.08 -19.78
CA THR A 23 -4.63 1.57 -20.31
C THR A 23 -3.46 0.73 -19.75
N SER A 24 -3.53 0.36 -18.47
CA SER A 24 -2.59 -0.53 -17.82
C SER A 24 -3.26 -1.85 -17.42
N GLY A 25 -4.58 -1.89 -17.35
CA GLY A 25 -5.31 -3.13 -17.10
C GLY A 25 -5.32 -3.45 -15.62
N TYR A 26 -5.38 -2.43 -14.76
CA TYR A 26 -5.44 -2.51 -13.30
C TYR A 26 -6.73 -1.85 -12.83
N TYR A 27 -7.04 -2.00 -11.54
CA TYR A 27 -8.14 -1.29 -10.90
C TYR A 27 -7.54 -0.17 -10.07
N TYR A 28 -8.19 0.99 -10.05
CA TYR A 28 -7.91 2.11 -9.17
C TYR A 28 -8.98 2.08 -8.08
N ASP A 29 -8.56 2.29 -6.84
CA ASP A 29 -9.37 2.32 -5.64
C ASP A 29 -9.73 3.76 -5.28
N PRO A 30 -10.81 4.35 -5.80
CA PRO A 30 -11.23 5.70 -5.40
C PRO A 30 -11.56 5.80 -3.90
N GLN A 31 -11.68 4.68 -3.18
CA GLN A 31 -12.05 4.64 -1.78
C GLN A 31 -10.85 4.93 -0.86
N THR A 32 -9.61 4.92 -1.37
CA THR A 32 -8.42 5.44 -0.65
C THR A 32 -7.37 6.08 -1.56
N GLY A 33 -7.33 5.71 -2.84
CA GLY A 33 -6.38 6.21 -3.83
C GLY A 33 -5.32 5.20 -4.24
N LEU A 34 -5.41 3.96 -3.74
CA LEU A 34 -4.57 2.82 -4.12
C LEU A 34 -4.92 2.33 -5.53
N TYR A 35 -4.22 1.32 -6.01
CA TYR A 35 -4.66 0.43 -7.09
C TYR A 35 -4.77 -0.98 -6.52
N TYR A 36 -5.41 -1.87 -7.28
CA TYR A 36 -5.58 -3.29 -6.98
C TYR A 36 -5.44 -4.09 -8.27
N ASP A 37 -5.22 -5.41 -8.16
CA ASP A 37 -5.11 -6.33 -9.29
C ASP A 37 -5.96 -7.58 -9.05
N PRO A 38 -6.59 -8.14 -10.10
CA PRO A 38 -7.48 -9.28 -9.97
C PRO A 38 -6.74 -10.59 -9.70
N ASN A 39 -5.58 -10.81 -10.32
CA ASN A 39 -4.84 -12.05 -10.15
C ASN A 39 -4.09 -12.02 -8.82
N SER A 40 -3.59 -10.86 -8.42
CA SER A 40 -2.52 -10.73 -7.44
C SER A 40 -2.94 -9.70 -6.39
N GLN A 41 -3.57 -10.18 -5.32
CA GLN A 41 -4.36 -9.39 -4.35
C GLN A 41 -3.58 -8.28 -3.61
N TYR A 42 -2.29 -8.11 -3.89
CA TYR A 42 -1.47 -7.04 -3.37
C TYR A 42 -1.92 -5.72 -3.97
N TYR A 43 -2.25 -4.77 -3.11
CA TYR A 43 -2.63 -3.43 -3.51
C TYR A 43 -1.36 -2.68 -3.90
N TYR A 44 -1.42 -1.85 -4.93
CA TYR A 44 -0.31 -1.00 -5.37
C TYR A 44 -0.56 0.43 -4.90
N ASN A 45 0.31 0.91 -4.03
CA ASN A 45 0.35 2.29 -3.58
C ASN A 45 1.24 3.05 -4.55
N ALA A 46 0.67 3.55 -5.65
CA ALA A 46 1.35 4.36 -6.65
C ALA A 46 2.12 5.50 -5.96
N GLN A 47 1.52 6.07 -4.92
CA GLN A 47 2.01 7.18 -4.11
C GLN A 47 3.39 7.01 -3.47
N SER A 48 3.98 5.80 -3.46
CA SER A 48 5.41 5.62 -3.25
C SER A 48 5.94 4.44 -4.08
N GLN A 49 5.11 3.87 -4.95
CA GLN A 49 5.26 2.61 -5.69
C GLN A 49 5.30 1.38 -4.78
N GLN A 50 4.87 1.49 -3.52
CA GLN A 50 4.87 0.40 -2.55
C GLN A 50 3.82 -0.66 -2.91
N TYR A 51 4.08 -1.93 -2.58
CA TYR A 51 3.10 -3.00 -2.63
C TYR A 51 2.70 -3.35 -1.20
N LEU A 52 1.39 -3.45 -0.97
CA LEU A 52 0.73 -3.61 0.31
C LEU A 52 -0.35 -4.70 0.14
N TYR A 53 -1.15 -4.98 1.16
CA TYR A 53 -2.40 -5.72 1.01
C TYR A 53 -3.41 -5.21 2.03
N TRP A 54 -4.70 -5.48 1.77
CA TRP A 54 -5.80 -5.22 2.67
C TRP A 54 -5.89 -6.37 3.67
N ASP A 55 -5.46 -6.12 4.91
CA ASP A 55 -5.63 -7.02 6.06
C ASP A 55 -6.95 -6.63 6.69
N GLY A 56 -8.00 -7.37 6.34
CA GLY A 56 -9.35 -7.15 6.85
C GLY A 56 -9.53 -7.67 8.28
N GLU A 57 -8.56 -8.37 8.86
CA GLU A 57 -8.61 -8.75 10.27
C GLU A 57 -8.34 -7.51 11.12
N ARG A 58 -7.28 -6.77 10.78
CA ARG A 58 -6.93 -5.49 11.39
C ARG A 58 -7.75 -4.32 10.81
N ARG A 59 -8.41 -4.52 9.66
CA ARG A 59 -8.96 -3.47 8.80
C ARG A 59 -7.91 -2.38 8.58
N THR A 60 -6.77 -2.73 7.98
CA THR A 60 -5.75 -1.76 7.61
C THR A 60 -4.99 -2.25 6.38
N TYR A 61 -4.10 -1.41 5.87
CA TYR A 61 -3.25 -1.68 4.72
C TYR A 61 -1.82 -1.85 5.22
N VAL A 62 -1.24 -3.00 4.95
CA VAL A 62 0.04 -3.46 5.50
C VAL A 62 1.01 -3.82 4.38
N PRO A 63 2.34 -3.75 4.60
CA PRO A 63 3.31 -4.10 3.57
C PRO A 63 3.30 -5.61 3.33
N ALA A 64 3.15 -6.01 2.07
CA ALA A 64 2.99 -7.43 1.76
C ALA A 64 4.30 -8.18 1.58
N LEU A 65 5.38 -7.53 1.98
CA LEU A 65 6.75 -7.87 1.70
C LEU A 65 7.60 -7.52 2.92
N GLU A 66 8.00 -6.25 2.99
CA GLU A 66 8.74 -5.59 4.04
C GLU A 66 8.39 -4.10 3.90
N GLN A 67 8.78 -3.51 2.76
CA GLN A 67 8.45 -2.18 2.24
C GLN A 67 8.61 -1.02 3.24
N SER A 68 8.43 0.22 2.73
CA SER A 68 8.74 1.48 3.40
C SER A 68 10.26 1.62 3.59
N ALA A 69 10.73 2.87 3.50
CA ALA A 69 12.12 3.27 3.66
C ALA A 69 13.06 2.50 2.74
N ASP A 70 12.70 2.46 1.46
CA ASP A 70 13.54 1.99 0.38
C ASP A 70 14.76 2.91 0.36
N GLY A 71 15.95 2.34 0.18
CA GLY A 71 17.17 3.06 0.48
C GLY A 71 18.32 2.51 -0.34
N HIS A 72 19.25 1.80 0.30
CA HIS A 72 20.34 1.01 -0.27
C HIS A 72 20.33 -0.33 0.47
N LYS A 73 19.19 -1.03 0.44
CA LYS A 73 18.85 -2.19 1.28
C LYS A 73 18.06 -3.19 0.42
N GLU A 74 17.57 -4.29 0.98
CA GLU A 74 16.78 -5.25 0.21
C GLU A 74 15.43 -4.60 -0.16
N THR A 75 14.55 -4.51 0.82
CA THR A 75 13.21 -3.95 0.68
C THR A 75 12.98 -2.86 1.70
N GLY A 76 13.28 -3.15 2.95
CA GLY A 76 13.14 -2.24 4.07
C GLY A 76 14.32 -2.46 5.02
N ALA A 77 14.58 -1.50 5.91
CA ALA A 77 15.43 -1.62 7.10
C ALA A 77 15.59 -0.25 7.77
N PRO A 78 15.99 -0.19 9.05
CA PRO A 78 16.23 1.05 9.80
C PRO A 78 17.51 1.78 9.34
N SER A 79 17.85 2.88 10.00
CA SER A 79 19.16 3.50 9.97
C SER A 79 20.23 2.43 10.13
N LYS A 80 21.02 2.24 9.08
CA LYS A 80 22.05 1.20 8.94
C LYS A 80 23.30 1.86 8.39
N GLU A 81 23.45 3.15 8.70
CA GLU A 81 24.40 4.09 8.15
C GLU A 81 24.09 4.37 6.68
N GLY A 82 24.11 5.64 6.30
CA GLY A 82 24.26 6.07 4.92
C GLY A 82 22.93 6.33 4.24
N LYS A 83 21.82 6.13 4.96
CA LYS A 83 20.47 6.47 4.57
C LYS A 83 19.65 6.80 5.82
N GLU A 84 20.30 7.06 6.96
CA GLU A 84 19.62 7.21 8.25
C GLU A 84 18.62 8.37 8.15
N LYS A 85 17.39 8.15 8.61
CA LYS A 85 16.29 9.11 8.54
C LYS A 85 16.06 9.72 7.14
N LYS A 86 16.57 9.10 6.07
CA LYS A 86 16.59 9.64 4.72
C LYS A 86 17.11 11.08 4.73
N GLU A 87 18.30 11.30 5.27
CA GLU A 87 19.12 12.44 4.89
C GLU A 87 19.46 12.31 3.38
N LYS A 88 18.71 12.98 2.50
CA LYS A 88 18.89 12.93 1.05
C LYS A 88 19.35 14.31 0.60
N HIS A 89 20.44 14.39 -0.17
CA HIS A 89 20.94 15.65 -0.69
C HIS A 89 21.22 15.54 -2.18
N LYS A 90 21.35 16.68 -2.87
CA LYS A 90 21.72 16.73 -4.27
C LYS A 90 23.21 16.99 -4.33
N THR A 91 23.96 16.09 -4.93
CA THR A 91 25.36 16.28 -5.27
C THR A 91 25.55 15.88 -6.72
N LYS A 92 26.55 16.48 -7.38
CA LYS A 92 26.54 16.69 -8.82
C LYS A 92 25.25 17.46 -9.11
N GLY A 1 -11.47 -17.41 22.88
CA GLY A 1 -12.76 -16.81 23.26
C GLY A 1 -13.00 -15.53 22.46
N HIS A 2 -13.96 -14.68 22.88
CA HIS A 2 -14.29 -13.44 22.19
C HIS A 2 -14.66 -12.37 23.21
N MET A 3 -13.77 -11.41 23.45
CA MET A 3 -14.07 -10.17 24.16
C MET A 3 -13.31 -9.02 23.49
N GLN A 4 -13.95 -7.85 23.45
CA GLN A 4 -13.47 -6.59 22.90
C GLN A 4 -12.80 -6.76 21.53
N GLU A 5 -13.58 -6.99 20.47
CA GLU A 5 -13.05 -7.15 19.12
C GLU A 5 -12.37 -5.86 18.59
N SER A 6 -12.56 -4.72 19.27
CA SER A 6 -11.76 -3.49 19.16
C SER A 6 -11.54 -3.05 17.71
N TYR A 7 -12.53 -2.37 17.12
CA TYR A 7 -12.70 -2.28 15.68
C TYR A 7 -12.68 -0.83 15.22
N SER A 8 -11.67 -0.50 14.43
CA SER A 8 -11.51 0.80 13.79
C SER A 8 -10.70 0.67 12.48
N GLN A 9 -9.76 -0.29 12.45
CA GLN A 9 -8.98 -0.65 11.28
C GLN A 9 -9.87 -1.27 10.16
N TYR A 10 -9.25 -1.79 9.10
CA TYR A 10 -9.95 -2.22 7.89
C TYR A 10 -10.27 -3.73 7.90
N PRO A 11 -11.24 -4.16 7.05
CA PRO A 11 -11.45 -5.56 6.68
C PRO A 11 -10.29 -6.09 5.81
N VAL A 12 -10.38 -7.34 5.34
CA VAL A 12 -9.39 -8.01 4.52
C VAL A 12 -9.91 -8.14 3.08
N PRO A 13 -9.70 -7.12 2.21
CA PRO A 13 -10.08 -7.18 0.80
C PRO A 13 -9.23 -8.19 0.03
N ASP A 14 -9.77 -8.71 -1.06
CA ASP A 14 -9.20 -9.74 -1.88
C ASP A 14 -9.16 -9.28 -3.33
N VAL A 15 -8.01 -9.39 -4.00
CA VAL A 15 -7.92 -9.10 -5.43
C VAL A 15 -8.84 -10.02 -6.24
N SER A 16 -9.18 -11.20 -5.72
CA SER A 16 -10.12 -12.12 -6.29
C SER A 16 -11.45 -11.44 -6.65
N THR A 17 -12.07 -10.75 -5.70
CA THR A 17 -13.35 -10.08 -5.94
C THR A 17 -13.19 -8.76 -6.71
N TYR A 18 -11.98 -8.27 -7.04
CA TYR A 18 -11.82 -7.03 -7.79
C TYR A 18 -12.40 -7.18 -9.21
N GLN A 19 -12.74 -6.03 -9.79
CA GLN A 19 -13.09 -5.90 -11.19
C GLN A 19 -11.84 -5.53 -11.97
N TYR A 20 -11.43 -6.33 -12.96
CA TYR A 20 -10.48 -5.88 -13.96
C TYR A 20 -11.07 -4.70 -14.77
N ASP A 21 -10.23 -3.90 -15.41
CA ASP A 21 -10.60 -3.04 -16.52
C ASP A 21 -9.56 -3.14 -17.61
N GLU A 22 -9.91 -3.80 -18.71
CA GLU A 22 -9.07 -3.97 -19.88
C GLU A 22 -8.70 -2.63 -20.53
N THR A 23 -9.50 -1.57 -20.37
CA THR A 23 -9.22 -0.29 -21.01
C THR A 23 -7.89 0.28 -20.50
N SER A 24 -7.72 0.32 -19.19
CA SER A 24 -6.49 0.69 -18.52
C SER A 24 -5.52 -0.50 -18.57
N GLY A 25 -6.00 -1.69 -18.22
CA GLY A 25 -5.20 -2.88 -17.97
C GLY A 25 -5.04 -3.13 -16.45
N TYR A 26 -5.84 -2.45 -15.63
CA TYR A 26 -5.72 -2.36 -14.18
C TYR A 26 -6.87 -3.09 -13.52
N TYR A 27 -6.90 -3.15 -12.19
CA TYR A 27 -8.03 -3.64 -11.42
C TYR A 27 -8.58 -2.51 -10.57
N TYR A 28 -9.84 -2.62 -10.20
CA TYR A 28 -10.58 -1.72 -9.33
C TYR A 28 -10.94 -2.47 -8.04
N ASP A 29 -10.74 -1.83 -6.89
CA ASP A 29 -10.98 -2.33 -5.54
C ASP A 29 -12.32 -1.84 -5.02
N PRO A 30 -13.45 -2.52 -5.28
CA PRO A 30 -14.76 -2.06 -4.83
C PRO A 30 -14.90 -1.97 -3.30
N GLN A 31 -13.93 -2.47 -2.52
CA GLN A 31 -14.00 -2.40 -1.08
C GLN A 31 -13.72 -0.97 -0.59
N THR A 32 -12.95 -0.20 -1.35
CA THR A 32 -12.32 1.05 -0.90
C THR A 32 -12.29 2.13 -1.97
N GLY A 33 -12.37 1.73 -3.24
CA GLY A 33 -12.56 2.60 -4.38
C GLY A 33 -11.28 2.86 -5.15
N LEU A 34 -10.14 2.34 -4.69
CA LEU A 34 -8.86 2.56 -5.35
C LEU A 34 -8.81 1.69 -6.62
N TYR A 35 -7.76 1.88 -7.39
CA TYR A 35 -7.33 0.95 -8.42
C TYR A 35 -6.05 0.24 -7.92
N TYR A 36 -5.69 -0.85 -8.59
CA TYR A 36 -4.62 -1.76 -8.24
C TYR A 36 -3.97 -2.25 -9.52
N ASP A 37 -2.66 -2.47 -9.49
CA ASP A 37 -1.87 -3.02 -10.60
C ASP A 37 -1.34 -4.39 -10.18
N PRO A 38 -1.27 -5.37 -11.10
CA PRO A 38 -0.82 -6.71 -10.75
C PRO A 38 0.70 -6.79 -10.63
N ASN A 39 1.46 -5.96 -11.36
CA ASN A 39 2.90 -5.86 -11.25
C ASN A 39 3.30 -5.13 -9.97
N SER A 40 2.48 -4.15 -9.57
CA SER A 40 2.89 -3.07 -8.69
C SER A 40 1.86 -2.94 -7.58
N GLN A 41 2.06 -3.58 -6.44
CA GLN A 41 1.10 -3.55 -5.32
C GLN A 41 0.93 -2.14 -4.70
N TYR A 42 1.51 -1.08 -5.26
CA TYR A 42 1.20 0.30 -4.94
C TYR A 42 -0.13 0.68 -5.61
N TYR A 43 -1.20 0.75 -4.84
CA TYR A 43 -2.56 1.09 -5.25
C TYR A 43 -2.63 2.54 -5.75
N TYR A 44 -3.69 2.87 -6.49
CA TYR A 44 -3.96 4.19 -7.05
C TYR A 44 -5.28 4.71 -6.49
N ASN A 45 -5.18 5.72 -5.66
CA ASN A 45 -6.31 6.42 -5.08
C ASN A 45 -6.79 7.50 -6.05
N ALA A 46 -7.66 7.13 -6.98
CA ALA A 46 -8.18 7.99 -8.04
C ALA A 46 -8.89 9.26 -7.54
N GLN A 47 -9.25 9.31 -6.25
CA GLN A 47 -9.75 10.51 -5.58
C GLN A 47 -8.74 11.64 -5.76
N SER A 48 -7.65 11.58 -5.00
CA SER A 48 -6.63 12.62 -4.97
C SER A 48 -5.50 12.32 -5.95
N GLN A 49 -5.70 11.36 -6.86
CA GLN A 49 -4.74 10.80 -7.80
C GLN A 49 -3.49 10.23 -7.09
N GLN A 50 -3.60 9.83 -5.82
CA GLN A 50 -2.46 9.54 -4.96
C GLN A 50 -2.09 8.05 -5.00
N TYR A 51 -0.93 7.65 -4.48
CA TYR A 51 -0.49 6.25 -4.47
C TYR A 51 -0.52 5.73 -3.04
N LEU A 52 -0.98 4.50 -2.84
CA LEU A 52 -1.13 3.86 -1.52
C LEU A 52 -0.58 2.43 -1.55
N TYR A 53 -0.64 1.71 -0.44
CA TYR A 53 -0.54 0.27 -0.39
C TYR A 53 -1.43 -0.26 0.73
N TRP A 54 -1.88 -1.51 0.62
CA TRP A 54 -2.51 -2.27 1.67
C TRP A 54 -1.39 -2.82 2.55
N ASP A 55 -1.39 -2.46 3.84
CA ASP A 55 -0.46 -3.00 4.83
C ASP A 55 -1.25 -3.80 5.86
N GLY A 56 -1.32 -5.11 5.63
CA GLY A 56 -1.90 -6.07 6.55
C GLY A 56 -1.12 -6.20 7.85
N GLU A 57 0.14 -5.72 7.95
CA GLU A 57 0.82 -5.66 9.25
C GLU A 57 0.09 -4.69 10.17
N ARG A 58 -0.65 -3.74 9.59
CA ARG A 58 -1.38 -2.68 10.28
C ARG A 58 -2.88 -2.73 9.99
N ARG A 59 -3.32 -3.65 9.14
CA ARG A 59 -4.69 -3.76 8.62
C ARG A 59 -5.19 -2.38 8.19
N THR A 60 -4.42 -1.65 7.39
CA THR A 60 -4.84 -0.34 6.94
C THR A 60 -4.21 -0.03 5.57
N TYR A 61 -4.61 1.11 5.00
CA TYR A 61 -3.99 1.66 3.81
C TYR A 61 -3.04 2.75 4.23
N VAL A 62 -1.85 2.75 3.64
CA VAL A 62 -0.79 3.70 3.90
C VAL A 62 -0.37 4.31 2.56
N PRO A 63 0.18 5.53 2.51
CA PRO A 63 0.55 6.17 1.25
C PRO A 63 1.94 5.70 0.81
N ALA A 64 2.10 5.29 -0.45
CA ALA A 64 3.31 4.56 -0.88
C ALA A 64 4.44 5.43 -1.45
N LEU A 65 4.39 6.73 -1.20
CA LEU A 65 5.44 7.64 -1.61
C LEU A 65 6.70 7.47 -0.76
N GLU A 66 7.79 7.99 -1.34
CA GLU A 66 9.09 8.31 -0.75
C GLU A 66 9.87 7.06 -0.32
N GLN A 67 9.32 6.22 0.56
CA GLN A 67 9.96 4.96 0.99
C GLN A 67 11.24 5.33 1.79
N SER A 68 12.19 4.42 2.00
CA SER A 68 13.56 4.77 2.42
C SER A 68 13.75 5.43 3.79
N ALA A 69 12.70 5.60 4.58
CA ALA A 69 12.69 6.20 5.92
C ALA A 69 13.33 7.60 5.92
N ASP A 70 12.96 8.40 4.93
CA ASP A 70 13.51 9.71 4.59
C ASP A 70 12.64 10.89 5.03
N GLY A 71 11.32 10.71 5.02
CA GLY A 71 10.34 11.69 5.44
C GLY A 71 10.02 12.74 4.39
N HIS A 72 11.02 13.54 3.99
CA HIS A 72 10.88 14.73 3.16
C HIS A 72 12.20 14.99 2.40
N LYS A 73 12.91 13.92 2.02
CA LYS A 73 14.30 14.02 1.58
C LYS A 73 14.49 13.05 0.41
N GLU A 74 14.94 13.58 -0.73
CA GLU A 74 15.17 12.97 -2.02
C GLU A 74 13.92 12.68 -2.77
N THR A 75 12.91 12.24 -2.05
CA THR A 75 11.67 11.85 -2.63
C THR A 75 11.79 10.62 -3.54
N GLY A 76 12.99 10.08 -3.70
CA GLY A 76 13.25 9.15 -4.77
C GLY A 76 14.73 8.98 -5.08
N ALA A 77 15.45 8.20 -4.28
CA ALA A 77 16.71 7.57 -4.67
C ALA A 77 16.51 6.06 -4.83
N PRO A 78 17.40 5.35 -5.53
CA PRO A 78 17.40 3.90 -5.62
C PRO A 78 17.59 3.28 -4.23
N SER A 79 16.54 2.64 -3.71
CA SER A 79 16.51 1.78 -2.55
C SER A 79 15.30 0.89 -2.76
N LYS A 80 15.48 -0.43 -2.73
CA LYS A 80 14.36 -1.38 -2.74
C LYS A 80 14.78 -2.67 -2.06
N GLU A 81 15.49 -2.52 -0.94
CA GLU A 81 16.14 -3.55 -0.12
C GLU A 81 16.99 -4.50 -0.97
N GLY A 82 18.29 -4.25 -1.09
CA GLY A 82 19.17 -4.97 -2.01
C GLY A 82 19.41 -4.21 -3.32
N LYS A 83 19.51 -2.88 -3.23
CA LYS A 83 19.84 -1.89 -4.27
C LYS A 83 19.73 -0.49 -3.67
N GLU A 84 20.35 -0.23 -2.50
CA GLU A 84 20.33 1.09 -1.84
C GLU A 84 21.74 1.57 -1.51
N LYS A 85 21.82 2.76 -0.90
CA LYS A 85 23.02 3.35 -0.32
C LYS A 85 23.44 2.66 1.01
N LYS A 86 23.23 1.35 1.15
CA LYS A 86 23.51 0.51 2.33
C LYS A 86 23.01 1.09 3.67
N GLU A 87 21.96 1.89 3.64
CA GLU A 87 21.59 2.89 4.65
C GLU A 87 20.61 2.34 5.70
N LYS A 88 20.77 1.08 6.12
CA LYS A 88 19.83 0.41 7.03
C LYS A 88 20.44 0.13 8.41
N HIS A 89 21.62 0.63 8.72
CA HIS A 89 22.37 0.21 9.90
C HIS A 89 22.04 1.10 11.10
N LYS A 90 21.01 0.76 11.86
CA LYS A 90 20.72 1.35 13.16
C LYS A 90 19.87 0.42 14.01
N THR A 91 20.07 0.47 15.32
CA THR A 91 19.36 -0.32 16.32
C THR A 91 19.36 0.48 17.64
N LYS A 92 18.95 -0.12 18.75
CA LYS A 92 19.15 0.36 20.11
C LYS A 92 19.20 -0.90 20.96
N GLY A 1 -16.89 -7.64 24.54
CA GLY A 1 -18.28 -8.12 24.49
C GLY A 1 -19.21 -6.95 24.33
N HIS A 2 -19.48 -6.54 23.08
CA HIS A 2 -20.37 -5.46 22.69
C HIS A 2 -20.21 -4.19 23.55
N MET A 3 -18.97 -3.77 23.80
CA MET A 3 -18.66 -2.46 24.35
C MET A 3 -18.37 -1.51 23.16
N GLN A 4 -17.89 -0.30 23.41
CA GLN A 4 -17.31 0.56 22.39
C GLN A 4 -15.87 0.09 22.13
N GLU A 5 -15.57 -0.47 20.95
CA GLU A 5 -14.22 -0.94 20.61
C GLU A 5 -13.58 -0.17 19.44
N SER A 6 -14.35 0.41 18.52
CA SER A 6 -13.87 0.93 17.23
C SER A 6 -12.98 -0.09 16.50
N TYR A 7 -13.61 -1.10 15.90
CA TYR A 7 -12.99 -2.11 15.05
C TYR A 7 -13.87 -2.29 13.82
N SER A 8 -13.37 -2.98 12.79
CA SER A 8 -14.05 -3.23 11.53
C SER A 8 -14.48 -1.91 10.82
N GLN A 9 -13.49 -1.07 10.50
CA GLN A 9 -13.63 0.20 9.81
C GLN A 9 -14.09 0.08 8.34
N TYR A 10 -13.84 -1.06 7.70
CA TYR A 10 -14.19 -1.35 6.30
C TYR A 10 -14.85 -2.73 6.19
N PRO A 11 -15.50 -3.03 5.06
CA PRO A 11 -15.93 -4.38 4.69
C PRO A 11 -14.73 -5.24 4.29
N VAL A 12 -14.97 -6.46 3.80
CA VAL A 12 -13.99 -7.36 3.24
C VAL A 12 -14.33 -7.48 1.74
N PRO A 13 -13.84 -6.57 0.87
CA PRO A 13 -14.16 -6.59 -0.55
C PRO A 13 -13.42 -7.74 -1.25
N ASP A 14 -13.87 -8.14 -2.45
CA ASP A 14 -13.32 -9.29 -3.18
C ASP A 14 -13.14 -8.96 -4.66
N VAL A 15 -12.02 -9.35 -5.25
CA VAL A 15 -11.73 -9.09 -6.67
C VAL A 15 -12.76 -9.74 -7.61
N SER A 16 -13.47 -10.77 -7.16
CA SER A 16 -14.60 -11.38 -7.86
C SER A 16 -15.83 -10.46 -7.92
N THR A 17 -15.74 -9.18 -7.53
CA THR A 17 -16.80 -8.19 -7.77
C THR A 17 -16.24 -6.95 -8.47
N TYR A 18 -14.96 -6.94 -8.86
CA TYR A 18 -14.35 -5.80 -9.54
C TYR A 18 -14.67 -5.87 -11.04
N GLN A 19 -14.75 -4.70 -11.68
CA GLN A 19 -14.98 -4.47 -13.11
C GLN A 19 -13.66 -4.30 -13.87
N TYR A 20 -13.17 -5.30 -14.61
CA TYR A 20 -11.91 -5.18 -15.35
C TYR A 20 -11.97 -4.00 -16.32
N ASP A 21 -10.84 -3.38 -16.65
CA ASP A 21 -10.77 -2.30 -17.61
C ASP A 21 -9.67 -2.66 -18.57
N GLU A 22 -10.03 -3.29 -19.68
CA GLU A 22 -9.10 -3.65 -20.76
C GLU A 22 -8.28 -2.44 -21.23
N THR A 23 -8.85 -1.24 -21.21
CA THR A 23 -8.21 -0.05 -21.74
C THR A 23 -7.00 0.38 -20.89
N SER A 24 -6.74 -0.27 -19.75
CA SER A 24 -5.48 -0.12 -19.02
C SER A 24 -4.95 -1.46 -18.51
N GLY A 25 -5.74 -2.53 -18.55
CA GLY A 25 -5.26 -3.89 -18.29
C GLY A 25 -5.31 -4.24 -16.82
N TYR A 26 -6.09 -3.50 -16.03
CA TYR A 26 -6.16 -3.55 -14.58
C TYR A 26 -7.62 -3.81 -14.19
N TYR A 27 -7.85 -3.97 -12.90
CA TYR A 27 -9.17 -4.14 -12.31
C TYR A 27 -9.58 -2.77 -11.75
N TYR A 28 -10.82 -2.30 -11.96
CA TYR A 28 -11.38 -1.15 -11.26
C TYR A 28 -12.27 -1.70 -10.16
N ASP A 29 -12.25 -1.04 -8.99
CA ASP A 29 -12.67 -1.64 -7.74
C ASP A 29 -13.87 -0.86 -7.19
N PRO A 30 -15.08 -1.04 -7.72
CA PRO A 30 -16.24 -0.18 -7.46
C PRO A 30 -16.74 -0.19 -6.01
N GLN A 31 -16.25 -1.12 -5.17
CA GLN A 31 -16.61 -1.15 -3.77
C GLN A 31 -15.85 -0.06 -2.98
N THR A 32 -14.69 0.38 -3.46
CA THR A 32 -13.72 1.17 -2.69
C THR A 32 -13.16 2.34 -3.50
N GLY A 33 -13.11 2.22 -4.83
CA GLY A 33 -12.80 3.32 -5.73
C GLY A 33 -11.43 3.22 -6.41
N LEU A 34 -10.64 2.21 -6.06
CA LEU A 34 -9.26 2.02 -6.46
C LEU A 34 -9.21 1.33 -7.82
N TYR A 35 -8.00 1.03 -8.29
CA TYR A 35 -7.75 -0.04 -9.25
C TYR A 35 -6.89 -1.12 -8.59
N TYR A 36 -7.19 -2.39 -8.83
CA TYR A 36 -6.46 -3.54 -8.31
C TYR A 36 -5.61 -4.12 -9.44
N ASP A 37 -4.51 -4.81 -9.10
CA ASP A 37 -3.81 -5.63 -10.09
C ASP A 37 -3.59 -7.06 -9.59
N PRO A 38 -3.68 -8.07 -10.49
CA PRO A 38 -3.49 -9.46 -10.13
C PRO A 38 -2.07 -9.82 -9.70
N ASN A 39 -1.03 -9.16 -10.22
CA ASN A 39 0.35 -9.32 -9.77
C ASN A 39 0.67 -8.38 -8.61
N SER A 40 -0.14 -7.35 -8.40
CA SER A 40 0.24 -6.20 -7.60
C SER A 40 -0.96 -5.77 -6.74
N GLN A 41 -1.18 -6.45 -5.60
CA GLN A 41 -2.23 -6.14 -4.62
C GLN A 41 -2.12 -4.72 -4.02
N TYR A 42 -1.21 -3.89 -4.48
CA TYR A 42 -1.09 -2.49 -4.14
C TYR A 42 -2.19 -1.74 -4.89
N TYR A 43 -3.33 -1.56 -4.22
CA TYR A 43 -4.50 -0.88 -4.75
C TYR A 43 -4.10 0.54 -5.14
N TYR A 44 -4.33 0.90 -6.40
CA TYR A 44 -3.96 2.17 -6.98
C TYR A 44 -5.09 3.14 -6.69
N ASN A 45 -4.80 4.08 -5.79
CA ASN A 45 -5.67 5.20 -5.50
C ASN A 45 -5.42 6.28 -6.55
N ALA A 46 -5.99 6.12 -7.75
CA ALA A 46 -5.81 7.04 -8.87
C ALA A 46 -6.15 8.48 -8.47
N GLN A 47 -7.12 8.62 -7.57
CA GLN A 47 -7.60 9.84 -6.97
C GLN A 47 -6.43 10.74 -6.57
N SER A 48 -5.58 10.27 -5.65
CA SER A 48 -4.47 11.01 -5.08
C SER A 48 -3.13 10.50 -5.63
N GLN A 49 -3.19 9.66 -6.68
CA GLN A 49 -2.06 8.99 -7.33
C GLN A 49 -1.13 8.36 -6.27
N GLN A 50 -1.75 7.76 -5.25
CA GLN A 50 -1.10 7.00 -4.19
C GLN A 50 -1.32 5.52 -4.44
N TYR A 51 -0.48 4.70 -3.83
CA TYR A 51 -0.62 3.26 -3.79
C TYR A 51 -0.92 2.90 -2.35
N LEU A 52 -1.98 2.12 -2.19
CA LEU A 52 -2.48 1.63 -0.92
C LEU A 52 -2.41 0.12 -0.97
N TYR A 53 -2.77 -0.54 0.11
CA TYR A 53 -3.17 -1.92 0.09
C TYR A 53 -4.33 -2.07 1.07
N TRP A 54 -5.17 -3.07 0.83
CA TRP A 54 -6.19 -3.49 1.76
C TRP A 54 -5.47 -4.29 2.84
N ASP A 55 -5.82 -4.08 4.11
CA ASP A 55 -5.24 -4.88 5.18
C ASP A 55 -6.33 -5.37 6.10
N GLY A 56 -6.71 -6.62 5.85
CA GLY A 56 -7.80 -7.28 6.51
C GLY A 56 -7.57 -7.48 8.01
N GLU A 57 -6.38 -7.22 8.55
CA GLU A 57 -6.16 -7.36 9.98
C GLU A 57 -6.87 -6.20 10.67
N ARG A 58 -6.39 -4.98 10.39
CA ARG A 58 -6.93 -3.74 10.91
C ARG A 58 -8.24 -3.35 10.24
N ARG A 59 -8.65 -4.08 9.19
CA ARG A 59 -9.79 -3.79 8.32
C ARG A 59 -9.79 -2.31 7.93
N THR A 60 -8.70 -1.83 7.34
CA THR A 60 -8.66 -0.53 6.70
C THR A 60 -7.72 -0.58 5.51
N TYR A 61 -7.84 0.42 4.63
CA TYR A 61 -6.85 0.68 3.59
C TYR A 61 -5.73 1.47 4.24
N VAL A 62 -4.51 1.08 3.92
CA VAL A 62 -3.28 1.72 4.35
C VAL A 62 -2.44 2.05 3.12
N PRO A 63 -1.55 3.06 3.18
CA PRO A 63 -0.60 3.31 2.11
C PRO A 63 0.41 2.17 2.05
N ALA A 64 0.71 1.70 0.83
CA ALA A 64 1.63 0.58 0.58
C ALA A 64 3.03 1.06 0.21
N LEU A 65 3.39 2.28 0.60
CA LEU A 65 4.63 2.99 0.27
C LEU A 65 5.94 2.26 0.58
N GLU A 66 5.86 1.15 1.29
CA GLU A 66 6.95 0.35 1.78
C GLU A 66 6.46 -1.10 1.71
N GLN A 67 5.61 -1.53 2.66
CA GLN A 67 5.02 -2.87 2.71
C GLN A 67 6.08 -4.01 2.74
N SER A 68 7.37 -3.71 2.96
CA SER A 68 8.44 -4.66 3.18
C SER A 68 9.52 -3.95 4.01
N ALA A 69 9.55 -4.19 5.33
CA ALA A 69 10.51 -3.58 6.24
C ALA A 69 11.76 -4.45 6.28
N ASP A 70 12.51 -4.41 5.18
CA ASP A 70 13.71 -5.21 4.94
C ASP A 70 14.89 -4.29 4.63
N GLY A 71 14.80 -3.01 5.00
CA GLY A 71 15.67 -1.95 4.53
C GLY A 71 16.51 -1.28 5.61
N HIS A 72 16.17 -1.41 6.89
CA HIS A 72 16.94 -0.90 8.04
C HIS A 72 17.38 0.56 7.92
N LYS A 73 16.54 1.47 7.39
CA LYS A 73 16.87 2.89 7.20
C LYS A 73 15.63 3.74 7.48
N GLU A 74 15.64 5.01 7.09
CA GLU A 74 14.45 5.85 7.00
C GLU A 74 13.58 5.41 5.84
N THR A 75 12.34 5.89 5.87
CA THR A 75 11.38 5.82 4.78
C THR A 75 12.03 6.30 3.48
N GLY A 76 12.76 7.41 3.55
CA GLY A 76 13.47 8.02 2.46
C GLY A 76 14.85 8.47 2.93
N ALA A 77 15.00 9.79 3.07
CA ALA A 77 16.26 10.52 3.25
C ALA A 77 17.28 10.23 2.13
N PRO A 78 18.30 11.10 1.94
CA PRO A 78 19.43 10.80 1.07
C PRO A 78 20.33 9.71 1.69
N SER A 79 21.35 9.24 0.96
CA SER A 79 22.33 8.29 1.49
C SER A 79 23.62 8.24 0.65
N LYS A 80 24.57 7.37 1.03
CA LYS A 80 25.68 6.87 0.23
C LYS A 80 26.62 7.97 -0.30
N GLU A 81 26.56 9.16 0.31
CA GLU A 81 27.15 10.41 -0.17
C GLU A 81 27.63 11.24 1.02
N GLY A 82 27.86 10.61 2.18
CA GLY A 82 28.08 11.32 3.45
C GLY A 82 26.75 11.89 4.00
N LYS A 83 25.62 11.33 3.54
CA LYS A 83 24.26 11.85 3.74
C LYS A 83 23.37 10.80 4.43
N GLU A 84 23.89 9.59 4.57
CA GLU A 84 23.21 8.46 5.15
C GLU A 84 23.21 8.60 6.67
N LYS A 85 22.52 7.68 7.35
CA LYS A 85 22.52 7.50 8.80
C LYS A 85 23.88 7.07 9.39
N LYS A 86 25.02 7.44 8.80
CA LYS A 86 26.36 6.95 9.15
C LYS A 86 26.38 5.43 9.35
N GLU A 87 25.71 4.66 8.48
CA GLU A 87 25.70 3.20 8.53
C GLU A 87 27.09 2.69 8.14
N LYS A 88 27.72 3.28 7.13
CA LYS A 88 29.08 2.98 6.69
C LYS A 88 29.83 4.25 6.33
N HIS A 89 31.10 4.11 5.98
CA HIS A 89 31.95 5.14 5.42
C HIS A 89 32.52 4.54 4.15
N LYS A 90 32.18 5.09 2.99
CA LYS A 90 32.65 4.58 1.70
C LYS A 90 32.63 5.74 0.70
N THR A 91 33.29 6.82 1.07
CA THR A 91 33.19 8.11 0.43
C THR A 91 34.55 8.79 0.58
N LYS A 92 35.43 8.59 -0.40
CA LYS A 92 36.66 9.32 -0.62
C LYS A 92 36.78 9.34 -2.14
N GLY A 1 2.74 -7.08 16.05
CA GLY A 1 1.29 -7.08 16.26
C GLY A 1 0.87 -8.29 17.08
N HIS A 2 0.15 -9.21 16.43
CA HIS A 2 -0.60 -10.31 17.01
C HIS A 2 -1.73 -9.77 17.91
N MET A 3 -2.74 -9.17 17.29
CA MET A 3 -4.02 -8.84 17.92
C MET A 3 -5.13 -9.31 16.99
N GLN A 4 -6.31 -9.54 17.54
CA GLN A 4 -7.56 -9.85 16.85
C GLN A 4 -8.64 -9.67 17.91
N GLU A 5 -9.65 -8.84 17.67
CA GLU A 5 -10.68 -8.56 18.67
C GLU A 5 -11.98 -8.22 17.95
N SER A 6 -12.21 -6.97 17.56
CA SER A 6 -13.40 -6.52 16.83
C SER A 6 -13.20 -5.16 16.14
N TYR A 7 -11.95 -4.68 16.03
CA TYR A 7 -11.62 -3.35 15.51
C TYR A 7 -11.26 -3.48 14.04
N SER A 8 -12.17 -3.03 13.19
CA SER A 8 -12.09 -3.22 11.76
C SER A 8 -13.01 -2.21 11.05
N GLN A 9 -12.55 -0.96 10.93
CA GLN A 9 -13.27 0.14 10.28
C GLN A 9 -13.36 -0.01 8.76
N TYR A 10 -12.60 -0.92 8.15
CA TYR A 10 -12.83 -1.43 6.80
C TYR A 10 -12.91 -2.97 6.84
N PRO A 11 -13.47 -3.60 5.78
CA PRO A 11 -13.38 -5.04 5.54
C PRO A 11 -11.95 -5.46 5.15
N VAL A 12 -11.76 -6.73 4.81
CA VAL A 12 -10.48 -7.33 4.43
C VAL A 12 -10.45 -7.55 2.90
N PRO A 13 -10.01 -6.56 2.09
CA PRO A 13 -9.82 -6.75 0.64
C PRO A 13 -8.62 -7.66 0.35
N ASP A 14 -8.37 -8.04 -0.90
CA ASP A 14 -7.18 -8.76 -1.33
C ASP A 14 -6.92 -8.53 -2.83
N VAL A 15 -5.69 -8.22 -3.23
CA VAL A 15 -5.30 -8.02 -4.62
C VAL A 15 -5.65 -9.19 -5.53
N SER A 16 -5.77 -10.40 -5.00
CA SER A 16 -6.11 -11.60 -5.76
C SER A 16 -7.50 -11.52 -6.42
N THR A 17 -8.34 -10.56 -6.04
CA THR A 17 -9.64 -10.33 -6.65
C THR A 17 -9.76 -8.90 -7.24
N TYR A 18 -8.67 -8.14 -7.33
CA TYR A 18 -8.66 -6.88 -8.08
C TYR A 18 -8.65 -7.18 -9.58
N GLN A 19 -9.19 -6.26 -10.35
CA GLN A 19 -9.15 -6.33 -11.81
C GLN A 19 -7.87 -5.69 -12.29
N TYR A 20 -6.98 -6.46 -12.92
CA TYR A 20 -5.85 -5.87 -13.62
C TYR A 20 -6.33 -5.06 -14.82
N ASP A 21 -5.60 -4.00 -15.14
CA ASP A 21 -5.81 -3.09 -16.26
C ASP A 21 -4.56 -3.18 -17.12
N GLU A 22 -4.69 -3.72 -18.32
CA GLU A 22 -3.58 -3.82 -19.26
C GLU A 22 -3.31 -2.53 -20.03
N THR A 23 -4.28 -1.60 -20.02
CA THR A 23 -4.20 -0.32 -20.69
C THR A 23 -3.13 0.59 -20.04
N SER A 24 -2.89 0.50 -18.74
CA SER A 24 -1.79 1.16 -18.04
C SER A 24 -0.95 0.21 -17.19
N GLY A 25 -1.49 -0.91 -16.71
CA GLY A 25 -0.71 -1.95 -16.04
C GLY A 25 -0.90 -1.95 -14.52
N TYR A 26 -2.01 -1.46 -13.97
CA TYR A 26 -2.28 -1.41 -12.53
C TYR A 26 -3.39 -2.40 -12.21
N TYR A 27 -3.78 -2.50 -10.93
CA TYR A 27 -4.85 -3.35 -10.45
C TYR A 27 -5.91 -2.47 -9.78
N TYR A 28 -7.16 -2.53 -10.22
CA TYR A 28 -8.27 -1.75 -9.71
C TYR A 28 -8.99 -2.52 -8.59
N ASP A 29 -9.30 -1.83 -7.49
CA ASP A 29 -10.01 -2.29 -6.29
C ASP A 29 -11.48 -1.86 -6.28
N PRO A 30 -12.43 -2.61 -6.86
CA PRO A 30 -13.84 -2.31 -6.71
C PRO A 30 -14.39 -2.42 -5.28
N GLN A 31 -13.62 -2.92 -4.31
CA GLN A 31 -14.06 -2.98 -2.92
C GLN A 31 -14.25 -1.55 -2.42
N THR A 32 -13.24 -0.68 -2.57
CA THR A 32 -13.34 0.73 -2.23
C THR A 32 -13.58 1.57 -3.48
N GLY A 33 -12.75 1.41 -4.51
CA GLY A 33 -12.61 2.28 -5.67
C GLY A 33 -11.16 2.74 -5.88
N LEU A 34 -10.20 2.22 -5.10
CA LEU A 34 -8.77 2.50 -5.25
C LEU A 34 -8.18 1.77 -6.46
N TYR A 35 -6.91 2.04 -6.76
CA TYR A 35 -6.04 1.23 -7.59
C TYR A 35 -4.82 0.80 -6.75
N TYR A 36 -4.01 -0.11 -7.27
CA TYR A 36 -2.85 -0.77 -6.64
C TYR A 36 -1.81 -1.01 -7.75
N ASP A 37 -0.52 -1.08 -7.39
CA ASP A 37 0.60 -1.31 -8.30
C ASP A 37 1.32 -2.59 -7.84
N PRO A 38 1.81 -3.43 -8.76
CA PRO A 38 2.40 -4.71 -8.38
C PRO A 38 3.80 -4.63 -7.76
N ASN A 39 4.65 -3.68 -8.14
CA ASN A 39 5.91 -3.51 -7.40
C ASN A 39 5.61 -2.86 -6.06
N SER A 40 4.63 -1.96 -6.04
CA SER A 40 4.51 -0.94 -5.02
C SER A 40 3.12 -0.98 -4.38
N GLN A 41 2.98 -1.70 -3.27
CA GLN A 41 1.75 -1.89 -2.47
C GLN A 41 1.09 -0.58 -1.99
N TYR A 42 1.67 0.57 -2.32
CA TYR A 42 1.11 1.89 -2.13
C TYR A 42 -0.02 2.06 -3.15
N TYR A 43 -1.26 2.01 -2.64
CA TYR A 43 -2.49 2.17 -3.41
C TYR A 43 -2.58 3.59 -3.96
N TYR A 44 -3.31 3.75 -5.06
CA TYR A 44 -3.61 5.01 -5.70
C TYR A 44 -5.08 5.32 -5.48
N ASN A 45 -5.34 6.55 -5.09
CA ASN A 45 -6.60 7.13 -4.67
C ASN A 45 -7.09 8.12 -5.72
N ALA A 46 -7.59 7.61 -6.85
CA ALA A 46 -7.95 8.36 -8.05
C ALA A 46 -8.85 9.57 -7.77
N GLN A 47 -9.60 9.50 -6.68
CA GLN A 47 -10.46 10.51 -6.11
C GLN A 47 -9.76 11.84 -5.84
N SER A 48 -8.46 11.77 -5.54
CA SER A 48 -7.67 12.89 -5.02
C SER A 48 -6.24 12.87 -5.58
N GLN A 49 -5.96 12.01 -6.57
CA GLN A 49 -4.64 11.73 -7.14
C GLN A 49 -3.54 11.51 -6.09
N GLN A 50 -3.88 10.97 -4.92
CA GLN A 50 -2.98 10.77 -3.79
C GLN A 50 -2.56 9.31 -3.62
N TYR A 51 -1.47 9.09 -2.89
CA TYR A 51 -0.92 7.77 -2.58
C TYR A 51 -1.26 7.36 -1.16
N LEU A 52 -1.69 6.11 -1.00
CA LEU A 52 -2.13 5.52 0.26
C LEU A 52 -1.48 4.14 0.42
N TYR A 53 -1.76 3.44 1.52
CA TYR A 53 -1.50 2.01 1.67
C TYR A 53 -2.57 1.42 2.59
N TRP A 54 -2.81 0.13 2.47
CA TRP A 54 -3.60 -0.65 3.43
C TRP A 54 -2.71 -0.91 4.63
N ASP A 55 -3.08 -0.46 5.83
CA ASP A 55 -2.45 -0.88 7.08
C ASP A 55 -3.34 -1.94 7.71
N GLY A 56 -3.03 -3.21 7.44
CA GLY A 56 -3.75 -4.34 8.00
C GLY A 56 -3.66 -4.42 9.52
N GLU A 57 -2.74 -3.71 10.16
CA GLU A 57 -2.65 -3.63 11.62
C GLU A 57 -3.76 -2.76 12.19
N ARG A 58 -4.40 -1.93 11.36
CA ARG A 58 -5.49 -1.05 11.73
C ARG A 58 -6.72 -1.29 10.87
N ARG A 59 -6.63 -2.18 9.88
CA ARG A 59 -7.65 -2.44 8.87
C ARG A 59 -8.23 -1.13 8.35
N THR A 60 -7.36 -0.29 7.79
CA THR A 60 -7.77 0.96 7.20
C THR A 60 -6.77 1.34 6.11
N TYR A 61 -7.04 2.40 5.37
CA TYR A 61 -6.12 2.96 4.40
C TYR A 61 -5.54 4.22 5.00
N VAL A 62 -4.23 4.38 4.89
CA VAL A 62 -3.46 5.51 5.42
C VAL A 62 -2.63 6.13 4.29
N PRO A 63 -2.27 7.42 4.38
CA PRO A 63 -1.50 8.12 3.35
C PRO A 63 -0.04 7.67 3.37
N ALA A 64 0.48 7.22 2.23
CA ALA A 64 1.82 6.63 2.12
C ALA A 64 2.95 7.64 1.93
N LEU A 65 2.64 8.90 2.16
CA LEU A 65 3.47 10.04 1.80
C LEU A 65 4.84 10.00 2.49
N GLU A 66 4.91 9.48 3.72
CA GLU A 66 6.17 9.29 4.45
C GLU A 66 6.64 7.83 4.41
N GLN A 67 5.72 6.87 4.34
CA GLN A 67 5.98 5.42 4.33
C GLN A 67 7.03 4.91 5.34
N SER A 68 7.16 5.60 6.49
CA SER A 68 8.12 5.37 7.57
C SER A 68 9.57 5.58 7.11
N ALA A 69 10.37 6.25 7.94
CA ALA A 69 11.67 6.80 7.60
C ALA A 69 11.56 7.73 6.38
N ASP A 70 12.70 8.09 5.80
CA ASP A 70 12.80 9.04 4.70
C ASP A 70 13.99 8.60 3.83
N GLY A 71 14.17 9.16 2.65
CA GLY A 71 15.28 8.84 1.74
C GLY A 71 15.09 7.49 1.08
N HIS A 72 15.18 6.39 1.83
CA HIS A 72 15.04 5.01 1.33
C HIS A 72 13.62 4.70 0.81
N LYS A 73 12.68 5.62 0.96
CA LYS A 73 11.41 5.60 0.24
C LYS A 73 11.73 5.59 -1.25
N GLU A 74 11.26 4.60 -1.99
CA GLU A 74 11.41 4.59 -3.43
C GLU A 74 10.47 5.65 -3.99
N THR A 75 9.22 5.64 -3.51
CA THR A 75 8.08 6.39 -4.02
C THR A 75 7.74 6.13 -5.51
N GLY A 76 8.70 5.70 -6.32
CA GLY A 76 8.68 5.79 -7.76
C GLY A 76 10.04 5.33 -8.25
N ALA A 77 10.33 4.03 -8.06
CA ALA A 77 11.46 3.28 -8.58
C ALA A 77 11.09 1.79 -8.51
N PRO A 78 11.69 0.91 -9.34
CA PRO A 78 11.51 -0.54 -9.21
C PRO A 78 12.15 -1.04 -7.90
N SER A 79 11.42 -1.88 -7.17
CA SER A 79 11.86 -2.47 -5.90
C SER A 79 12.84 -3.64 -6.16
N LYS A 80 14.08 -3.30 -6.54
CA LYS A 80 15.16 -4.26 -6.77
C LYS A 80 16.53 -3.70 -6.32
N GLU A 81 16.65 -2.40 -6.06
CA GLU A 81 17.91 -1.70 -5.79
C GLU A 81 18.48 -1.95 -4.37
N GLY A 82 18.03 -3.00 -3.67
CA GLY A 82 18.45 -3.32 -2.31
C GLY A 82 17.81 -2.41 -1.25
N LYS A 83 16.88 -1.55 -1.69
CA LYS A 83 16.01 -0.75 -0.83
C LYS A 83 14.57 -1.26 -0.95
N GLU A 84 14.41 -2.41 -1.63
CA GLU A 84 13.19 -3.01 -2.14
C GLU A 84 12.09 -2.98 -1.10
N LYS A 85 12.41 -3.47 0.10
CA LYS A 85 11.51 -3.51 1.25
C LYS A 85 12.34 -3.21 2.51
N LYS A 86 13.23 -2.23 2.40
CA LYS A 86 13.96 -1.57 3.49
C LYS A 86 14.52 -2.54 4.53
N GLU A 87 15.58 -3.26 4.15
CA GLU A 87 16.36 -4.21 4.96
C GLU A 87 17.07 -3.62 6.19
N LYS A 88 16.86 -2.33 6.50
CA LYS A 88 17.58 -1.55 7.52
C LYS A 88 19.08 -1.56 7.20
N HIS A 89 19.52 -0.59 6.39
CA HIS A 89 20.92 -0.46 6.01
C HIS A 89 21.80 -0.18 7.25
N LYS A 90 21.28 0.50 8.27
CA LYS A 90 21.96 0.77 9.53
C LYS A 90 21.00 0.54 10.70
N THR A 91 21.56 0.39 11.89
CA THR A 91 20.84 0.31 13.16
C THR A 91 20.79 1.68 13.83
N LYS A 92 20.16 1.77 15.00
CA LYS A 92 20.41 2.81 15.99
C LYS A 92 20.93 2.09 17.21
N GLY A 1 -16.39 -10.95 23.73
CA GLY A 1 -17.19 -10.13 24.64
C GLY A 1 -17.33 -8.74 24.05
N HIS A 2 -16.91 -7.72 24.79
CA HIS A 2 -17.07 -6.32 24.42
C HIS A 2 -18.55 -6.00 24.18
N MET A 3 -18.82 -4.86 23.54
CA MET A 3 -20.16 -4.41 23.21
C MET A 3 -20.23 -4.16 21.71
N GLN A 4 -19.46 -3.17 21.21
CA GLN A 4 -19.52 -2.70 19.83
C GLN A 4 -18.15 -2.18 19.41
N GLU A 5 -17.70 -2.50 18.20
CA GLU A 5 -16.45 -1.95 17.69
C GLU A 5 -16.60 -0.43 17.51
N SER A 6 -17.77 0.02 17.04
CA SER A 6 -17.96 1.36 16.46
C SER A 6 -16.95 1.63 15.33
N TYR A 7 -16.66 0.57 14.56
CA TYR A 7 -15.93 0.39 13.31
C TYR A 7 -14.48 0.86 13.38
N SER A 8 -14.32 2.14 13.67
CA SER A 8 -13.08 2.88 13.85
C SER A 8 -12.17 2.88 12.62
N GLN A 9 -12.54 2.24 11.50
CA GLN A 9 -11.70 1.85 10.39
C GLN A 9 -12.41 2.05 9.05
N TYR A 10 -11.80 1.53 7.98
CA TYR A 10 -12.29 1.56 6.61
C TYR A 10 -13.55 0.69 6.47
N PRO A 11 -14.33 0.88 5.38
CA PRO A 11 -15.38 -0.05 4.96
C PRO A 11 -14.76 -1.33 4.39
N VAL A 12 -15.56 -2.16 3.73
CA VAL A 12 -15.11 -3.35 3.02
C VAL A 12 -15.20 -3.06 1.51
N PRO A 13 -14.18 -2.46 0.88
CA PRO A 13 -14.16 -2.17 -0.56
C PRO A 13 -14.16 -3.48 -1.36
N ASP A 14 -14.45 -3.46 -2.68
CA ASP A 14 -14.47 -4.70 -3.48
C ASP A 14 -14.18 -4.45 -4.96
N VAL A 15 -13.45 -5.37 -5.60
CA VAL A 15 -13.22 -5.40 -7.04
C VAL A 15 -14.52 -5.52 -7.85
N SER A 16 -15.62 -5.98 -7.24
CA SER A 16 -16.95 -5.96 -7.81
C SER A 16 -17.43 -4.54 -8.20
N THR A 17 -16.66 -3.48 -7.90
CA THR A 17 -16.98 -2.12 -8.29
C THR A 17 -15.77 -1.32 -8.81
N TYR A 18 -14.62 -1.96 -9.10
CA TYR A 18 -13.49 -1.25 -9.70
C TYR A 18 -13.75 -0.90 -11.17
N GLN A 19 -12.95 0.00 -11.70
CA GLN A 19 -12.88 0.34 -13.12
C GLN A 19 -11.57 -0.21 -13.69
N TYR A 20 -11.62 -0.96 -14.79
CA TYR A 20 -10.43 -1.35 -15.53
C TYR A 20 -9.94 -0.18 -16.38
N ASP A 21 -8.64 -0.14 -16.63
CA ASP A 21 -8.00 0.82 -17.52
C ASP A 21 -7.14 0.04 -18.50
N GLU A 22 -7.74 -0.37 -19.61
CA GLU A 22 -7.14 -1.06 -20.77
C GLU A 22 -5.92 -0.31 -21.35
N THR A 23 -5.78 0.99 -21.09
CA THR A 23 -4.57 1.76 -21.36
C THR A 23 -3.30 1.05 -20.79
N SER A 24 -3.40 0.41 -19.61
CA SER A 24 -2.27 -0.25 -18.94
C SER A 24 -2.64 -1.61 -18.31
N GLY A 25 -3.92 -2.00 -18.26
CA GLY A 25 -4.34 -3.36 -17.93
C GLY A 25 -4.54 -3.58 -16.42
N TYR A 26 -4.73 -2.53 -15.64
CA TYR A 26 -4.92 -2.56 -14.20
C TYR A 26 -6.36 -2.17 -13.86
N TYR A 27 -6.72 -2.26 -12.58
CA TYR A 27 -8.03 -1.87 -12.06
C TYR A 27 -7.86 -0.78 -11.03
N TYR A 28 -8.87 0.07 -10.88
CA TYR A 28 -8.85 1.25 -10.00
C TYR A 28 -10.05 1.21 -9.05
N ASP A 29 -9.80 1.55 -7.78
CA ASP A 29 -10.74 1.60 -6.66
C ASP A 29 -11.25 3.01 -6.40
N PRO A 30 -12.34 3.49 -7.03
CA PRO A 30 -12.88 4.79 -6.69
C PRO A 30 -13.27 4.99 -5.22
N GLN A 31 -13.31 3.94 -4.40
CA GLN A 31 -13.60 4.09 -2.98
C GLN A 31 -12.45 4.86 -2.29
N THR A 32 -11.18 4.57 -2.62
CA THR A 32 -10.01 5.14 -1.94
C THR A 32 -8.86 5.58 -2.86
N GLY A 33 -8.88 5.24 -4.14
CA GLY A 33 -7.93 5.76 -5.09
C GLY A 33 -6.72 4.84 -5.30
N LEU A 34 -6.73 3.64 -4.72
CA LEU A 34 -5.69 2.64 -4.93
C LEU A 34 -5.97 1.89 -6.24
N TYR A 35 -4.97 1.19 -6.77
CA TYR A 35 -5.14 0.29 -7.89
C TYR A 35 -5.00 -1.15 -7.43
N TYR A 36 -5.56 -2.07 -8.20
CA TYR A 36 -5.63 -3.51 -8.03
C TYR A 36 -5.13 -4.15 -9.32
N ASP A 37 -4.57 -5.35 -9.22
CA ASP A 37 -4.18 -6.14 -10.39
C ASP A 37 -4.73 -7.56 -10.20
N PRO A 38 -5.16 -8.22 -11.28
CA PRO A 38 -5.80 -9.53 -11.20
C PRO A 38 -4.87 -10.64 -10.68
N ASN A 39 -3.56 -10.50 -10.83
CA ASN A 39 -2.58 -11.45 -10.31
C ASN A 39 -1.88 -10.93 -9.06
N SER A 40 -1.93 -9.63 -8.83
CA SER A 40 -1.38 -8.94 -7.68
C SER A 40 -2.50 -8.20 -6.95
N GLN A 41 -3.19 -8.95 -6.09
CA GLN A 41 -4.04 -8.42 -5.02
C GLN A 41 -3.25 -7.51 -4.05
N TYR A 42 -1.92 -7.46 -4.19
CA TYR A 42 -1.07 -6.44 -3.58
C TYR A 42 -1.34 -5.13 -4.32
N TYR A 43 -2.18 -4.29 -3.71
CA TYR A 43 -2.68 -3.05 -4.25
C TYR A 43 -1.52 -2.11 -4.56
N TYR A 44 -1.65 -1.31 -5.61
CA TYR A 44 -0.69 -0.27 -5.94
C TYR A 44 -1.16 1.07 -5.40
N ASN A 45 -0.34 1.62 -4.51
CA ASN A 45 -0.52 2.87 -3.81
C ASN A 45 0.07 3.97 -4.68
N ALA A 46 -0.68 4.41 -5.69
CA ALA A 46 -0.30 5.50 -6.59
C ALA A 46 0.08 6.76 -5.80
N GLN A 47 -0.58 6.96 -4.66
CA GLN A 47 -0.47 8.08 -3.76
C GLN A 47 0.98 8.42 -3.34
N SER A 48 1.86 7.43 -3.33
CA SER A 48 3.28 7.63 -3.06
C SER A 48 4.17 6.68 -3.87
N GLN A 49 3.59 5.87 -4.77
CA GLN A 49 4.28 4.86 -5.57
C GLN A 49 4.79 3.73 -4.69
N GLN A 50 3.85 3.06 -4.00
CA GLN A 50 4.09 1.86 -3.17
C GLN A 50 3.23 0.66 -3.54
N TYR A 51 3.55 -0.51 -2.99
CA TYR A 51 2.66 -1.66 -2.93
C TYR A 51 2.20 -1.82 -1.50
N LEU A 52 0.99 -2.34 -1.33
CA LEU A 52 0.28 -2.57 -0.07
C LEU A 52 -0.56 -3.83 -0.25
N TYR A 53 -1.34 -4.22 0.74
CA TYR A 53 -2.44 -5.16 0.63
C TYR A 53 -3.69 -4.52 1.23
N TRP A 54 -4.82 -5.23 1.21
CA TRP A 54 -5.96 -4.98 2.07
C TRP A 54 -5.92 -6.06 3.12
N ASP A 55 -6.14 -5.68 4.38
CA ASP A 55 -6.19 -6.57 5.51
C ASP A 55 -7.52 -6.37 6.21
N GLY A 56 -8.33 -7.41 6.21
CA GLY A 56 -9.61 -7.41 6.89
C GLY A 56 -9.47 -7.56 8.40
N GLU A 57 -8.34 -8.01 8.96
CA GLU A 57 -8.25 -8.21 10.40
C GLU A 57 -8.38 -6.85 11.08
N ARG A 58 -7.62 -5.88 10.58
CA ARG A 58 -7.55 -4.51 11.07
C ARG A 58 -8.35 -3.56 10.18
N ARG A 59 -9.06 -4.09 9.17
CA ARG A 59 -9.87 -3.36 8.19
C ARG A 59 -9.08 -2.16 7.68
N THR A 60 -7.92 -2.41 7.06
CA THR A 60 -6.97 -1.37 6.75
C THR A 60 -6.18 -1.74 5.49
N TYR A 61 -5.37 -0.79 5.01
CA TYR A 61 -4.43 -0.99 3.91
C TYR A 61 -3.02 -0.85 4.48
N VAL A 62 -2.26 -1.93 4.42
CA VAL A 62 -0.96 -2.12 5.09
C VAL A 62 0.11 -2.52 4.06
N PRO A 63 1.41 -2.34 4.35
CA PRO A 63 2.48 -2.60 3.39
C PRO A 63 2.70 -4.11 3.19
N ALA A 64 2.62 -4.57 1.94
CA ALA A 64 2.80 -5.97 1.58
C ALA A 64 4.26 -6.32 1.26
N LEU A 65 5.19 -5.51 1.78
CA LEU A 65 6.60 -5.60 1.45
C LEU A 65 7.21 -6.75 2.24
N GLU A 66 7.61 -6.52 3.49
CA GLU A 66 7.95 -7.64 4.38
C GLU A 66 6.67 -8.32 4.87
N GLN A 67 5.55 -7.60 4.89
CA GLN A 67 4.30 -7.96 5.54
C GLN A 67 4.49 -8.33 7.03
N SER A 68 5.47 -7.75 7.73
CA SER A 68 5.53 -7.80 9.18
C SER A 68 6.06 -6.48 9.73
N ALA A 69 5.24 -5.88 10.60
CA ALA A 69 5.48 -4.66 11.37
C ALA A 69 5.84 -3.44 10.52
N ASP A 70 6.06 -2.33 11.22
CA ASP A 70 6.26 -1.00 10.65
C ASP A 70 7.76 -0.78 10.48
N GLY A 71 8.32 -1.42 9.47
CA GLY A 71 9.69 -1.16 9.07
C GLY A 71 9.82 0.12 8.26
N HIS A 72 8.76 0.49 7.51
CA HIS A 72 8.57 1.77 6.81
C HIS A 72 9.41 1.90 5.52
N LYS A 73 10.20 0.86 5.17
CA LYS A 73 11.28 0.88 4.17
C LYS A 73 10.92 0.08 2.93
N GLU A 74 11.76 0.07 1.90
CA GLU A 74 11.60 -0.75 0.69
C GLU A 74 12.49 -2.00 0.79
N THR A 75 12.44 -2.87 -0.22
CA THR A 75 13.26 -4.08 -0.31
C THR A 75 14.75 -3.76 -0.28
N GLY A 76 15.13 -2.74 -1.04
CA GLY A 76 16.46 -2.22 -1.18
C GLY A 76 16.34 -0.71 -1.31
N ALA A 77 17.38 -0.02 -0.87
CA ALA A 77 17.38 1.41 -0.60
C ALA A 77 18.84 1.88 -0.54
N PRO A 78 19.10 3.18 -0.75
CA PRO A 78 20.43 3.74 -0.57
C PRO A 78 20.74 3.87 0.91
N SER A 79 22.01 4.15 1.22
CA SER A 79 22.52 4.40 2.57
C SER A 79 22.48 3.14 3.42
N LYS A 80 21.32 2.57 3.78
CA LYS A 80 21.13 1.34 4.58
C LYS A 80 21.70 0.07 3.91
N GLU A 81 22.74 0.18 3.10
CA GLU A 81 23.47 -0.96 2.57
C GLU A 81 24.98 -0.68 2.43
N GLY A 82 25.49 0.53 2.70
CA GLY A 82 26.91 0.78 2.47
C GLY A 82 27.36 2.24 2.44
N LYS A 83 26.64 3.12 1.73
CA LYS A 83 26.92 4.55 1.71
C LYS A 83 26.43 5.20 3.01
N GLU A 84 25.97 4.40 3.96
CA GLU A 84 25.24 4.68 5.16
C GLU A 84 25.82 5.86 5.93
N LYS A 85 27.08 5.72 6.33
CA LYS A 85 27.79 6.68 7.17
C LYS A 85 28.45 7.77 6.32
N LYS A 86 28.40 7.63 4.99
CA LYS A 86 29.18 8.43 4.05
C LYS A 86 28.28 9.03 2.98
N GLU A 87 26.99 9.17 3.27
CA GLU A 87 25.93 9.50 2.33
C GLU A 87 26.18 10.89 1.74
N LYS A 88 26.14 11.92 2.61
CA LYS A 88 26.36 13.34 2.30
C LYS A 88 25.33 13.85 1.31
N HIS A 89 24.37 14.60 1.84
CA HIS A 89 23.39 15.36 1.07
C HIS A 89 24.07 16.28 0.06
N LYS A 90 23.30 16.71 -0.94
CA LYS A 90 23.65 17.77 -1.87
C LYS A 90 22.54 18.82 -1.73
N THR A 91 22.79 20.05 -2.15
CA THR A 91 21.75 21.08 -2.12
C THR A 91 21.04 21.13 -3.49
N LYS A 92 21.36 20.19 -4.40
CA LYS A 92 21.57 20.46 -5.82
C LYS A 92 22.64 21.53 -5.86
#